data_8SIC
#
_entry.id   8SIC
#
_cell.length_a   69.047
_cell.length_b   71.377
_cell.length_c   395.083
_cell.angle_alpha   90.00
_cell.angle_beta   90.00
_cell.angle_gamma   90.00
#
_symmetry.space_group_name_H-M   'P 21 2 21'
#
loop_
_entity.id
_entity.type
_entity.pdbx_description
1 polymer 'Cy137C02 Fab heavy chain'
2 polymer 'Cy137C02 Fab light chain'
3 polymer 'Envelope glycoprotein gp350'
4 non-polymer 2-acetamido-2-deoxy-beta-D-glucopyranose
5 non-polymer 'ZINC ION'
6 water water
#
loop_
_entity_poly.entity_id
_entity_poly.type
_entity_poly.pdbx_seq_one_letter_code
_entity_poly.pdbx_strand_id
1 'polypeptide(L)'
;QLQLQESGPGLVKPSETLSLTCAVSGGSISGYYWSWIRQPPGKGPEWIGFIDGNTVGTNYNPSLKSRVTLSKDTSKNQFS
LKVSSVTAADTAVYYCARKPLRRYFWFDVWGPGVLVTVSSASTKGPSVFPLAPSSRSTSESTAALGCLVKDYFPEPVTVS
WNSGALTSGVHTFPAVLQSSGLYSLSSVVTVPSSSLGTQTYICNVNHKPSNTKVDKRVEIKT
;
A,H
2 'polypeptide(L)'
;QSVLTQPPSVSGDPGQRVTISCTGSSSNIGAGYYVYWYQQFPGTAPKLLIYQDNKRPSGVSDRFSGSKSGTSASLTITGL
QPGDEADYYCSAWDSSLSAVMFGRGTRLTVLGQPKAAPSVTLFPPSSEELQANKATLVCLISDFYPGAVEVAWKADGSAV
NAGVETTKPSKQSNNKYAASSYLSLTSDQWKSHKSYSCQVTHEGSTVEKTVAPAE
;
B,L
3 'polypeptide(L)'
;MEAALLVCQYTIQSLIHLTGEDPGFFNVEIPEFPFYPTCNVCTADVNVTINFDVGGKKHQLDLDFGQLTPHTKAVYQPRG
AFGGSENATNLFLLELLGAGELALTMRSKKLPINVTTGEEQQVSLESVDVYFQDVFGTMWCHHAEMQNPVYLIPETVPYI
KWDNCNSTNITAVVRAQGLDVTLPLSLPTSAQDSNFSVKTEMLGNEIDIECIMEDGEISQVLPGDNKFNITCSGYESHVP
SGGILTSTSPVATPIPGTGYAYSLRLTPRPVSRFLGNNSILYVFYSGNGPKASGGDYCIQSNIVFSDEIPASQDMPTNTT
DITYVGDNATYSVPMVTSEDANSPNVTVTAFWAWPNNTETDFKCKWTLTSGTPSGCENISGAFASNRTFDITVSGLGTAP
KTLIITRTATNATTTTHKVIFSKAPHHHHHH
;
E,G
#
# COMPACT_ATOMS: atom_id res chain seq x y z
N GLN A 1 13.84 -62.56 -31.58
CA GLN A 1 15.00 -63.40 -31.88
C GLN A 1 16.28 -62.57 -31.85
N LEU A 2 16.41 -61.72 -30.84
CA LEU A 2 17.64 -60.96 -30.66
C LEU A 2 18.74 -61.88 -30.16
N GLN A 3 19.90 -61.85 -30.82
CA GLN A 3 21.01 -62.75 -30.51
C GLN A 3 22.28 -61.95 -30.28
N LEU A 4 23.11 -62.45 -29.37
CA LEU A 4 24.37 -61.81 -29.02
C LEU A 4 25.51 -62.78 -29.33
N GLN A 5 26.58 -62.27 -29.95
CA GLN A 5 27.72 -63.09 -30.35
C GLN A 5 29.00 -62.40 -29.89
N GLU A 6 29.70 -63.02 -28.95
CA GLU A 6 30.98 -62.52 -28.49
C GLU A 6 32.10 -62.97 -29.43
N SER A 7 33.12 -62.12 -29.55
CA SER A 7 34.30 -62.43 -30.33
C SER A 7 35.52 -61.87 -29.63
N GLY A 8 36.67 -62.48 -29.89
CA GLY A 8 37.91 -62.01 -29.33
C GLY A 8 38.95 -63.10 -29.18
N PRO A 9 40.18 -62.72 -28.84
CA PRO A 9 41.26 -63.71 -28.72
C PRO A 9 40.99 -64.68 -27.58
N GLY A 10 41.45 -65.91 -27.76
CA GLY A 10 41.26 -66.94 -26.76
C GLY A 10 42.41 -67.07 -25.78
N LEU A 11 43.56 -66.49 -26.12
CA LEU A 11 44.74 -66.53 -25.28
C LEU A 11 45.36 -65.14 -25.18
N VAL A 12 45.62 -64.69 -23.96
CA VAL A 12 46.23 -63.40 -23.69
C VAL A 12 47.32 -63.59 -22.65
N LYS A 13 48.50 -63.01 -22.91
CA LYS A 13 49.61 -63.11 -21.97
C LYS A 13 49.32 -62.26 -20.73
N PRO A 14 49.94 -62.60 -19.59
CA PRO A 14 49.77 -61.78 -18.39
C PRO A 14 50.28 -60.37 -18.60
N SER A 15 49.60 -59.41 -17.95
CA SER A 15 49.84 -57.98 -17.95
C SER A 15 49.40 -57.29 -19.24
N GLU A 16 48.97 -58.03 -20.26
CA GLU A 16 48.49 -57.44 -21.50
C GLU A 16 47.06 -56.95 -21.31
N THR A 17 46.41 -56.55 -22.41
CA THR A 17 45.05 -56.03 -22.36
C THR A 17 44.11 -56.96 -23.11
N LEU A 18 43.18 -57.55 -22.38
CA LEU A 18 42.11 -58.34 -22.98
C LEU A 18 41.10 -57.43 -23.68
N SER A 19 40.64 -57.86 -24.86
CA SER A 19 39.68 -57.07 -25.63
C SER A 19 38.70 -58.00 -26.34
N LEU A 20 37.41 -57.77 -26.13
CA LEU A 20 36.35 -58.53 -26.80
C LEU A 20 35.32 -57.57 -27.40
N THR A 21 34.48 -58.14 -28.27
CA THR A 21 33.39 -57.43 -28.90
C THR A 21 32.15 -58.32 -28.90
N CYS A 22 31.00 -57.72 -28.63
CA CYS A 22 29.72 -58.41 -28.68
C CYS A 22 28.89 -57.84 -29.81
N ALA A 23 28.44 -58.70 -30.72
CA ALA A 23 27.64 -58.28 -31.87
C ALA A 23 26.18 -58.63 -31.61
N VAL A 24 25.31 -57.64 -31.77
CA VAL A 24 23.89 -57.80 -31.51
C VAL A 24 23.16 -57.77 -32.84
N SER A 25 22.37 -58.82 -33.10
CA SER A 25 21.58 -58.93 -34.32
C SER A 25 20.13 -59.26 -33.94
N GLY A 26 19.21 -58.86 -34.80
CA GLY A 26 17.80 -59.01 -34.53
C GLY A 26 17.22 -57.99 -33.59
N GLY A 27 18.05 -57.10 -33.05
CA GLY A 27 17.60 -56.06 -32.15
C GLY A 27 18.53 -54.86 -32.27
N SER A 28 18.20 -53.81 -31.53
CA SER A 28 18.92 -52.55 -31.57
C SER A 28 19.64 -52.31 -30.25
N ILE A 29 20.83 -51.74 -30.33
CA ILE A 29 21.53 -51.30 -29.12
C ILE A 29 20.71 -50.24 -28.40
N SER A 30 20.13 -49.31 -29.16
CA SER A 30 19.34 -48.23 -28.57
C SER A 30 18.09 -48.79 -27.89
N GLY A 31 17.68 -48.12 -26.82
CA GLY A 31 16.51 -48.52 -26.06
C GLY A 31 16.76 -49.53 -24.97
N TYR A 32 17.99 -50.05 -24.85
CA TYR A 32 18.31 -51.05 -23.85
C TYR A 32 19.70 -50.79 -23.31
N TYR A 33 20.08 -51.56 -22.28
CA TYR A 33 21.38 -51.46 -21.65
C TYR A 33 22.10 -52.79 -21.80
N TRP A 34 23.43 -52.73 -21.86
CA TRP A 34 24.23 -53.88 -22.27
C TRP A 34 25.37 -54.09 -21.28
N SER A 35 25.53 -55.33 -20.82
CA SER A 35 26.41 -55.65 -19.71
C SER A 35 27.35 -56.80 -20.08
N TRP A 36 28.43 -56.91 -19.31
CA TRP A 36 29.41 -57.99 -19.46
C TRP A 36 29.50 -58.78 -18.16
N ILE A 37 29.39 -60.09 -18.26
CA ILE A 37 29.52 -60.98 -17.10
C ILE A 37 30.53 -62.06 -17.44
N ARG A 38 31.45 -62.32 -16.53
CA ARG A 38 32.46 -63.36 -16.70
C ARG A 38 32.27 -64.45 -15.66
N GLN A 39 32.63 -65.67 -16.04
CA GLN A 39 32.47 -66.84 -15.17
C GLN A 39 33.68 -67.75 -15.34
N PRO A 40 34.61 -67.77 -14.36
CA PRO A 40 35.71 -68.73 -14.41
C PRO A 40 35.17 -70.15 -14.25
N PRO A 41 35.84 -71.14 -14.85
CA PRO A 41 35.35 -72.51 -14.75
C PRO A 41 35.30 -72.98 -13.29
N GLY A 42 34.21 -73.69 -12.96
CA GLY A 42 34.01 -74.20 -11.62
C GLY A 42 33.50 -73.21 -10.60
N LYS A 43 33.37 -71.94 -10.97
CA LYS A 43 32.90 -70.89 -10.07
C LYS A 43 31.67 -70.22 -10.66
N GLY A 44 31.08 -69.31 -9.89
CA GLY A 44 29.88 -68.62 -10.31
C GLY A 44 30.19 -67.40 -11.16
N PRO A 45 29.13 -66.81 -11.71
CA PRO A 45 29.30 -65.61 -12.52
C PRO A 45 29.75 -64.41 -11.70
N GLU A 46 30.46 -63.51 -12.35
CA GLU A 46 30.90 -62.25 -11.75
C GLU A 46 30.53 -61.11 -12.68
N TRP A 47 29.86 -60.10 -12.12
CA TRP A 47 29.44 -58.95 -12.91
C TRP A 47 30.61 -57.98 -13.09
N ILE A 48 30.73 -57.43 -14.30
CA ILE A 48 31.77 -56.46 -14.66
C ILE A 48 31.21 -55.05 -14.74
N GLY A 49 30.22 -54.83 -15.59
CA GLY A 49 29.66 -53.50 -15.77
C GLY A 49 28.75 -53.48 -16.98
N PHE A 50 28.07 -52.35 -17.14
CA PHE A 50 27.13 -52.20 -18.24
C PHE A 50 27.30 -50.82 -18.87
N ILE A 51 26.75 -50.68 -20.08
CA ILE A 51 26.84 -49.46 -20.87
C ILE A 51 25.44 -49.09 -21.34
N ASP A 52 25.10 -47.80 -21.21
CA ASP A 52 23.83 -47.32 -21.71
C ASP A 52 23.78 -47.40 -23.24
N GLY A 53 22.64 -47.83 -23.77
CA GLY A 53 22.48 -47.93 -25.21
C GLY A 53 22.15 -46.63 -25.91
N ASN A 54 21.86 -45.57 -25.17
CA ASN A 54 21.51 -44.28 -25.74
C ASN A 54 22.42 -43.15 -25.30
N THR A 55 23.27 -43.36 -24.29
CA THR A 55 24.19 -42.33 -23.82
C THR A 55 25.60 -42.87 -23.72
N VAL A 56 26.53 -42.08 -23.17
CA VAL A 56 27.87 -42.55 -22.85
C VAL A 56 27.94 -43.23 -21.50
N GLY A 57 26.83 -43.29 -20.77
CA GLY A 57 26.84 -43.78 -19.40
C GLY A 57 27.41 -45.17 -19.24
N THR A 58 28.37 -45.31 -18.33
CA THR A 58 28.94 -46.60 -17.97
C THR A 58 28.91 -46.74 -16.45
N ASN A 59 28.69 -47.96 -15.99
CA ASN A 59 28.82 -48.31 -14.58
C ASN A 59 29.68 -49.54 -14.48
N TYR A 60 30.63 -49.54 -13.55
CA TYR A 60 31.61 -50.61 -13.43
C TYR A 60 31.54 -51.22 -12.04
N ASN A 61 31.92 -52.49 -11.96
CA ASN A 61 32.12 -53.14 -10.67
C ASN A 61 33.31 -52.48 -9.99
N PRO A 62 33.15 -51.93 -8.78
CA PRO A 62 34.28 -51.24 -8.14
C PRO A 62 35.51 -52.11 -7.96
N SER A 63 35.33 -53.43 -7.84
CA SER A 63 36.47 -54.33 -7.74
C SER A 63 37.29 -54.39 -9.02
N LEU A 64 36.76 -53.90 -10.14
CA LEU A 64 37.46 -53.93 -11.42
C LEU A 64 37.51 -52.58 -12.11
N LYS A 65 37.04 -51.51 -11.46
CA LYS A 65 36.92 -50.21 -12.13
C LYS A 65 38.25 -49.71 -12.68
N SER A 66 39.38 -50.11 -12.07
CA SER A 66 40.67 -49.57 -12.46
C SER A 66 41.13 -50.09 -13.82
N ARG A 67 40.70 -51.28 -14.22
CA ARG A 67 41.27 -51.95 -15.39
C ARG A 67 40.27 -52.27 -16.48
N VAL A 68 39.01 -51.85 -16.37
CA VAL A 68 37.96 -52.25 -17.29
C VAL A 68 37.36 -51.02 -17.95
N THR A 69 37.19 -51.07 -19.27
CA THR A 69 36.59 -50.01 -20.05
C THR A 69 35.52 -50.61 -20.96
N LEU A 70 34.33 -50.02 -20.95
CA LEU A 70 33.23 -50.47 -21.80
C LEU A 70 32.92 -49.40 -22.83
N SER A 71 32.73 -49.84 -24.07
CA SER A 71 32.43 -48.94 -25.18
C SER A 71 31.39 -49.58 -26.09
N LYS A 72 30.74 -48.74 -26.88
CA LYS A 72 29.72 -49.22 -27.80
C LYS A 72 29.85 -48.48 -29.13
N ASP A 73 29.41 -49.15 -30.19
CA ASP A 73 29.30 -48.58 -31.52
C ASP A 73 27.85 -48.76 -31.95
N THR A 74 27.08 -47.66 -31.94
CA THR A 74 25.68 -47.75 -32.36
C THR A 74 25.56 -48.21 -33.79
N SER A 75 26.38 -47.66 -34.67
CA SER A 75 26.61 -48.29 -35.96
C SER A 75 27.36 -49.60 -35.76
N LYS A 76 27.11 -50.56 -36.65
CA LYS A 76 27.62 -51.93 -36.56
C LYS A 76 26.89 -52.72 -35.48
N ASN A 77 26.04 -52.05 -34.70
CA ASN A 77 25.16 -52.69 -33.72
C ASN A 77 25.94 -53.59 -32.75
N GLN A 78 26.93 -53.00 -32.09
CA GLN A 78 27.81 -53.79 -31.24
C GLN A 78 28.37 -52.92 -30.12
N PHE A 79 28.80 -53.60 -29.04
CA PHE A 79 29.49 -52.96 -27.93
C PHE A 79 30.63 -53.87 -27.49
N SER A 80 31.67 -53.26 -26.91
CA SER A 80 32.95 -53.93 -26.69
C SER A 80 33.31 -53.94 -25.21
N LEU A 81 34.47 -54.54 -24.92
CA LEU A 81 34.99 -54.65 -23.57
C LEU A 81 36.51 -54.67 -23.63
N LYS A 82 37.15 -54.14 -22.59
CA LYS A 82 38.61 -54.15 -22.50
C LYS A 82 39.02 -54.30 -21.04
N VAL A 83 39.94 -55.23 -20.78
CA VAL A 83 40.48 -55.47 -19.44
C VAL A 83 41.99 -55.31 -19.49
N SER A 84 42.54 -54.52 -18.57
CA SER A 84 43.96 -54.24 -18.53
C SER A 84 44.64 -55.06 -17.42
N SER A 85 45.95 -55.24 -17.58
CA SER A 85 46.80 -55.96 -16.63
C SER A 85 46.15 -57.28 -16.21
N VAL A 86 45.89 -58.11 -17.21
CA VAL A 86 45.20 -59.37 -16.97
C VAL A 86 46.13 -60.34 -16.26
N THR A 87 45.56 -61.09 -15.31
CA THR A 87 46.30 -62.08 -14.53
C THR A 87 45.60 -63.43 -14.66
N ALA A 88 46.15 -64.42 -13.94
CA ALA A 88 45.56 -65.76 -13.95
C ALA A 88 44.19 -65.78 -13.30
N ALA A 89 43.83 -64.74 -12.56
CA ALA A 89 42.48 -64.63 -12.03
C ALA A 89 41.48 -64.14 -13.05
N ASP A 90 41.95 -63.65 -14.21
CA ASP A 90 41.09 -63.09 -15.23
C ASP A 90 40.70 -64.08 -16.31
N THR A 91 41.21 -65.32 -16.26
CA THR A 91 40.82 -66.32 -17.25
C THR A 91 39.44 -66.86 -16.89
N ALA A 92 38.53 -66.80 -17.86
CA ALA A 92 37.12 -67.13 -17.62
C ALA A 92 36.41 -67.15 -18.95
N VAL A 93 35.15 -67.59 -18.91
CA VAL A 93 34.23 -67.43 -20.02
C VAL A 93 33.57 -66.06 -19.88
N TYR A 94 33.60 -65.27 -20.96
CA TYR A 94 33.07 -63.92 -20.94
C TYR A 94 31.74 -63.89 -21.68
N TYR A 95 30.69 -63.45 -21.00
CA TYR A 95 29.35 -63.36 -21.56
C TYR A 95 28.97 -61.90 -21.76
N CYS A 96 28.39 -61.60 -22.90
CA CYS A 96 27.73 -60.31 -23.13
C CYS A 96 26.23 -60.54 -23.04
N ALA A 97 25.55 -59.68 -22.27
CA ALA A 97 24.13 -59.86 -22.01
C ALA A 97 23.41 -58.53 -22.02
N ARG A 98 22.13 -58.57 -22.38
CA ARG A 98 21.30 -57.37 -22.39
C ARG A 98 20.72 -57.11 -21.01
N LYS A 99 20.78 -55.84 -20.59
CA LYS A 99 20.12 -55.38 -19.37
C LYS A 99 18.89 -54.60 -19.79
N PRO A 100 17.71 -55.21 -19.79
CA PRO A 100 16.55 -54.55 -20.43
C PRO A 100 16.11 -53.25 -19.77
N LEU A 101 16.21 -53.15 -18.45
CA LEU A 101 15.70 -52.01 -17.72
C LEU A 101 16.84 -51.39 -16.93
N ARG A 102 16.83 -50.06 -16.78
CA ARG A 102 17.95 -49.37 -16.09
C ARG A 102 17.75 -49.43 -14.57
N ARG A 103 16.51 -49.41 -14.10
CA ARG A 103 16.27 -49.37 -12.66
C ARG A 103 16.79 -50.67 -12.04
N TYR A 104 16.50 -51.80 -12.66
CA TYR A 104 16.76 -53.11 -12.09
C TYR A 104 17.87 -53.83 -12.84
N PHE A 105 18.56 -54.72 -12.14
CA PHE A 105 19.76 -55.39 -12.65
C PHE A 105 19.47 -56.86 -12.87
N TRP A 106 18.97 -57.18 -14.07
CA TRP A 106 18.85 -58.56 -14.52
C TRP A 106 19.13 -58.62 -16.01
N PHE A 107 19.51 -59.80 -16.46
CA PHE A 107 19.99 -60.01 -17.82
C PHE A 107 19.20 -61.14 -18.47
N ASP A 108 18.29 -60.77 -19.37
CA ASP A 108 17.36 -61.75 -19.93
C ASP A 108 17.98 -62.55 -21.07
N VAL A 109 18.71 -61.89 -21.97
CA VAL A 109 19.29 -62.53 -23.15
C VAL A 109 20.80 -62.46 -23.02
N TRP A 110 21.45 -63.62 -23.10
CA TRP A 110 22.91 -63.75 -23.03
C TRP A 110 23.44 -64.24 -24.37
N GLY A 111 24.76 -64.12 -24.52
CA GLY A 111 25.45 -64.73 -25.63
C GLY A 111 26.00 -66.09 -25.26
N PRO A 112 26.45 -66.87 -26.25
CA PRO A 112 27.01 -68.18 -25.94
C PRO A 112 28.24 -68.14 -25.06
N GLY A 113 29.01 -67.05 -25.12
CA GLY A 113 30.20 -66.92 -24.31
C GLY A 113 31.45 -67.39 -25.02
N VAL A 114 32.56 -66.72 -24.78
CA VAL A 114 33.85 -67.09 -25.35
C VAL A 114 34.84 -67.26 -24.20
N LEU A 115 35.57 -68.37 -24.21
CA LEU A 115 36.60 -68.62 -23.21
C LEU A 115 37.87 -67.85 -23.57
N VAL A 116 38.41 -67.13 -22.60
CA VAL A 116 39.72 -66.51 -22.74
C VAL A 116 40.61 -67.05 -21.62
N THR A 117 41.79 -67.53 -22.00
CA THR A 117 42.77 -68.06 -21.06
C THR A 117 43.95 -67.11 -20.96
N VAL A 118 44.40 -66.87 -19.73
CA VAL A 118 45.55 -66.00 -19.49
C VAL A 118 46.68 -66.87 -18.97
N SER A 119 47.75 -66.99 -19.75
CA SER A 119 48.88 -67.83 -19.37
C SER A 119 50.09 -67.43 -20.19
N SER A 120 51.27 -67.62 -19.60
CA SER A 120 52.51 -67.41 -20.32
C SER A 120 52.84 -68.55 -21.27
N ALA A 121 52.10 -69.66 -21.20
CA ALA A 121 52.33 -70.78 -22.09
C ALA A 121 51.92 -70.41 -23.52
N SER A 122 52.45 -71.17 -24.47
CA SER A 122 52.20 -70.95 -25.89
C SER A 122 50.94 -71.69 -26.34
N THR A 123 50.19 -71.05 -27.23
CA THR A 123 49.16 -71.80 -27.94
C THR A 123 49.81 -72.85 -28.85
N LYS A 124 49.05 -73.90 -29.16
CA LYS A 124 49.58 -75.00 -29.94
C LYS A 124 48.49 -75.55 -30.84
N GLY A 125 48.75 -75.56 -32.14
CA GLY A 125 47.85 -76.17 -33.09
C GLY A 125 47.79 -77.66 -32.87
N PRO A 126 46.61 -78.25 -33.12
CA PRO A 126 46.43 -79.68 -32.85
C PRO A 126 46.77 -80.55 -34.05
N SER A 127 47.27 -81.75 -33.73
CA SER A 127 47.40 -82.80 -34.72
C SER A 127 46.12 -83.62 -34.70
N VAL A 128 45.38 -83.61 -35.81
CA VAL A 128 44.14 -84.36 -35.93
C VAL A 128 44.43 -85.66 -36.68
N PHE A 129 43.94 -86.76 -36.15
CA PHE A 129 44.15 -88.08 -36.69
C PHE A 129 42.82 -88.80 -36.85
N PRO A 130 42.69 -89.68 -37.84
CA PRO A 130 41.42 -90.39 -38.02
C PRO A 130 41.32 -91.62 -37.13
N LEU A 131 40.19 -91.80 -36.46
CA LEU A 131 39.95 -93.00 -35.65
C LEU A 131 39.17 -93.99 -36.52
N ALA A 132 39.90 -94.93 -37.11
CA ALA A 132 39.26 -95.91 -37.99
C ALA A 132 38.91 -97.16 -37.19
N PRO A 133 37.73 -97.80 -37.45
CA PRO A 133 37.28 -98.93 -36.63
C PRO A 133 37.91 -100.30 -36.87
N SER A 134 38.66 -100.82 -35.89
CA SER A 134 39.13 -102.22 -36.02
C SER A 134 37.83 -103.03 -36.10
N SER A 135 36.76 -102.47 -35.54
CA SER A 135 35.41 -103.09 -35.64
C SER A 135 35.06 -103.09 -37.13
N ARG A 136 35.60 -102.17 -37.92
CA ARG A 136 35.29 -102.32 -39.37
C ARG A 136 35.89 -103.65 -39.83
N SER A 137 37.00 -104.07 -39.22
CA SER A 137 37.46 -105.44 -39.49
C SER A 137 36.51 -106.36 -38.69
N THR A 138 36.22 -107.57 -39.15
CA THR A 138 35.28 -108.50 -38.46
C THR A 138 33.81 -108.20 -38.79
N SER A 139 33.52 -107.27 -39.72
CA SER A 139 32.12 -107.10 -40.19
C SER A 139 31.05 -107.02 -39.10
N GLU A 140 31.30 -106.33 -37.99
CA GLU A 140 30.21 -106.13 -36.98
C GLU A 140 29.16 -105.19 -37.58
N SER A 141 27.89 -105.29 -37.18
CA SER A 141 26.81 -104.50 -37.86
C SER A 141 26.86 -102.98 -37.94
N THR A 142 27.31 -102.31 -36.87
CA THR A 142 27.40 -100.83 -36.86
C THR A 142 28.83 -100.44 -36.54
N ALA A 143 29.36 -99.39 -37.17
CA ALA A 143 30.77 -99.08 -36.93
C ALA A 143 30.90 -97.70 -36.33
N ALA A 144 31.97 -97.51 -35.56
CA ALA A 144 32.27 -96.23 -34.92
C ALA A 144 33.55 -95.67 -35.53
N LEU A 145 33.45 -94.50 -36.16
CA LEU A 145 34.60 -93.78 -36.67
C LEU A 145 34.66 -92.41 -36.03
N GLY A 146 35.88 -91.86 -35.91
CA GLY A 146 36.03 -90.60 -35.23
C GLY A 146 37.33 -89.92 -35.59
N CYS A 147 37.54 -88.76 -34.97
CA CYS A 147 38.75 -87.98 -35.15
C CYS A 147 39.37 -87.69 -33.80
N LEU A 148 40.70 -87.80 -33.73
CA LEU A 148 41.44 -87.52 -32.51
C LEU A 148 42.12 -86.15 -32.64
N VAL A 149 41.78 -85.25 -31.73
CA VAL A 149 42.39 -83.93 -31.66
C VAL A 149 43.36 -83.94 -30.48
N LYS A 150 44.66 -83.80 -30.76
CA LYS A 150 45.69 -84.05 -29.76
C LYS A 150 46.65 -82.88 -29.66
N ASP A 151 47.08 -82.59 -28.44
CA ASP A 151 48.17 -81.65 -28.15
C ASP A 151 47.85 -80.23 -28.63
N TYR A 152 46.86 -79.61 -27.98
CA TYR A 152 46.59 -78.19 -28.11
C TYR A 152 46.48 -77.56 -26.72
N PHE A 153 47.11 -76.38 -26.53
CA PHE A 153 47.07 -75.78 -25.20
C PHE A 153 45.80 -74.98 -24.93
N PRO A 154 45.42 -73.97 -25.74
CA PRO A 154 44.18 -73.23 -25.40
C PRO A 154 42.97 -74.12 -25.55
N GLU A 155 42.08 -74.05 -24.55
CA GLU A 155 40.94 -74.96 -24.45
C GLU A 155 39.99 -74.93 -25.65
N PRO A 156 39.53 -73.78 -26.17
CA PRO A 156 38.38 -73.83 -27.09
C PRO A 156 38.70 -74.56 -28.39
N VAL A 157 38.00 -75.67 -28.61
CA VAL A 157 38.10 -76.47 -29.82
C VAL A 157 36.69 -76.89 -30.24
N THR A 158 36.41 -76.81 -31.54
CA THR A 158 35.10 -77.15 -32.08
C THR A 158 35.26 -78.15 -33.22
N VAL A 159 34.48 -79.24 -33.18
CA VAL A 159 34.54 -80.28 -34.18
C VAL A 159 33.12 -80.56 -34.67
N SER A 160 32.96 -80.65 -35.99
CA SER A 160 31.72 -81.04 -36.63
C SER A 160 32.00 -82.19 -37.59
N TRP A 161 30.94 -82.72 -38.21
CA TRP A 161 31.05 -83.86 -39.11
C TRP A 161 30.25 -83.57 -40.37
N ASN A 162 30.93 -83.54 -41.51
CA ASN A 162 30.31 -83.21 -42.79
C ASN A 162 29.51 -81.91 -42.71
N SER A 163 29.94 -81.02 -41.82
CA SER A 163 29.26 -79.76 -41.52
C SER A 163 27.84 -80.08 -41.03
N GLY A 164 26.81 -79.42 -41.54
CA GLY A 164 25.47 -79.57 -40.98
C GLY A 164 24.80 -80.89 -41.29
N ALA A 165 25.20 -81.57 -42.36
CA ALA A 165 24.47 -82.76 -42.80
C ALA A 165 24.48 -83.85 -41.74
N LEU A 166 25.62 -84.11 -41.13
CA LEU A 166 25.76 -85.16 -40.13
C LEU A 166 25.62 -84.55 -38.74
N THR A 167 24.48 -84.82 -38.10
CA THR A 167 24.23 -84.38 -36.74
C THR A 167 23.70 -85.51 -35.85
N SER A 168 23.58 -86.73 -36.36
CA SER A 168 22.99 -87.83 -35.63
C SER A 168 24.06 -88.87 -35.32
N GLY A 169 24.08 -89.32 -34.06
CA GLY A 169 25.05 -90.30 -33.62
C GLY A 169 26.42 -89.73 -33.31
N VAL A 170 26.62 -88.44 -33.48
CA VAL A 170 27.92 -87.82 -33.25
C VAL A 170 28.03 -87.44 -31.77
N HIS A 171 29.07 -87.94 -31.11
CA HIS A 171 29.32 -87.66 -29.70
C HIS A 171 30.72 -87.06 -29.58
N THR A 172 30.79 -85.79 -29.22
CA THR A 172 32.05 -85.10 -29.02
C THR A 172 32.35 -85.06 -27.52
N PHE A 173 33.51 -85.60 -27.14
CA PHE A 173 33.82 -85.75 -25.73
C PHE A 173 34.60 -84.54 -25.21
N PRO A 174 34.46 -84.22 -23.93
CA PRO A 174 35.32 -83.19 -23.32
C PRO A 174 36.77 -83.60 -23.36
N ALA A 175 37.64 -82.61 -23.44
CA ALA A 175 39.07 -82.87 -23.62
C ALA A 175 39.72 -83.21 -22.29
N VAL A 176 40.96 -83.69 -22.38
CA VAL A 176 41.75 -84.05 -21.21
C VAL A 176 42.79 -82.98 -20.97
N LEU A 177 43.24 -82.87 -19.73
CA LEU A 177 44.35 -82.01 -19.34
C LEU A 177 45.54 -82.92 -19.07
N GLN A 178 46.31 -83.21 -20.11
CA GLN A 178 47.48 -84.06 -19.96
C GLN A 178 48.51 -83.38 -19.04
N SER A 179 49.32 -84.21 -18.39
CA SER A 179 50.31 -83.69 -17.45
C SER A 179 51.28 -82.74 -18.13
N SER A 180 51.47 -82.89 -19.44
CA SER A 180 52.29 -81.96 -20.21
C SER A 180 51.71 -80.56 -20.28
N GLY A 181 50.45 -80.38 -19.90
CA GLY A 181 49.78 -79.10 -20.02
C GLY A 181 49.03 -78.90 -21.31
N LEU A 182 49.03 -79.89 -22.20
CA LEU A 182 48.33 -79.82 -23.47
C LEU A 182 47.07 -80.67 -23.43
N TYR A 183 46.12 -80.34 -24.30
CA TYR A 183 44.78 -80.89 -24.24
C TYR A 183 44.53 -81.81 -25.41
N SER A 184 43.78 -82.89 -25.17
CA SER A 184 43.44 -83.86 -26.21
C SER A 184 41.94 -84.13 -26.17
N LEU A 185 41.32 -84.13 -27.35
CA LEU A 185 39.88 -84.31 -27.50
C LEU A 185 39.60 -85.34 -28.58
N SER A 186 38.44 -86.00 -28.46
CA SER A 186 38.00 -86.98 -29.45
C SER A 186 36.52 -86.76 -29.75
N SER A 187 36.13 -87.05 -30.99
CA SER A 187 34.75 -86.93 -31.43
C SER A 187 34.43 -88.09 -32.36
N VAL A 188 33.45 -88.91 -31.98
CA VAL A 188 33.11 -90.13 -32.70
C VAL A 188 31.63 -90.09 -33.06
N VAL A 189 31.30 -90.58 -34.26
CA VAL A 189 29.92 -90.75 -34.70
C VAL A 189 29.71 -92.20 -35.09
N THR A 190 28.68 -92.83 -34.54
CA THR A 190 28.37 -94.23 -34.83
C THR A 190 27.47 -94.31 -36.06
N VAL A 191 27.83 -95.21 -36.98
CA VAL A 191 27.23 -95.24 -38.31
C VAL A 191 26.99 -96.70 -38.72
N PRO A 192 25.90 -96.99 -39.42
CA PRO A 192 25.71 -98.35 -39.97
C PRO A 192 26.81 -98.71 -40.95
N SER A 193 27.22 -99.97 -40.92
CA SER A 193 28.29 -100.43 -41.80
C SER A 193 27.82 -100.61 -43.24
N SER A 194 26.50 -100.73 -43.46
CA SER A 194 26.00 -100.89 -44.82
C SER A 194 26.32 -99.67 -45.69
N SER A 195 26.16 -98.48 -45.13
CA SER A 195 26.46 -97.24 -45.85
C SER A 195 27.88 -96.74 -45.56
N LEU A 196 28.70 -97.55 -44.91
CA LEU A 196 30.06 -97.12 -44.56
C LEU A 196 30.92 -96.93 -45.80
N GLY A 197 30.93 -97.93 -46.69
CA GLY A 197 31.80 -97.89 -47.85
C GLY A 197 31.32 -97.05 -49.00
N THR A 198 30.10 -96.51 -48.90
CA THR A 198 29.51 -95.70 -49.96
C THR A 198 29.45 -94.22 -49.62
N GLN A 199 29.15 -93.87 -48.38
CA GLN A 199 29.07 -92.47 -47.97
C GLN A 199 30.43 -92.00 -47.46
N THR A 200 30.76 -90.74 -47.76
CA THR A 200 32.01 -90.14 -47.33
C THR A 200 31.85 -89.46 -45.98
N TYR A 201 32.83 -89.66 -45.11
CA TYR A 201 32.79 -89.13 -43.75
C TYR A 201 34.04 -88.31 -43.49
N ILE A 202 33.84 -87.02 -43.18
CA ILE A 202 34.94 -86.11 -42.89
C ILE A 202 34.56 -85.25 -41.70
N CYS A 203 35.51 -85.07 -40.78
CA CYS A 203 35.29 -84.22 -39.62
C CYS A 203 35.96 -82.86 -39.83
N ASN A 204 35.37 -81.84 -39.24
CA ASN A 204 35.85 -80.46 -39.37
C ASN A 204 36.25 -79.97 -37.98
N VAL A 205 37.56 -79.84 -37.77
CA VAL A 205 38.10 -79.39 -36.49
C VAL A 205 38.50 -77.92 -36.63
N ASN A 206 38.09 -77.10 -35.65
CA ASN A 206 38.41 -75.68 -35.62
C ASN A 206 39.10 -75.37 -34.31
N HIS A 207 40.31 -74.81 -34.40
CA HIS A 207 41.06 -74.32 -33.24
C HIS A 207 41.40 -72.87 -33.52
N LYS A 208 40.51 -71.97 -33.12
CA LYS A 208 40.70 -70.54 -33.39
C LYS A 208 41.96 -69.96 -32.77
N PRO A 209 42.32 -70.23 -31.51
CA PRO A 209 43.51 -69.56 -30.94
C PRO A 209 44.79 -69.79 -31.70
N SER A 210 44.93 -70.93 -32.37
CA SER A 210 46.12 -71.25 -33.14
C SER A 210 45.90 -71.15 -34.65
N ASN A 211 44.75 -70.61 -35.07
CA ASN A 211 44.44 -70.31 -36.47
C ASN A 211 44.28 -71.55 -37.34
N THR A 212 44.30 -72.76 -36.77
CA THR A 212 44.16 -73.97 -37.56
C THR A 212 42.70 -74.36 -37.76
N LYS A 213 42.43 -74.90 -38.94
CA LYS A 213 41.10 -75.40 -39.30
C LYS A 213 41.32 -76.49 -40.35
N VAL A 214 41.17 -77.75 -39.93
CA VAL A 214 41.51 -78.90 -40.76
C VAL A 214 40.29 -79.79 -40.92
N ASP A 215 40.04 -80.23 -42.14
CA ASP A 215 39.00 -81.20 -42.46
C ASP A 215 39.69 -82.52 -42.77
N LYS A 216 39.49 -83.52 -41.90
CA LYS A 216 40.18 -84.80 -41.99
C LYS A 216 39.22 -85.89 -42.44
N ARG A 217 39.60 -86.61 -43.49
CA ARG A 217 38.79 -87.71 -44.00
C ARG A 217 39.04 -88.96 -43.16
N VAL A 218 37.96 -89.63 -42.78
CA VAL A 218 38.04 -90.88 -42.04
C VAL A 218 37.57 -92.00 -42.96
N GLU A 219 38.36 -93.06 -43.05
CA GLU A 219 38.07 -94.18 -43.93
C GLU A 219 38.57 -95.45 -43.28
N ILE A 220 38.40 -96.57 -43.97
CA ILE A 220 38.73 -97.89 -43.44
C ILE A 220 40.09 -98.29 -43.99
N LYS A 221 40.99 -98.69 -43.08
CA LYS A 221 42.34 -99.08 -43.45
C LYS A 221 42.41 -100.57 -43.74
N THR A 222 43.21 -100.94 -44.74
CA THR A 222 43.39 -102.34 -45.11
C THR A 222 44.82 -102.59 -45.60
N GLN B 1 35.96 -61.28 -4.51
CA GLN B 1 34.78 -61.99 -4.97
C GLN B 1 33.89 -62.41 -3.81
N SER B 2 33.08 -61.48 -3.31
CA SER B 2 32.10 -61.79 -2.29
C SER B 2 30.93 -62.52 -2.91
N VAL B 3 30.40 -63.52 -2.18
CA VAL B 3 29.37 -64.39 -2.72
C VAL B 3 28.18 -64.44 -1.78
N LEU B 4 27.02 -64.73 -2.34
CA LEU B 4 25.85 -65.08 -1.55
C LEU B 4 25.89 -66.56 -1.21
N THR B 5 25.43 -66.90 -0.01
CA THR B 5 25.54 -68.27 0.48
C THR B 5 24.47 -69.16 -0.14
N GLN B 6 24.91 -70.21 -0.84
CA GLN B 6 24.04 -71.22 -1.42
C GLN B 6 24.54 -72.60 -1.02
N PRO B 7 23.65 -73.59 -0.94
CA PRO B 7 24.11 -74.97 -0.77
C PRO B 7 24.82 -75.45 -2.02
N PRO B 8 25.95 -76.16 -1.87
CA PRO B 8 26.65 -76.66 -3.07
C PRO B 8 25.79 -77.55 -3.95
N SER B 9 24.95 -78.39 -3.36
CA SER B 9 24.09 -79.27 -4.13
C SER B 9 22.87 -79.65 -3.30
N VAL B 10 21.77 -79.92 -3.98
CA VAL B 10 20.56 -80.42 -3.35
C VAL B 10 20.08 -81.65 -4.12
N SER B 11 19.47 -82.58 -3.39
CA SER B 11 18.95 -83.81 -3.96
C SER B 11 17.43 -83.82 -3.85
N GLY B 12 16.79 -84.55 -4.77
CA GLY B 12 15.34 -84.65 -4.76
C GLY B 12 14.76 -85.84 -5.49
N ASP B 13 13.70 -86.43 -4.92
CA ASP B 13 13.01 -87.51 -5.58
C ASP B 13 12.25 -87.04 -6.82
N PRO B 14 12.16 -87.87 -7.85
CA PRO B 14 11.46 -87.45 -9.08
C PRO B 14 10.00 -87.21 -8.71
N GLY B 15 9.44 -86.14 -9.29
CA GLY B 15 8.06 -85.79 -9.06
C GLY B 15 7.78 -85.08 -7.75
N GLN B 16 8.78 -84.95 -6.88
CA GLN B 16 8.63 -84.24 -5.63
C GLN B 16 9.05 -82.78 -5.82
N ARG B 17 9.21 -82.06 -4.71
CA ARG B 17 9.67 -80.68 -4.77
C ARG B 17 10.86 -80.49 -3.84
N VAL B 18 11.80 -79.64 -4.27
CA VAL B 18 13.00 -79.35 -3.50
C VAL B 18 13.18 -77.83 -3.44
N THR B 19 13.91 -77.39 -2.42
CA THR B 19 14.12 -75.98 -2.15
C THR B 19 15.61 -75.64 -2.18
N ILE B 20 15.94 -74.52 -2.81
CA ILE B 20 17.31 -74.01 -2.88
C ILE B 20 17.32 -72.65 -2.20
N SER B 21 18.18 -72.49 -1.20
CA SER B 21 18.20 -71.30 -0.36
C SER B 21 19.37 -70.41 -0.74
N CYS B 22 19.10 -69.12 -0.90
CA CYS B 22 20.13 -68.10 -1.15
C CYS B 22 20.13 -67.14 0.02
N THR B 23 21.28 -67.03 0.69
CA THR B 23 21.40 -66.24 1.90
C THR B 23 22.33 -65.06 1.66
N GLY B 24 21.88 -63.87 2.04
CA GLY B 24 22.69 -62.67 1.93
C GLY B 24 22.85 -61.93 3.25
N SER B 25 23.02 -60.62 3.18
CA SER B 25 23.16 -59.77 4.37
C SER B 25 22.19 -58.60 4.27
N SER B 26 22.23 -57.74 5.28
CA SER B 26 21.41 -56.53 5.26
C SER B 26 21.85 -55.56 4.18
N SER B 27 23.07 -55.71 3.66
CA SER B 27 23.57 -54.83 2.62
C SER B 27 22.95 -55.12 1.26
N ASN B 28 22.65 -56.39 0.96
CA ASN B 28 22.18 -56.77 -0.36
C ASN B 28 20.75 -57.28 -0.37
N ILE B 29 20.44 -58.31 0.41
CA ILE B 29 19.15 -58.97 0.30
C ILE B 29 18.25 -58.55 1.46
N GLY B 30 18.84 -58.25 2.62
CA GLY B 30 18.08 -57.77 3.74
C GLY B 30 17.57 -56.36 3.57
N ALA B 31 18.20 -55.58 2.70
CA ALA B 31 17.78 -54.22 2.41
C ALA B 31 16.54 -54.17 1.53
N GLY B 32 16.08 -55.30 1.03
CA GLY B 32 14.92 -55.35 0.16
C GLY B 32 15.21 -55.30 -1.32
N TYR B 33 16.49 -55.32 -1.71
CA TYR B 33 16.81 -55.34 -3.12
C TYR B 33 16.34 -56.64 -3.75
N TYR B 34 16.07 -56.58 -5.05
CA TYR B 34 15.42 -57.69 -5.73
C TYR B 34 16.36 -58.88 -5.85
N VAL B 35 15.76 -60.07 -5.97
CA VAL B 35 16.49 -61.32 -6.08
C VAL B 35 16.18 -61.94 -7.44
N TYR B 36 17.22 -62.49 -8.07
CA TYR B 36 17.11 -63.05 -9.40
C TYR B 36 17.75 -64.44 -9.41
N TRP B 37 17.16 -65.33 -10.19
CA TRP B 37 17.60 -66.73 -10.28
C TRP B 37 17.92 -67.08 -11.72
N TYR B 38 19.04 -67.76 -11.92
CA TYR B 38 19.50 -68.17 -13.24
C TYR B 38 19.73 -69.68 -13.27
N GLN B 39 19.30 -70.31 -14.35
CA GLN B 39 19.52 -71.74 -14.59
C GLN B 39 20.58 -71.90 -15.66
N GLN B 40 21.55 -72.78 -15.40
CA GLN B 40 22.69 -72.96 -16.30
C GLN B 40 22.95 -74.46 -16.48
N PHE B 41 22.59 -74.99 -17.65
CA PHE B 41 23.05 -76.31 -18.02
C PHE B 41 24.55 -76.26 -18.32
N PRO B 42 25.27 -77.36 -18.11
CA PRO B 42 26.72 -77.34 -18.37
C PRO B 42 27.03 -76.96 -19.81
N GLY B 43 28.04 -76.10 -19.97
CA GLY B 43 28.49 -75.67 -21.28
C GLY B 43 27.62 -74.66 -21.98
N THR B 44 26.69 -74.00 -21.27
CA THR B 44 25.77 -73.06 -21.88
C THR B 44 25.68 -71.81 -21.03
N ALA B 45 25.23 -70.73 -21.66
CA ALA B 45 25.05 -69.47 -20.96
C ALA B 45 23.94 -69.60 -19.91
N PRO B 46 24.05 -68.89 -18.79
CA PRO B 46 22.96 -68.91 -17.80
C PRO B 46 21.67 -68.40 -18.41
N LYS B 47 20.57 -69.01 -18.01
CA LYS B 47 19.24 -68.60 -18.45
C LYS B 47 18.48 -67.98 -17.30
N LEU B 48 17.94 -66.77 -17.52
CA LEU B 48 17.17 -66.09 -16.49
C LEU B 48 15.97 -66.94 -16.10
N LEU B 49 15.94 -67.41 -14.84
CA LEU B 49 14.85 -68.27 -14.37
C LEU B 49 13.76 -67.45 -13.70
N ILE B 50 14.10 -66.75 -12.62
CA ILE B 50 13.17 -65.92 -11.87
C ILE B 50 13.72 -64.50 -11.82
N TYR B 51 12.89 -63.52 -12.15
CA TYR B 51 13.25 -62.12 -12.06
C TYR B 51 12.28 -61.39 -11.14
N GLN B 52 12.75 -60.30 -10.53
CA GLN B 52 11.91 -59.51 -9.61
C GLN B 52 11.39 -60.39 -8.48
N ASP B 53 12.29 -61.15 -7.84
CA ASP B 53 11.91 -61.95 -6.63
C ASP B 53 11.06 -63.17 -6.98
N ASN B 54 9.92 -63.01 -7.66
CA ASN B 54 9.03 -64.20 -7.87
C ASN B 54 8.40 -64.20 -9.26
N LYS B 55 8.80 -63.29 -10.16
CA LYS B 55 8.14 -63.22 -11.45
C LYS B 55 8.78 -64.23 -12.39
N ARG B 56 8.00 -64.65 -13.39
CA ARG B 56 8.39 -65.74 -14.27
C ARG B 56 8.42 -65.26 -15.72
N PRO B 57 9.54 -65.38 -16.41
CA PRO B 57 9.59 -65.00 -17.82
C PRO B 57 8.70 -65.89 -18.67
N SER B 58 8.22 -65.34 -19.78
CA SER B 58 7.41 -66.10 -20.72
C SER B 58 8.20 -67.27 -21.27
N GLY B 59 7.80 -68.49 -20.90
CA GLY B 59 8.51 -69.68 -21.33
C GLY B 59 8.94 -70.56 -20.18
N VAL B 60 9.38 -69.95 -19.08
CA VAL B 60 9.76 -70.71 -17.90
C VAL B 60 8.52 -71.42 -17.36
N SER B 61 8.72 -72.66 -16.89
CA SER B 61 7.59 -73.48 -16.46
C SER B 61 7.06 -73.00 -15.12
N ASP B 62 5.76 -73.25 -14.90
CA ASP B 62 5.10 -72.87 -13.66
C ASP B 62 5.59 -73.69 -12.46
N ARG B 63 6.30 -74.78 -12.68
CA ARG B 63 6.88 -75.54 -11.58
C ARG B 63 7.93 -74.75 -10.82
N PHE B 64 8.51 -73.71 -11.44
CA PHE B 64 9.48 -72.86 -10.78
C PHE B 64 8.78 -71.68 -10.12
N SER B 65 9.22 -71.33 -8.91
CA SER B 65 8.68 -70.20 -8.18
C SER B 65 9.75 -69.67 -7.23
N GLY B 66 9.53 -68.45 -6.73
CA GLY B 66 10.51 -67.78 -5.92
C GLY B 66 9.90 -67.15 -4.67
N SER B 67 10.77 -66.96 -3.68
CA SER B 67 10.41 -66.34 -2.41
C SER B 67 11.59 -65.52 -1.92
N LYS B 68 11.30 -64.51 -1.09
CA LYS B 68 12.34 -63.58 -0.63
C LYS B 68 12.27 -63.23 0.85
N SER B 69 11.25 -63.69 1.58
CA SER B 69 11.03 -63.24 2.96
C SER B 69 12.29 -63.35 3.81
N GLY B 70 12.59 -62.30 4.56
CA GLY B 70 13.73 -62.28 5.45
C GLY B 70 15.00 -61.79 4.79
N THR B 71 16.13 -62.21 5.36
CA THR B 71 17.45 -61.94 4.81
C THR B 71 17.96 -63.10 3.97
N SER B 72 17.06 -63.86 3.35
CA SER B 72 17.43 -64.98 2.50
C SER B 72 16.30 -65.28 1.55
N ALA B 73 16.63 -65.60 0.31
CA ALA B 73 15.66 -65.95 -0.71
C ALA B 73 15.58 -67.46 -0.87
N SER B 74 14.70 -67.90 -1.77
CA SER B 74 14.48 -69.33 -1.96
C SER B 74 13.86 -69.59 -3.32
N LEU B 75 14.38 -70.60 -4.02
CA LEU B 75 13.83 -71.05 -5.29
C LEU B 75 13.26 -72.45 -5.12
N THR B 76 12.02 -72.65 -5.58
CA THR B 76 11.30 -73.90 -5.40
C THR B 76 11.06 -74.55 -6.75
N ILE B 77 11.34 -75.86 -6.83
CA ILE B 77 11.06 -76.67 -8.01
C ILE B 77 10.10 -77.76 -7.60
N THR B 78 8.92 -77.79 -8.23
CA THR B 78 7.91 -78.80 -7.96
C THR B 78 7.76 -79.73 -9.17
N GLY B 79 7.22 -80.91 -8.92
CA GLY B 79 7.06 -81.89 -9.97
C GLY B 79 8.38 -82.21 -10.62
N LEU B 80 9.39 -82.45 -9.77
CA LEU B 80 10.77 -82.52 -10.21
C LEU B 80 10.93 -83.55 -11.35
N GLN B 81 11.55 -83.10 -12.43
CA GLN B 81 11.83 -83.89 -13.62
C GLN B 81 13.33 -84.10 -13.79
N PRO B 82 13.74 -85.18 -14.48
CA PRO B 82 15.18 -85.40 -14.69
C PRO B 82 15.86 -84.29 -15.47
N GLY B 83 15.15 -83.63 -16.38
CA GLY B 83 15.75 -82.58 -17.18
C GLY B 83 16.09 -81.32 -16.41
N ASP B 84 15.68 -81.22 -15.15
CA ASP B 84 15.98 -80.05 -14.34
C ASP B 84 17.36 -80.09 -13.72
N GLU B 85 18.11 -81.19 -13.86
CA GLU B 85 19.47 -81.27 -13.35
C GLU B 85 20.33 -80.21 -14.02
N ALA B 86 20.80 -79.24 -13.24
CA ALA B 86 21.50 -78.08 -13.79
C ALA B 86 22.19 -77.34 -12.65
N ASP B 87 22.75 -76.18 -12.97
CA ASP B 87 23.32 -75.27 -12.00
C ASP B 87 22.35 -74.11 -11.78
N TYR B 88 22.07 -73.80 -10.53
CA TYR B 88 21.14 -72.73 -10.18
C TYR B 88 21.89 -71.67 -9.38
N TYR B 89 21.89 -70.44 -9.89
CA TYR B 89 22.56 -69.30 -9.26
C TYR B 89 21.54 -68.24 -8.90
N CYS B 90 21.66 -67.68 -7.70
CA CYS B 90 20.89 -66.52 -7.29
C CYS B 90 21.70 -65.25 -7.51
N SER B 91 20.99 -64.13 -7.61
CA SER B 91 21.64 -62.85 -7.83
C SER B 91 20.89 -61.75 -7.09
N ALA B 92 21.65 -60.81 -6.53
CA ALA B 92 21.08 -59.66 -5.84
C ALA B 92 22.12 -58.56 -5.79
N TRP B 93 21.64 -57.32 -5.81
CA TRP B 93 22.52 -56.16 -5.76
C TRP B 93 22.90 -55.84 -4.32
N ASP B 94 24.14 -55.42 -4.12
CA ASP B 94 24.66 -55.09 -2.79
C ASP B 94 24.93 -53.60 -2.74
N SER B 95 24.34 -52.93 -1.74
CA SER B 95 24.55 -51.49 -1.59
C SER B 95 25.92 -51.17 -0.99
N SER B 96 26.46 -52.07 -0.16
CA SER B 96 27.78 -51.85 0.43
C SER B 96 28.92 -52.14 -0.54
N LEU B 97 28.65 -52.84 -1.65
CA LEU B 97 29.66 -53.17 -2.64
C LEU B 97 29.48 -52.41 -3.95
N SER B 98 28.31 -51.79 -4.17
CA SER B 98 28.01 -51.09 -5.42
C SER B 98 28.20 -51.99 -6.63
N ALA B 99 27.77 -53.24 -6.52
CA ALA B 99 27.93 -54.21 -7.60
C ALA B 99 26.85 -55.28 -7.48
N VAL B 100 26.70 -56.05 -8.56
CA VAL B 100 25.76 -57.16 -8.60
C VAL B 100 26.46 -58.41 -8.09
N MET B 101 25.88 -59.06 -7.09
CA MET B 101 26.44 -60.25 -6.48
C MET B 101 25.77 -61.51 -7.01
N PHE B 102 26.56 -62.58 -7.12
CA PHE B 102 26.07 -63.89 -7.51
C PHE B 102 26.39 -64.89 -6.41
N GLY B 103 25.60 -65.96 -6.35
CA GLY B 103 25.80 -66.97 -5.34
C GLY B 103 26.87 -67.98 -5.71
N ARG B 104 27.16 -68.85 -4.74
CA ARG B 104 28.12 -69.93 -4.98
C ARG B 104 27.63 -70.88 -6.06
N GLY B 105 26.33 -71.15 -6.08
CA GLY B 105 25.73 -72.07 -7.02
C GLY B 105 25.29 -73.36 -6.36
N THR B 106 24.34 -74.03 -7.00
CA THR B 106 23.80 -75.29 -6.49
C THR B 106 23.62 -76.28 -7.63
N ARG B 107 24.06 -77.51 -7.42
CA ARG B 107 23.91 -78.60 -8.37
C ARG B 107 22.67 -79.40 -8.01
N LEU B 108 21.71 -79.45 -8.92
CA LEU B 108 20.47 -80.21 -8.71
C LEU B 108 20.64 -81.61 -9.24
N THR B 109 20.42 -82.61 -8.40
CA THR B 109 20.54 -84.02 -8.77
C THR B 109 19.23 -84.73 -8.49
N VAL B 110 18.76 -85.50 -9.47
CA VAL B 110 17.52 -86.25 -9.36
C VAL B 110 17.86 -87.60 -8.74
N LEU B 111 17.18 -87.95 -7.67
CA LEU B 111 17.43 -89.25 -7.06
C LEU B 111 16.66 -90.35 -7.81
N GLY B 112 17.15 -91.58 -7.69
CA GLY B 112 16.42 -92.74 -8.17
C GLY B 112 16.18 -92.77 -9.67
N GLN B 113 17.12 -92.28 -10.46
CA GLN B 113 16.96 -92.52 -11.89
C GLN B 113 17.50 -93.89 -12.26
N PRO B 114 17.00 -94.49 -13.34
CA PRO B 114 17.47 -95.82 -13.75
C PRO B 114 18.96 -95.82 -14.06
N LYS B 115 19.62 -96.91 -13.68
CA LYS B 115 21.04 -97.07 -13.96
C LYS B 115 21.25 -97.47 -15.43
N ALA B 116 22.49 -97.30 -15.88
CA ALA B 116 22.83 -97.64 -17.26
C ALA B 116 24.28 -98.10 -17.32
N ALA B 117 24.50 -99.26 -17.93
CA ALA B 117 25.86 -99.75 -18.11
C ALA B 117 26.59 -98.89 -19.15
N PRO B 118 27.91 -98.76 -19.03
CA PRO B 118 28.64 -97.90 -19.97
C PRO B 118 28.92 -98.60 -21.29
N SER B 119 28.85 -97.82 -22.37
CA SER B 119 29.26 -98.28 -23.69
C SER B 119 30.71 -97.86 -23.92
N VAL B 120 31.56 -98.83 -24.25
CA VAL B 120 32.99 -98.62 -24.34
C VAL B 120 33.45 -98.91 -25.76
N THR B 121 34.19 -97.98 -26.35
CA THR B 121 34.77 -98.13 -27.67
C THR B 121 36.25 -97.77 -27.61
N LEU B 122 37.11 -98.70 -28.01
CA LEU B 122 38.56 -98.52 -27.96
C LEU B 122 39.10 -98.46 -29.39
N PHE B 123 39.90 -97.43 -29.67
CA PHE B 123 40.43 -97.20 -31.00
C PHE B 123 41.93 -97.45 -31.02
N PRO B 124 42.44 -98.23 -31.97
CA PRO B 124 43.90 -98.35 -32.13
C PRO B 124 44.49 -97.08 -32.69
N PRO B 125 45.80 -96.89 -32.56
CA PRO B 125 46.40 -95.68 -33.16
C PRO B 125 46.25 -95.70 -34.66
N SER B 126 45.99 -94.51 -35.22
CA SER B 126 45.84 -94.40 -36.67
C SER B 126 47.16 -94.69 -37.36
N SER B 127 47.06 -95.12 -38.62
CA SER B 127 48.27 -95.32 -39.41
C SER B 127 49.04 -94.02 -39.53
N GLU B 128 48.34 -92.91 -39.79
CA GLU B 128 49.00 -91.62 -39.94
C GLU B 128 49.85 -91.27 -38.71
N GLU B 129 49.27 -91.39 -37.52
CA GLU B 129 50.04 -91.13 -36.30
C GLU B 129 51.21 -92.09 -36.17
N LEU B 130 51.03 -93.34 -36.61
CA LEU B 130 52.11 -94.32 -36.52
C LEU B 130 53.30 -93.92 -37.38
N GLN B 131 53.06 -93.42 -38.59
CA GLN B 131 54.15 -93.00 -39.45
C GLN B 131 54.89 -91.79 -38.88
N ALA B 132 54.31 -91.10 -37.91
CA ALA B 132 54.98 -90.03 -37.18
C ALA B 132 55.70 -90.53 -35.93
N ASN B 133 55.86 -91.85 -35.81
CA ASN B 133 56.53 -92.47 -34.66
C ASN B 133 55.81 -92.14 -33.35
N LYS B 134 54.48 -92.15 -33.39
CA LYS B 134 53.66 -91.93 -32.21
C LYS B 134 52.44 -92.84 -32.27
N ALA B 135 51.88 -93.14 -31.10
CA ALA B 135 50.73 -94.04 -31.03
C ALA B 135 49.94 -93.75 -29.76
N THR B 136 48.68 -93.35 -29.94
CA THR B 136 47.79 -93.08 -28.82
C THR B 136 46.52 -93.89 -28.98
N LEU B 137 46.12 -94.60 -27.91
CA LEU B 137 44.87 -95.33 -27.89
C LEU B 137 43.79 -94.49 -27.23
N VAL B 138 42.58 -94.55 -27.77
CA VAL B 138 41.47 -93.73 -27.31
C VAL B 138 40.37 -94.65 -26.83
N CYS B 139 40.06 -94.57 -25.53
CA CYS B 139 38.97 -95.33 -24.91
C CYS B 139 37.85 -94.35 -24.59
N LEU B 140 36.67 -94.59 -25.17
CA LEU B 140 35.53 -93.67 -25.05
C LEU B 140 34.39 -94.38 -24.33
N ILE B 141 33.96 -93.81 -23.21
CA ILE B 141 32.93 -94.38 -22.35
C ILE B 141 31.75 -93.41 -22.32
N SER B 142 30.54 -93.93 -22.57
CA SER B 142 29.36 -93.09 -22.65
C SER B 142 28.13 -93.85 -22.20
N ASP B 143 27.09 -93.09 -21.81
CA ASP B 143 25.76 -93.60 -21.49
C ASP B 143 25.77 -94.49 -20.23
N PHE B 144 26.28 -93.91 -19.14
CA PHE B 144 26.26 -94.57 -17.84
C PHE B 144 25.69 -93.59 -16.83
N TYR B 145 24.51 -93.92 -16.28
CA TYR B 145 23.86 -92.99 -15.35
C TYR B 145 24.65 -92.78 -14.07
N PRO B 146 25.13 -93.81 -13.37
CA PRO B 146 26.06 -93.55 -12.25
C PRO B 146 27.36 -92.99 -12.80
N GLY B 147 27.71 -91.78 -12.37
CA GLY B 147 28.79 -91.04 -13.01
C GLY B 147 30.15 -91.67 -12.85
N ALA B 148 30.46 -92.14 -11.64
CA ALA B 148 31.82 -92.60 -11.35
C ALA B 148 32.16 -93.86 -12.14
N VAL B 149 33.33 -93.85 -12.79
CA VAL B 149 33.85 -95.01 -13.49
C VAL B 149 35.33 -95.12 -13.20
N GLU B 150 35.83 -96.36 -13.19
CA GLU B 150 37.25 -96.64 -13.02
C GLU B 150 37.78 -97.24 -14.31
N VAL B 151 38.84 -96.65 -14.85
CA VAL B 151 39.43 -97.07 -16.11
C VAL B 151 40.83 -97.59 -15.85
N ALA B 152 41.12 -98.79 -16.35
CA ALA B 152 42.43 -99.40 -16.24
C ALA B 152 42.90 -99.84 -17.62
N TRP B 153 44.19 -99.70 -17.86
CA TRP B 153 44.80 -100.06 -19.13
C TRP B 153 45.71 -101.27 -18.95
N LYS B 154 45.58 -102.23 -19.86
CA LYS B 154 46.37 -103.46 -19.82
C LYS B 154 47.10 -103.65 -21.12
N ALA B 155 48.29 -104.25 -21.04
CA ALA B 155 49.09 -104.61 -22.20
C ALA B 155 49.57 -106.04 -22.00
N ASP B 156 49.01 -106.97 -22.78
CA ASP B 156 49.23 -108.40 -22.58
C ASP B 156 48.87 -108.81 -21.15
N GLY B 157 47.78 -108.24 -20.65
CA GLY B 157 47.33 -108.52 -19.29
C GLY B 157 48.25 -108.00 -18.20
N SER B 158 48.86 -106.84 -18.41
CA SER B 158 49.75 -106.24 -17.42
C SER B 158 49.35 -104.79 -17.22
N ALA B 159 49.24 -104.36 -15.97
CA ALA B 159 48.80 -103.01 -15.66
C ALA B 159 49.88 -102.01 -16.07
N VAL B 160 49.48 -101.02 -16.86
CA VAL B 160 50.39 -99.96 -17.31
C VAL B 160 49.97 -98.65 -16.64
N ASN B 161 50.96 -97.92 -16.15
CA ASN B 161 50.73 -96.66 -15.44
C ASN B 161 51.50 -95.51 -16.06
N ALA B 162 51.92 -95.65 -17.30
CA ALA B 162 52.70 -94.64 -18.00
C ALA B 162 51.86 -94.05 -19.14
N GLY B 163 51.84 -92.73 -19.24
CA GLY B 163 51.11 -92.07 -20.30
C GLY B 163 49.63 -92.32 -20.28
N VAL B 164 49.04 -92.44 -19.08
CA VAL B 164 47.61 -92.68 -18.93
C VAL B 164 46.96 -91.37 -18.54
N GLU B 165 45.99 -90.91 -19.34
CA GLU B 165 45.28 -89.67 -19.09
C GLU B 165 43.80 -89.92 -19.31
N THR B 166 43.01 -89.74 -18.25
CA THR B 166 41.57 -90.02 -18.28
C THR B 166 40.80 -88.81 -17.76
N THR B 167 39.65 -88.54 -18.36
CA THR B 167 38.84 -87.40 -17.96
C THR B 167 38.00 -87.72 -16.73
N LYS B 168 37.46 -86.68 -16.13
CA LYS B 168 36.39 -86.84 -15.15
C LYS B 168 35.06 -86.96 -15.87
N PRO B 169 34.07 -87.62 -15.26
CA PRO B 169 32.78 -87.80 -15.92
C PRO B 169 32.10 -86.47 -16.20
N SER B 170 31.35 -86.41 -17.30
CA SER B 170 30.66 -85.20 -17.71
C SER B 170 29.25 -85.53 -18.17
N LYS B 171 28.29 -84.71 -17.73
CA LYS B 171 26.89 -84.94 -18.05
C LYS B 171 26.64 -84.79 -19.55
N GLN B 172 25.91 -85.74 -20.12
CA GLN B 172 25.46 -85.65 -21.49
C GLN B 172 24.07 -85.01 -21.52
N SER B 173 23.41 -85.06 -22.68
CA SER B 173 22.04 -84.55 -22.79
C SER B 173 21.00 -85.51 -22.24
N ASN B 174 21.37 -86.76 -21.97
CA ASN B 174 20.46 -87.79 -21.48
C ASN B 174 20.46 -87.91 -19.96
N ASN B 175 21.19 -87.03 -19.27
CA ASN B 175 21.50 -87.09 -17.85
C ASN B 175 22.47 -88.24 -17.52
N LYS B 176 22.82 -89.06 -18.51
CA LYS B 176 23.88 -90.04 -18.34
C LYS B 176 25.23 -89.37 -18.56
N TYR B 177 26.26 -89.94 -17.95
CA TYR B 177 27.58 -89.32 -17.98
C TYR B 177 28.44 -89.94 -19.08
N ALA B 178 29.51 -89.22 -19.43
CA ALA B 178 30.46 -89.69 -20.43
C ALA B 178 31.88 -89.40 -19.95
N ALA B 179 32.83 -90.17 -20.46
CA ALA B 179 34.23 -89.99 -20.12
C ALA B 179 35.09 -90.62 -21.22
N SER B 180 36.37 -90.27 -21.21
CA SER B 180 37.31 -90.82 -22.17
C SER B 180 38.66 -91.04 -21.51
N SER B 181 39.41 -92.01 -22.05
CA SER B 181 40.73 -92.36 -21.55
C SER B 181 41.71 -92.42 -22.71
N TYR B 182 42.97 -92.08 -22.44
CA TYR B 182 44.01 -92.03 -23.46
C TYR B 182 45.27 -92.68 -22.95
N LEU B 183 45.88 -93.53 -23.77
CA LEU B 183 47.19 -94.08 -23.50
C LEU B 183 48.13 -93.65 -24.63
N SER B 184 49.18 -92.92 -24.28
CA SER B 184 50.11 -92.37 -25.25
C SER B 184 51.40 -93.20 -25.24
N LEU B 185 51.76 -93.75 -26.39
CA LEU B 185 52.98 -94.54 -26.54
C LEU B 185 53.69 -94.13 -27.81
N THR B 186 54.86 -94.74 -28.03
CA THR B 186 55.57 -94.61 -29.29
C THR B 186 55.20 -95.77 -30.21
N SER B 187 55.71 -95.73 -31.43
CA SER B 187 55.48 -96.83 -32.37
C SER B 187 56.07 -98.13 -31.86
N ASP B 188 57.27 -98.06 -31.27
CA ASP B 188 57.91 -99.27 -30.74
C ASP B 188 57.07 -99.90 -29.63
N GLN B 189 56.56 -99.07 -28.72
CA GLN B 189 55.74 -99.60 -27.62
C GLN B 189 54.48 -100.27 -28.16
N TRP B 190 53.86 -99.67 -29.17
CA TRP B 190 52.65 -100.24 -29.75
C TRP B 190 52.93 -101.60 -30.39
N LYS B 191 54.02 -101.71 -31.14
CA LYS B 191 54.36 -102.95 -31.83
C LYS B 191 54.92 -104.00 -30.88
N SER B 192 55.56 -103.59 -29.79
CA SER B 192 56.25 -104.54 -28.91
C SER B 192 55.26 -105.52 -28.28
N HIS B 193 54.13 -105.04 -27.80
CA HIS B 193 53.19 -105.89 -27.09
C HIS B 193 52.16 -106.48 -28.04
N LYS B 194 51.69 -107.69 -27.71
CA LYS B 194 50.81 -108.42 -28.62
C LYS B 194 49.40 -107.84 -28.64
N SER B 195 48.93 -107.29 -27.51
CA SER B 195 47.60 -106.71 -27.46
C SER B 195 47.53 -105.68 -26.34
N TYR B 196 46.60 -104.74 -26.48
CA TYR B 196 46.32 -103.73 -25.49
C TYR B 196 44.84 -103.74 -25.15
N SER B 197 44.51 -103.44 -23.89
CA SER B 197 43.14 -103.54 -23.43
C SER B 197 42.76 -102.32 -22.60
N CYS B 198 41.49 -101.93 -22.69
CA CYS B 198 40.89 -100.89 -21.86
C CYS B 198 39.84 -101.53 -20.97
N GLN B 199 39.98 -101.36 -19.66
CA GLN B 199 39.05 -101.93 -18.69
C GLN B 199 38.28 -100.78 -18.04
N VAL B 200 36.95 -100.84 -18.12
CA VAL B 200 36.08 -99.82 -17.55
C VAL B 200 35.21 -100.47 -16.51
N THR B 201 35.41 -100.10 -15.25
CA THR B 201 34.66 -100.64 -14.12
C THR B 201 33.54 -99.67 -13.75
N HIS B 202 32.32 -100.19 -13.67
CA HIS B 202 31.15 -99.35 -13.39
C HIS B 202 30.19 -100.16 -12.53
N GLU B 203 29.98 -99.70 -11.29
CA GLU B 203 29.05 -100.34 -10.36
C GLU B 203 29.38 -101.82 -10.17
N GLY B 204 30.63 -102.09 -9.83
CA GLY B 204 31.08 -103.45 -9.58
C GLY B 204 31.46 -104.21 -10.83
N SER B 205 30.65 -104.10 -11.87
CA SER B 205 30.92 -104.79 -13.12
C SER B 205 31.94 -104.02 -13.95
N THR B 206 32.73 -104.77 -14.73
CA THR B 206 33.74 -104.19 -15.59
C THR B 206 33.52 -104.67 -17.03
N VAL B 207 33.91 -103.82 -17.98
CA VAL B 207 33.85 -104.12 -19.40
C VAL B 207 35.23 -103.91 -20.00
N GLU B 208 35.69 -104.87 -20.81
CA GLU B 208 37.02 -104.85 -21.39
C GLU B 208 36.94 -104.88 -22.90
N LYS B 209 37.75 -104.03 -23.55
CA LYS B 209 37.91 -104.01 -24.99
C LYS B 209 39.40 -104.07 -25.31
N THR B 210 39.75 -104.84 -26.34
CA THR B 210 41.16 -105.06 -26.69
C THR B 210 41.38 -104.82 -28.17
N VAL B 211 42.62 -104.45 -28.52
CA VAL B 211 43.06 -104.36 -29.90
C VAL B 211 44.45 -104.96 -30.02
N ALA B 212 44.77 -105.43 -31.23
CA ALA B 212 46.05 -106.07 -31.51
C ALA B 212 46.70 -105.41 -32.72
N PRO B 213 48.01 -105.16 -32.65
CA PRO B 213 48.71 -104.63 -33.84
C PRO B 213 48.72 -105.57 -35.02
N ALA B 214 48.48 -106.87 -34.81
CA ALA B 214 48.49 -107.83 -35.91
C ALA B 214 47.40 -107.53 -36.92
N GLU B 215 46.26 -107.02 -36.47
CA GLU B 215 45.16 -106.68 -37.37
C GLU B 215 45.52 -105.49 -38.27
N LEU C 6 -18.58 -31.80 6.61
CA LEU C 6 -17.13 -31.75 6.85
C LEU C 6 -16.79 -30.54 7.71
N VAL C 7 -15.70 -30.66 8.47
CA VAL C 7 -15.18 -29.52 9.24
C VAL C 7 -14.84 -28.37 8.30
N CYS C 8 -14.56 -28.67 7.04
CA CYS C 8 -14.19 -27.64 6.07
C CYS C 8 -15.34 -26.67 5.83
N GLN C 9 -15.00 -25.38 5.78
CA GLN C 9 -15.95 -24.34 5.38
C GLN C 9 -15.73 -23.87 3.95
N TYR C 10 -14.56 -24.13 3.37
CA TYR C 10 -14.28 -23.82 1.98
C TYR C 10 -13.30 -24.86 1.46
N THR C 11 -13.70 -25.58 0.41
CA THR C 11 -12.85 -26.59 -0.23
C THR C 11 -12.85 -26.36 -1.73
N ILE C 12 -11.69 -26.63 -2.35
CA ILE C 12 -11.60 -26.74 -3.80
C ILE C 12 -10.76 -27.95 -4.13
N GLN C 13 -11.02 -28.55 -5.29
CA GLN C 13 -10.41 -29.81 -5.68
C GLN C 13 -9.43 -29.63 -6.83
N SER C 14 -8.59 -30.64 -7.01
CA SER C 14 -7.59 -30.64 -8.06
C SER C 14 -7.38 -32.07 -8.54
N LEU C 15 -6.80 -32.18 -9.73
CA LEU C 15 -6.54 -33.47 -10.36
C LEU C 15 -5.03 -33.64 -10.53
N ILE C 16 -4.53 -34.80 -10.17
CA ILE C 16 -3.11 -35.11 -10.23
C ILE C 16 -2.92 -36.40 -11.02
N HIS C 17 -2.11 -36.33 -12.07
CA HIS C 17 -1.82 -37.47 -12.93
C HIS C 17 -0.32 -37.60 -13.09
N LEU C 18 0.15 -38.84 -13.16
CA LEU C 18 1.57 -39.14 -13.26
C LEU C 18 2.01 -39.10 -14.72
N THR C 19 3.06 -38.34 -15.01
CA THR C 19 3.65 -38.28 -16.34
C THR C 19 4.95 -39.09 -16.33
N GLY C 20 5.07 -40.03 -17.25
CA GLY C 20 6.20 -40.92 -17.25
C GLY C 20 6.09 -41.97 -16.15
N GLU C 21 7.22 -42.58 -15.85
CA GLU C 21 7.25 -43.57 -14.78
C GLU C 21 7.42 -42.87 -13.43
N ASP C 22 7.05 -43.59 -12.38
CA ASP C 22 7.15 -43.04 -11.03
C ASP C 22 8.61 -42.83 -10.67
N PRO C 23 9.01 -41.61 -10.32
CA PRO C 23 10.41 -41.37 -9.96
C PRO C 23 10.78 -41.85 -8.56
N GLY C 24 9.81 -42.28 -7.76
CA GLY C 24 10.04 -42.73 -6.40
C GLY C 24 9.45 -41.84 -5.34
N PHE C 25 8.86 -40.71 -5.71
CA PHE C 25 8.14 -39.85 -4.79
C PHE C 25 6.90 -39.32 -5.48
N PHE C 26 5.91 -38.96 -4.68
CA PHE C 26 4.64 -38.43 -5.17
C PHE C 26 4.48 -37.00 -4.67
N ASN C 27 4.18 -36.09 -5.58
CA ASN C 27 4.14 -34.65 -5.28
C ASN C 27 2.79 -34.05 -5.61
N VAL C 28 2.27 -33.23 -4.71
CA VAL C 28 1.02 -32.50 -4.91
C VAL C 28 1.17 -31.08 -4.38
N GLU C 29 0.66 -30.12 -5.16
CA GLU C 29 0.84 -28.70 -4.80
C GLU C 29 -0.50 -28.06 -4.41
N ILE C 30 -0.51 -27.36 -3.27
CA ILE C 30 -1.68 -26.66 -2.76
C ILE C 30 -1.36 -25.18 -2.70
N PRO C 31 -1.84 -24.38 -3.65
CA PRO C 31 -1.45 -22.96 -3.71
C PRO C 31 -2.35 -22.00 -2.95
N GLU C 32 -3.60 -22.36 -2.70
CA GLU C 32 -4.62 -21.38 -2.34
C GLU C 32 -4.79 -21.16 -0.83
N PHE C 33 -4.08 -21.90 0.01
CA PHE C 33 -4.22 -21.69 1.45
C PHE C 33 -3.73 -20.29 1.84
N PRO C 34 -4.48 -19.57 2.69
CA PRO C 34 -4.13 -18.18 2.99
C PRO C 34 -2.95 -18.08 3.95
N PHE C 35 -1.92 -17.36 3.53
CA PHE C 35 -0.76 -17.05 4.37
C PHE C 35 -0.76 -15.54 4.55
N TYR C 36 -1.21 -15.08 5.70
CA TYR C 36 -1.50 -13.66 5.88
C TYR C 36 -0.22 -12.85 5.91
N PRO C 37 -0.15 -11.72 5.21
CA PRO C 37 1.07 -10.92 5.17
C PRO C 37 1.23 -10.11 6.44
N THR C 38 2.39 -9.43 6.53
CA THR C 38 2.73 -8.57 7.66
C THR C 38 2.18 -9.08 8.98
N CYS C 39 2.41 -10.37 9.22
CA CYS C 39 1.99 -11.06 10.44
C CYS C 39 3.07 -12.09 10.75
N ASN C 40 4.02 -11.70 11.60
CA ASN C 40 5.07 -12.60 12.05
C ASN C 40 4.57 -13.60 13.10
N VAL C 41 3.33 -13.46 13.54
CA VAL C 41 2.78 -14.29 14.61
C VAL C 41 1.71 -15.25 14.10
N CYS C 42 1.28 -15.12 12.85
CA CYS C 42 0.27 -16.02 12.31
C CYS C 42 0.82 -17.44 12.16
N THR C 43 0.01 -18.41 12.58
CA THR C 43 0.34 -19.83 12.47
C THR C 43 -0.84 -20.56 11.81
N ALA C 44 -0.69 -21.88 11.66
CA ALA C 44 -1.73 -22.68 11.04
C ALA C 44 -1.60 -24.13 11.48
N ASP C 45 -2.73 -24.77 11.73
CA ASP C 45 -2.80 -26.19 12.02
C ASP C 45 -3.14 -26.94 10.75
N VAL C 46 -2.29 -27.91 10.39
CA VAL C 46 -2.41 -28.61 9.12
C VAL C 46 -2.36 -30.11 9.38
N ASN C 47 -3.47 -30.79 9.14
CA ASN C 47 -3.51 -32.24 9.05
C ASN C 47 -3.71 -32.69 7.61
N VAL C 48 -3.30 -33.93 7.36
CA VAL C 48 -3.40 -34.52 6.05
C VAL C 48 -3.99 -35.92 6.20
N THR C 49 -4.94 -36.25 5.33
CA THR C 49 -5.51 -37.59 5.27
C THR C 49 -5.36 -38.12 3.85
N ILE C 50 -4.77 -39.30 3.73
CA ILE C 50 -4.54 -39.93 2.44
C ILE C 50 -5.41 -41.16 2.35
N ASN C 51 -6.21 -41.22 1.30
CA ASN C 51 -7.20 -42.26 1.14
C ASN C 51 -6.70 -43.26 0.11
N PHE C 52 -6.60 -44.51 0.52
CA PHE C 52 -6.17 -45.61 -0.33
C PHE C 52 -7.33 -46.59 -0.50
N ASP C 53 -7.01 -47.66 -1.27
CA ASP C 53 -7.90 -48.82 -1.45
C ASP C 53 -6.92 -50.01 -1.41
N VAL C 54 -7.10 -50.98 -0.49
CA VAL C 54 -6.12 -52.03 -0.26
C VAL C 54 -6.47 -53.29 -1.07
N GLY C 55 -7.74 -53.67 -1.10
CA GLY C 55 -8.18 -54.79 -1.90
C GLY C 55 -9.52 -54.47 -2.55
N GLY C 56 -9.69 -53.21 -2.91
CA GLY C 56 -11.01 -52.68 -3.19
C GLY C 56 -11.75 -52.24 -1.94
N LYS C 57 -11.12 -52.32 -0.78
CA LYS C 57 -11.67 -51.88 0.49
C LYS C 57 -10.95 -50.63 0.96
N LYS C 58 -11.68 -49.72 1.59
CA LYS C 58 -11.13 -48.43 1.96
C LYS C 58 -10.12 -48.55 3.10
N HIS C 59 -9.19 -47.59 3.13
CA HIS C 59 -8.23 -47.47 4.22
C HIS C 59 -7.71 -46.05 4.22
N GLN C 60 -7.79 -45.40 5.38
CA GLN C 60 -7.36 -44.01 5.55
C GLN C 60 -6.11 -43.94 6.41
N LEU C 61 -5.18 -43.08 6.01
CA LEU C 61 -4.00 -42.76 6.79
C LEU C 61 -4.10 -41.30 7.22
N ASP C 62 -4.09 -41.06 8.53
CA ASP C 62 -4.26 -39.73 9.10
C ASP C 62 -2.92 -39.22 9.61
N LEU C 63 -2.52 -38.02 9.17
CA LEU C 63 -1.20 -37.46 9.56
C LEU C 63 -1.38 -36.04 10.12
N ASP C 64 -0.66 -35.69 11.19
CA ASP C 64 -0.71 -34.29 11.69
C ASP C 64 0.68 -33.67 11.57
N PHE C 65 0.80 -32.52 10.90
CA PHE C 65 2.10 -31.81 10.81
C PHE C 65 2.23 -30.80 11.96
N GLY C 66 1.17 -30.63 12.74
CA GLY C 66 1.20 -29.69 13.89
C GLY C 66 0.97 -28.25 13.49
N GLN C 67 1.74 -27.32 14.07
CA GLN C 67 1.57 -25.89 13.82
C GLN C 67 2.65 -25.41 12.87
N LEU C 68 2.24 -24.70 11.83
CA LEU C 68 3.17 -24.13 10.86
C LEU C 68 3.65 -22.77 11.32
N THR C 69 4.94 -22.52 11.13
CA THR C 69 5.57 -21.23 11.45
C THR C 69 6.29 -20.76 10.20
N PRO C 70 5.56 -20.18 9.24
CA PRO C 70 6.20 -19.80 7.97
C PRO C 70 7.36 -18.84 8.13
N HIS C 71 7.30 -17.97 9.14
CA HIS C 71 8.36 -16.99 9.35
C HIS C 71 9.69 -17.64 9.75
N THR C 72 9.66 -18.88 10.25
CA THR C 72 10.87 -19.51 10.77
C THR C 72 11.20 -20.84 10.13
N LYS C 73 10.20 -21.68 9.86
CA LYS C 73 10.42 -23.04 9.38
C LYS C 73 9.72 -23.24 8.04
N ALA C 74 10.43 -23.91 7.11
CA ALA C 74 9.91 -24.12 5.76
C ALA C 74 9.66 -25.58 5.41
N VAL C 75 10.29 -26.52 6.11
CA VAL C 75 10.13 -27.95 5.84
C VAL C 75 9.57 -28.61 7.07
N TYR C 76 8.56 -29.45 6.89
CA TYR C 76 7.84 -30.07 7.99
C TYR C 76 7.71 -31.56 7.77
N GLN C 77 7.73 -32.30 8.87
CA GLN C 77 7.45 -33.73 8.90
C GLN C 77 6.32 -34.00 9.86
N PRO C 78 5.45 -34.98 9.56
CA PRO C 78 4.30 -35.22 10.44
C PRO C 78 4.73 -35.64 11.82
N ARG C 79 4.00 -35.13 12.83
CA ARG C 79 4.27 -35.48 14.21
C ARG C 79 3.74 -36.86 14.55
N GLY C 80 2.60 -37.24 13.99
CA GLY C 80 2.01 -38.54 14.26
C GLY C 80 1.30 -39.08 13.04
N ALA C 81 1.15 -40.41 13.02
CA ALA C 81 0.50 -41.10 11.93
C ALA C 81 -0.46 -42.14 12.50
N PHE C 82 -1.72 -42.10 12.04
CA PHE C 82 -2.77 -42.97 12.66
C PHE C 82 -3.21 -44.08 11.71
N GLY C 83 -3.19 -43.82 10.41
CA GLY C 83 -3.50 -44.93 9.49
C GLY C 83 -2.42 -45.92 9.82
N GLY C 84 -1.21 -45.43 10.04
CA GLY C 84 -0.11 -46.27 10.53
C GLY C 84 0.78 -46.82 9.45
N SER C 85 2.03 -47.12 9.80
CA SER C 85 3.01 -47.71 8.88
C SER C 85 4.11 -48.29 9.76
N GLU C 86 5.02 -49.07 9.19
CA GLU C 86 6.16 -49.50 10.05
C GLU C 86 6.83 -48.19 10.46
N ASN C 87 6.93 -47.23 9.54
CA ASN C 87 7.45 -45.87 9.90
C ASN C 87 6.78 -44.86 8.97
N ALA C 88 5.54 -44.44 9.26
CA ALA C 88 4.88 -43.57 8.26
C ALA C 88 5.45 -42.16 8.23
N THR C 89 5.80 -41.57 9.38
CA THR C 89 6.17 -40.13 9.41
C THR C 89 7.39 -39.82 8.54
N ASN C 90 8.38 -40.71 8.48
CA ASN C 90 9.63 -40.38 7.74
C ASN C 90 9.40 -40.31 6.24
N LEU C 91 8.31 -40.89 5.73
CA LEU C 91 8.12 -40.95 4.26
C LEU C 91 7.35 -39.73 3.73
N PHE C 92 6.95 -38.81 4.62
CA PHE C 92 6.15 -37.64 4.20
C PHE C 92 6.89 -36.31 4.40
N LEU C 93 6.57 -35.29 3.60
CA LEU C 93 7.16 -33.97 3.71
C LEU C 93 6.14 -32.92 3.28
N LEU C 94 6.01 -31.88 4.08
CA LEU C 94 5.22 -30.70 3.74
C LEU C 94 6.18 -29.53 3.61
N GLU C 95 6.29 -28.97 2.41
CA GLU C 95 7.25 -27.93 2.10
C GLU C 95 6.53 -26.68 1.62
N LEU C 96 6.91 -25.53 2.16
CA LEU C 96 6.39 -24.26 1.66
C LEU C 96 7.20 -23.84 0.43
N LEU C 97 6.49 -23.38 -0.60
CA LEU C 97 7.13 -22.99 -1.85
C LEU C 97 7.23 -21.48 -2.01
N GLY C 98 6.63 -20.71 -1.12
CA GLY C 98 6.59 -19.27 -1.25
C GLY C 98 5.27 -18.79 -1.85
N ALA C 99 4.98 -17.51 -1.60
CA ALA C 99 3.78 -16.85 -2.11
C ALA C 99 2.51 -17.63 -1.74
N GLY C 100 2.45 -18.10 -0.49
CA GLY C 100 1.27 -18.78 0.00
C GLY C 100 1.09 -20.20 -0.50
N GLU C 101 2.09 -20.74 -1.21
CA GLU C 101 1.98 -22.07 -1.78
C GLU C 101 2.76 -23.09 -0.96
N LEU C 102 2.23 -24.30 -0.90
CA LEU C 102 2.88 -25.40 -0.20
C LEU C 102 2.79 -26.65 -1.06
N ALA C 103 3.74 -27.57 -0.84
CA ALA C 103 3.76 -28.83 -1.55
C ALA C 103 3.85 -29.98 -0.55
N LEU C 104 3.04 -31.00 -0.77
CA LEU C 104 3.09 -32.24 0.02
C LEU C 104 3.75 -33.32 -0.81
N THR C 105 4.73 -34.01 -0.23
CA THR C 105 5.48 -35.04 -0.92
C THR C 105 5.38 -36.35 -0.13
N MET C 106 5.10 -37.44 -0.84
CA MET C 106 5.11 -38.78 -0.28
C MET C 106 6.05 -39.67 -1.08
N ARG C 107 6.85 -40.45 -0.36
CA ARG C 107 7.75 -41.40 -1.01
C ARG C 107 6.94 -42.60 -1.47
N SER C 108 6.86 -42.79 -2.78
CA SER C 108 6.28 -44.01 -3.32
C SER C 108 7.29 -45.14 -3.17
N LYS C 109 7.00 -46.30 -3.75
CA LYS C 109 7.86 -47.49 -3.67
C LYS C 109 8.08 -47.97 -2.24
N LYS C 110 7.29 -47.48 -1.28
CA LYS C 110 7.33 -47.95 0.09
C LYS C 110 5.93 -47.83 0.68
N LEU C 111 5.58 -48.79 1.52
CA LEU C 111 4.21 -48.86 2.05
C LEU C 111 4.04 -47.93 3.24
N PRO C 112 3.16 -46.93 3.15
CA PRO C 112 2.84 -46.10 4.32
C PRO C 112 1.64 -46.57 5.12
N ILE C 113 0.99 -47.64 4.69
CA ILE C 113 -0.24 -48.12 5.28
C ILE C 113 0.09 -49.14 6.37
N ASN C 114 -0.66 -49.11 7.48
CA ASN C 114 -0.28 -50.01 8.60
C ASN C 114 -0.84 -51.40 8.43
N VAL C 115 -2.02 -51.55 7.81
CA VAL C 115 -2.62 -52.92 7.82
C VAL C 115 -2.34 -53.60 6.49
N THR C 116 -1.64 -54.74 6.56
CA THR C 116 -1.44 -55.54 5.33
C THR C 116 -1.81 -56.99 5.60
N THR C 117 -2.61 -57.61 4.73
CA THR C 117 -2.85 -59.07 4.83
C THR C 117 -1.49 -59.70 4.60
N GLY C 118 -0.67 -59.09 3.74
CA GLY C 118 0.61 -59.70 3.33
C GLY C 118 0.35 -60.50 2.07
N GLU C 119 -0.89 -60.48 1.60
CA GLU C 119 -1.21 -61.10 0.29
C GLU C 119 -1.43 -59.92 -0.65
N GLU C 120 -1.77 -58.76 -0.09
CA GLU C 120 -1.94 -57.52 -0.89
C GLU C 120 -0.71 -56.63 -0.75
N GLN C 121 0.41 -56.99 -1.36
CA GLN C 121 1.58 -56.09 -1.35
C GLN C 121 1.00 -54.92 -2.14
N GLN C 122 0.11 -55.23 -3.09
CA GLN C 122 -0.54 -54.15 -3.90
C GLN C 122 -1.32 -53.10 -3.13
N VAL C 123 -1.16 -51.82 -3.46
CA VAL C 123 -1.94 -50.73 -2.79
C VAL C 123 -2.05 -49.54 -3.73
N SER C 124 -3.21 -48.87 -3.79
CA SER C 124 -3.42 -47.78 -4.74
C SER C 124 -3.84 -46.52 -4.01
N LEU C 125 -3.28 -45.39 -4.44
CA LEU C 125 -3.63 -44.08 -3.89
C LEU C 125 -4.83 -43.52 -4.64
N GLU C 126 -5.87 -43.15 -3.89
CA GLU C 126 -7.11 -42.64 -4.46
C GLU C 126 -7.19 -41.12 -4.44
N SER C 127 -7.01 -40.51 -3.26
CA SER C 127 -7.14 -39.07 -3.13
C SER C 127 -6.38 -38.62 -1.88
N VAL C 128 -6.16 -37.32 -1.78
CA VAL C 128 -5.47 -36.71 -0.65
C VAL C 128 -6.30 -35.53 -0.16
N ASP C 129 -6.53 -35.48 1.15
CA ASP C 129 -7.24 -34.38 1.79
C ASP C 129 -6.27 -33.62 2.70
N VAL C 130 -6.19 -32.30 2.51
CA VAL C 130 -5.33 -31.44 3.31
C VAL C 130 -6.23 -30.46 4.07
N TYR C 131 -6.04 -30.40 5.38
CA TYR C 131 -6.83 -29.55 6.26
C TYR C 131 -5.96 -28.40 6.76
N PHE C 132 -6.49 -27.18 6.69
CA PHE C 132 -5.74 -25.96 6.96
C PHE C 132 -6.59 -25.04 7.85
N GLN C 133 -6.19 -24.91 9.11
CA GLN C 133 -6.85 -24.03 10.08
C GLN C 133 -5.94 -22.86 10.40
N ASP C 134 -6.46 -21.64 10.25
CA ASP C 134 -5.67 -20.43 10.42
C ASP C 134 -5.92 -19.81 11.79
N VAL C 135 -5.40 -18.60 11.98
CA VAL C 135 -5.55 -17.88 13.25
C VAL C 135 -7.01 -17.57 13.53
N PHE C 136 -7.78 -17.27 12.48
CA PHE C 136 -9.20 -16.95 12.65
C PHE C 136 -10.06 -18.18 12.91
N GLY C 137 -9.50 -19.38 12.84
CA GLY C 137 -10.23 -20.59 13.12
C GLY C 137 -11.01 -21.16 11.96
N THR C 138 -10.95 -20.54 10.78
CA THR C 138 -11.64 -21.09 9.62
C THR C 138 -10.90 -22.31 9.10
N MET C 139 -11.67 -23.34 8.73
CA MET C 139 -11.11 -24.60 8.23
C MET C 139 -11.09 -24.57 6.70
N TRP C 140 -9.89 -24.53 6.13
CA TRP C 140 -9.70 -24.61 4.69
C TRP C 140 -9.28 -26.03 4.33
N CYS C 141 -9.81 -26.52 3.20
CA CYS C 141 -9.53 -27.88 2.76
C CYS C 141 -9.21 -27.90 1.27
N HIS C 142 -8.40 -28.88 0.87
CA HIS C 142 -8.08 -29.14 -0.52
C HIS C 142 -8.17 -30.64 -0.78
N HIS C 143 -8.86 -31.00 -1.85
CA HIS C 143 -9.06 -32.40 -2.22
C HIS C 143 -8.33 -32.67 -3.52
N ALA C 144 -7.36 -33.58 -3.49
CA ALA C 144 -6.52 -33.89 -4.65
C ALA C 144 -6.85 -35.29 -5.13
N GLU C 145 -7.68 -35.38 -6.16
CA GLU C 145 -8.06 -36.65 -6.74
C GLU C 145 -7.00 -37.14 -7.71
N MET C 146 -6.66 -38.43 -7.62
CA MET C 146 -5.66 -39.02 -8.54
C MET C 146 -6.38 -39.44 -9.82
N GLN C 147 -5.95 -38.93 -10.97
CA GLN C 147 -6.71 -39.22 -12.22
C GLN C 147 -6.68 -40.72 -12.50
N ASN C 148 -5.53 -41.37 -12.30
CA ASN C 148 -5.44 -42.84 -12.47
C ASN C 148 -4.95 -43.45 -11.16
N PRO C 149 -5.56 -44.53 -10.64
CA PRO C 149 -5.15 -45.05 -9.35
C PRO C 149 -3.68 -45.49 -9.51
N VAL C 150 -2.85 -45.24 -8.49
CA VAL C 150 -1.39 -45.50 -8.63
C VAL C 150 -1.09 -47.01 -8.65
N TYR C 151 -1.56 -47.77 -7.66
CA TYR C 151 -1.18 -49.21 -7.59
C TYR C 151 0.32 -49.31 -7.25
N LEU C 152 0.79 -48.56 -6.25
CA LEU C 152 2.25 -48.49 -5.94
C LEU C 152 2.85 -49.83 -5.53
N ILE C 153 4.09 -50.09 -5.95
CA ILE C 153 4.79 -51.37 -5.63
C ILE C 153 5.97 -51.08 -4.68
N PRO C 154 6.14 -51.84 -3.58
CA PRO C 154 7.18 -51.56 -2.60
C PRO C 154 8.51 -52.11 -3.13
N GLU C 155 9.56 -51.29 -3.13
CA GLU C 155 10.81 -51.76 -3.71
C GLU C 155 11.98 -50.98 -3.11
N THR C 156 13.18 -51.48 -3.43
CA THR C 156 14.45 -50.84 -3.07
C THR C 156 15.27 -50.77 -4.34
N VAL C 157 15.24 -49.62 -5.00
CA VAL C 157 15.99 -49.44 -6.25
C VAL C 157 17.48 -49.28 -5.93
N PRO C 158 18.36 -49.93 -6.68
CA PRO C 158 19.80 -49.72 -6.46
C PRO C 158 20.23 -48.32 -6.87
N TYR C 159 21.20 -47.79 -6.13
CA TYR C 159 21.77 -46.48 -6.42
C TYR C 159 23.04 -46.69 -7.23
N ILE C 160 23.03 -46.25 -8.49
CA ILE C 160 24.17 -46.40 -9.38
C ILE C 160 24.81 -45.04 -9.61
N LYS C 161 26.05 -45.07 -10.10
CA LYS C 161 26.80 -43.86 -10.40
C LYS C 161 27.44 -44.00 -11.76
N TRP C 162 27.11 -43.08 -12.67
CA TRP C 162 27.72 -43.05 -14.00
C TRP C 162 29.14 -42.51 -13.85
N ASP C 163 30.06 -43.40 -13.51
CA ASP C 163 31.42 -42.98 -13.19
C ASP C 163 32.28 -42.84 -14.46
N ASN C 164 31.77 -42.12 -15.46
CA ASN C 164 32.55 -41.74 -16.62
C ASN C 164 32.25 -40.34 -17.10
N CYS C 165 31.37 -39.63 -16.38
CA CYS C 165 30.95 -38.28 -16.80
C CYS C 165 31.98 -37.24 -16.33
N ASN C 166 31.75 -35.96 -16.61
CA ASN C 166 32.79 -34.96 -16.26
C ASN C 166 32.30 -34.13 -15.08
N SER C 167 33.08 -34.18 -13.99
CA SER C 167 32.69 -33.44 -12.76
C SER C 167 32.76 -31.94 -13.04
N THR C 168 31.82 -31.19 -12.46
CA THR C 168 31.81 -29.72 -12.65
C THR C 168 31.96 -29.05 -11.29
N ASN C 169 32.82 -28.03 -11.21
CA ASN C 169 32.98 -27.27 -9.95
C ASN C 169 31.60 -26.67 -9.65
N ILE C 170 30.89 -26.24 -10.70
CA ILE C 170 29.58 -25.57 -10.50
C ILE C 170 28.65 -26.54 -9.78
N THR C 171 27.89 -26.04 -8.81
CA THR C 171 26.97 -26.89 -8.03
C THR C 171 25.53 -26.49 -8.31
N ALA C 172 24.64 -27.47 -8.43
CA ALA C 172 23.23 -27.21 -8.68
C ALA C 172 22.52 -27.02 -7.34
N VAL C 173 21.87 -25.87 -7.17
CA VAL C 173 21.08 -25.59 -5.98
C VAL C 173 19.61 -25.70 -6.37
N VAL C 174 18.81 -26.27 -5.46
CA VAL C 174 17.37 -26.42 -5.68
C VAL C 174 16.65 -25.83 -4.47
N ARG C 175 15.72 -24.91 -4.75
CA ARG C 175 15.00 -24.19 -3.72
C ARG C 175 13.51 -24.28 -4.00
N ALA C 176 12.73 -24.58 -2.97
CA ALA C 176 11.28 -24.79 -3.10
C ALA C 176 10.97 -25.75 -4.25
N GLN C 177 11.70 -26.87 -4.26
CA GLN C 177 11.59 -27.96 -5.22
C GLN C 177 12.11 -27.58 -6.60
N GLY C 178 12.54 -26.34 -6.83
CA GLY C 178 13.00 -25.94 -8.15
C GLY C 178 14.51 -25.88 -8.30
N LEU C 179 15.08 -26.75 -9.13
CA LEU C 179 16.52 -26.79 -9.33
C LEU C 179 16.91 -25.73 -10.35
N ASP C 180 18.05 -25.08 -10.11
CA ASP C 180 18.60 -24.11 -11.05
C ASP C 180 20.11 -24.30 -11.13
N VAL C 181 20.64 -24.41 -12.34
CA VAL C 181 22.07 -24.68 -12.54
C VAL C 181 22.46 -24.16 -13.92
N THR C 182 23.72 -23.75 -14.05
CA THR C 182 24.28 -23.28 -15.32
C THR C 182 25.60 -23.99 -15.57
N LEU C 183 25.74 -24.57 -16.76
CA LEU C 183 26.91 -25.32 -17.15
C LEU C 183 27.51 -24.74 -18.43
N PRO C 184 28.86 -24.80 -18.64
CA PRO C 184 29.46 -24.35 -19.88
C PRO C 184 29.29 -25.42 -20.95
N LEU C 185 29.72 -25.16 -22.18
CA LEU C 185 29.50 -26.15 -23.27
C LEU C 185 30.82 -26.79 -23.72
N SER C 186 30.88 -28.12 -23.70
CA SER C 186 32.10 -28.81 -24.22
C SER C 186 31.67 -29.54 -25.50
N LEU C 187 31.17 -28.79 -26.49
CA LEU C 187 30.61 -29.42 -27.70
C LEU C 187 31.47 -29.08 -28.92
N PRO C 188 32.14 -30.07 -29.55
CA PRO C 188 33.00 -29.83 -30.71
C PRO C 188 32.24 -29.30 -31.93
N THR C 189 31.03 -29.82 -32.18
CA THR C 189 30.29 -29.42 -33.41
C THR C 189 29.95 -27.93 -33.36
N SER C 190 29.97 -27.27 -34.51
CA SER C 190 29.70 -25.81 -34.58
C SER C 190 28.23 -25.55 -34.27
N ALA C 191 27.91 -24.32 -33.85
CA ALA C 191 26.53 -23.98 -33.45
C ALA C 191 25.62 -24.19 -34.65
N GLN C 192 26.10 -23.86 -35.85
CA GLN C 192 25.27 -23.99 -37.07
C GLN C 192 24.87 -25.46 -37.24
N ASP C 193 25.79 -26.38 -36.94
CA ASP C 193 25.46 -27.83 -36.99
C ASP C 193 24.23 -28.06 -36.11
N SER C 194 24.25 -27.53 -34.89
CA SER C 194 23.07 -27.66 -33.98
C SER C 194 22.75 -29.14 -33.75
N ASN C 195 21.49 -29.53 -33.94
CA ASN C 195 21.07 -30.94 -33.64
C ASN C 195 21.64 -31.28 -32.27
N PHE C 196 21.34 -30.45 -31.26
CA PHE C 196 21.92 -30.64 -29.94
C PHE C 196 20.74 -31.20 -29.17
N SER C 197 20.99 -32.27 -28.41
CA SER C 197 20.01 -32.85 -27.50
C SER C 197 20.65 -33.01 -26.14
N VAL C 198 19.87 -32.78 -25.08
CA VAL C 198 20.34 -32.94 -23.71
C VAL C 198 19.31 -33.75 -22.92
N LYS C 199 19.79 -34.66 -22.09
CA LYS C 199 18.96 -35.44 -21.20
C LYS C 199 19.56 -35.38 -19.80
N THR C 200 18.69 -35.19 -18.80
CA THR C 200 19.13 -35.02 -17.43
C THR C 200 18.61 -36.16 -16.56
N GLU C 201 19.42 -36.56 -15.57
CA GLU C 201 19.02 -37.60 -14.62
C GLU C 201 19.51 -37.22 -13.24
N MET C 202 18.60 -37.20 -12.26
CA MET C 202 18.90 -36.88 -10.87
C MET C 202 18.75 -38.14 -10.04
N LEU C 203 19.86 -38.66 -9.53
CA LEU C 203 19.89 -39.92 -8.79
C LEU C 203 20.29 -39.67 -7.35
N GLY C 204 19.69 -40.42 -6.44
CA GLY C 204 20.08 -40.36 -5.05
C GLY C 204 19.00 -40.80 -4.09
N ASN C 205 19.39 -41.55 -3.06
CA ASN C 205 18.51 -41.97 -1.97
C ASN C 205 17.23 -42.62 -2.51
N GLU C 206 17.41 -43.61 -3.38
CA GLU C 206 16.37 -44.55 -3.80
C GLU C 206 15.34 -43.92 -4.73
N ILE C 207 15.64 -42.78 -5.35
CA ILE C 207 14.73 -42.16 -6.31
C ILE C 207 15.53 -41.59 -7.47
N ASP C 208 15.01 -41.82 -8.68
CA ASP C 208 15.67 -41.32 -9.91
C ASP C 208 14.69 -40.44 -10.69
N ILE C 209 15.17 -39.33 -11.25
CA ILE C 209 14.33 -38.40 -12.00
C ILE C 209 14.92 -38.26 -13.40
N GLU C 210 14.07 -38.44 -14.41
CA GLU C 210 14.48 -38.32 -15.81
C GLU C 210 13.74 -37.17 -16.48
N CYS C 211 14.48 -36.27 -17.10
CA CYS C 211 13.91 -35.14 -17.82
C CYS C 211 14.36 -35.18 -19.27
N ILE C 212 13.43 -34.87 -20.18
CA ILE C 212 13.69 -34.85 -21.61
C ILE C 212 13.01 -33.72 -22.36
N MET C 213 13.40 -33.51 -23.61
CA MET C 213 12.75 -32.49 -24.42
C MET C 213 11.35 -32.81 -24.90
N GLU C 214 10.43 -31.86 -24.73
CA GLU C 214 9.04 -32.10 -25.13
C GLU C 214 9.06 -32.21 -26.64
N ASP C 215 9.77 -31.32 -27.32
CA ASP C 215 9.76 -31.26 -28.78
C ASP C 215 10.96 -31.95 -29.41
N GLY C 216 11.82 -32.59 -28.63
CA GLY C 216 13.01 -33.21 -29.19
C GLY C 216 14.10 -32.21 -29.48
N GLU C 217 15.09 -32.65 -30.23
CA GLU C 217 16.24 -31.80 -30.55
C GLU C 217 15.79 -30.58 -31.35
N ILE C 218 16.37 -29.42 -31.02
CA ILE C 218 16.03 -28.18 -31.76
C ILE C 218 16.51 -28.35 -33.19
N SER C 219 17.81 -28.63 -33.38
CA SER C 219 18.43 -28.80 -34.72
C SER C 219 18.73 -27.42 -35.26
N GLN C 220 18.45 -26.39 -34.46
CA GLN C 220 18.76 -24.99 -34.86
C GLN C 220 19.34 -24.26 -33.64
N VAL C 221 20.59 -23.81 -33.76
CA VAL C 221 21.23 -23.06 -32.64
C VAL C 221 21.16 -21.57 -32.98
N LEU C 222 20.80 -20.76 -31.99
CA LEU C 222 20.71 -19.29 -32.20
C LEU C 222 21.74 -18.64 -31.29
N PRO C 223 22.62 -17.74 -31.77
CA PRO C 223 23.55 -17.03 -30.89
C PRO C 223 22.64 -16.52 -29.78
N GLY C 224 21.49 -15.95 -30.15
CA GLY C 224 20.50 -15.55 -29.13
C GLY C 224 19.95 -16.79 -28.46
N ASP C 225 19.49 -16.69 -27.22
CA ASP C 225 19.09 -17.94 -26.54
C ASP C 225 17.93 -18.61 -27.29
N ASN C 226 18.00 -19.94 -27.49
CA ASN C 226 16.87 -20.69 -28.10
C ASN C 226 16.29 -21.58 -26.99
N LYS C 227 15.14 -21.21 -26.43
CA LYS C 227 14.65 -21.93 -25.22
C LYS C 227 14.04 -23.28 -25.59
N PHE C 228 13.81 -24.13 -24.56
CA PHE C 228 13.24 -25.47 -24.83
C PHE C 228 12.52 -25.97 -23.58
N ASN C 229 11.27 -26.44 -23.71
CA ASN C 229 10.58 -27.03 -22.57
C ASN C 229 11.13 -28.42 -22.28
N ILE C 230 11.09 -28.79 -21.00
CA ILE C 230 11.52 -30.12 -20.58
C ILE C 230 10.42 -30.75 -19.74
N THR C 231 10.21 -32.04 -19.92
CA THR C 231 9.28 -32.82 -19.11
C THR C 231 10.09 -33.78 -18.24
N CYS C 232 9.78 -33.80 -16.96
CA CYS C 232 10.49 -34.64 -15.99
C CYS C 232 9.56 -35.72 -15.49
N SER C 233 10.08 -36.95 -15.43
CA SER C 233 9.30 -38.06 -14.88
C SER C 233 8.89 -37.74 -13.45
N GLY C 234 7.60 -37.90 -13.17
CA GLY C 234 7.03 -37.55 -11.89
C GLY C 234 5.75 -36.78 -12.06
N TYR C 235 5.20 -36.30 -10.94
CA TYR C 235 3.99 -35.47 -10.99
C TYR C 235 4.43 -34.04 -11.31
N GLU C 236 4.20 -33.59 -12.55
CA GLU C 236 4.74 -32.27 -12.98
C GLU C 236 4.10 -31.11 -12.19
N SER C 237 4.92 -30.13 -11.79
CA SER C 237 4.43 -28.94 -11.05
C SER C 237 3.76 -27.93 -12.00
N HIS C 238 2.95 -27.03 -11.45
CA HIS C 238 2.33 -25.97 -12.26
C HIS C 238 3.44 -25.11 -12.86
N VAL C 239 4.49 -24.83 -12.07
CA VAL C 239 5.63 -24.03 -12.57
C VAL C 239 6.24 -24.72 -13.80
N PRO C 240 6.24 -24.09 -14.99
CA PRO C 240 6.87 -24.67 -16.18
C PRO C 240 8.34 -24.96 -15.91
N SER C 241 8.78 -26.12 -16.39
CA SER C 241 10.17 -26.55 -16.23
C SER C 241 10.82 -26.57 -17.59
N GLY C 242 11.99 -25.96 -17.69
CA GLY C 242 12.68 -25.88 -18.96
C GLY C 242 14.13 -25.50 -18.79
N GLY C 243 14.76 -25.18 -19.91
CA GLY C 243 16.15 -24.78 -19.90
C GLY C 243 16.47 -23.94 -21.11
N ILE C 244 17.76 -23.63 -21.26
CA ILE C 244 18.21 -22.83 -22.40
C ILE C 244 19.70 -23.08 -22.60
N LEU C 245 20.08 -23.29 -23.86
CA LEU C 245 21.48 -23.34 -24.28
C LEU C 245 21.78 -22.10 -25.12
N THR C 246 22.85 -21.40 -24.76
CA THR C 246 23.24 -20.16 -25.42
C THR C 246 24.61 -20.33 -26.07
N SER C 247 24.72 -19.90 -27.33
CA SER C 247 25.99 -19.98 -28.04
C SER C 247 27.01 -19.06 -27.40
N THR C 248 28.25 -19.53 -27.32
CA THR C 248 29.32 -18.77 -26.70
C THR C 248 30.54 -18.68 -27.62
N SER C 263 26.64 -21.95 -23.20
CA SER C 263 26.25 -22.21 -21.82
C SER C 263 24.83 -22.76 -21.76
N LEU C 264 24.59 -23.69 -20.83
CA LEU C 264 23.30 -24.36 -20.70
C LEU C 264 22.77 -24.22 -19.29
N ARG C 265 21.55 -23.70 -19.17
CA ARG C 265 20.87 -23.55 -17.89
CA ARG C 265 20.87 -23.55 -17.89
C ARG C 265 19.65 -24.45 -17.89
N LEU C 266 19.39 -25.10 -16.74
CA LEU C 266 18.28 -26.03 -16.62
C LEU C 266 17.48 -25.74 -15.36
N THR C 267 16.15 -25.89 -15.45
CA THR C 267 15.24 -25.75 -14.31
C THR C 267 14.23 -26.89 -14.31
N PRO C 268 14.63 -28.10 -13.88
CA PRO C 268 13.66 -29.17 -13.65
C PRO C 268 12.93 -28.96 -12.33
N ARG C 269 11.61 -28.94 -12.42
CA ARG C 269 10.73 -28.51 -11.33
C ARG C 269 10.43 -29.55 -10.25
N PRO C 270 10.28 -30.85 -10.56
CA PRO C 270 9.85 -31.78 -9.49
C PRO C 270 10.95 -32.22 -8.53
N VAL C 271 12.10 -31.54 -8.49
CA VAL C 271 13.19 -31.99 -7.62
C VAL C 271 12.74 -31.96 -6.16
N SER C 272 12.95 -33.08 -5.46
CA SER C 272 12.42 -33.27 -4.12
C SER C 272 13.53 -33.58 -3.12
N ARG C 273 13.33 -33.09 -1.89
CA ARG C 273 14.34 -33.25 -0.83
C ARG C 273 14.64 -34.70 -0.51
N PHE C 274 13.73 -35.63 -0.86
CA PHE C 274 13.96 -37.03 -0.57
C PHE C 274 15.20 -37.57 -1.27
N LEU C 275 15.68 -36.88 -2.31
CA LEU C 275 16.97 -37.24 -2.91
C LEU C 275 18.10 -37.21 -1.89
N GLY C 276 17.96 -36.39 -0.85
CA GLY C 276 19.00 -36.27 0.16
C GLY C 276 20.13 -35.39 -0.30
N ASN C 277 21.09 -35.18 0.61
CA ASN C 277 22.28 -34.45 0.25
C ASN C 277 23.17 -35.29 -0.66
N ASN C 278 24.17 -34.64 -1.26
CA ASN C 278 25.23 -35.23 -2.07
C ASN C 278 24.72 -36.02 -3.28
N SER C 279 23.44 -35.91 -3.61
CA SER C 279 22.93 -36.53 -4.82
C SER C 279 23.51 -35.83 -6.06
N ILE C 280 23.49 -36.55 -7.17
CA ILE C 280 24.17 -36.12 -8.39
C ILE C 280 23.14 -35.85 -9.48
N LEU C 281 23.35 -34.76 -10.23
CA LEU C 281 22.61 -34.47 -11.44
C LEU C 281 23.50 -34.77 -12.64
N TYR C 282 23.07 -35.70 -13.48
CA TYR C 282 23.81 -36.08 -14.68
C TYR C 282 23.16 -35.42 -15.90
N VAL C 283 23.99 -34.80 -16.73
CA VAL C 283 23.53 -34.10 -17.92
C VAL C 283 24.17 -34.77 -19.13
N PHE C 284 23.37 -35.49 -19.92
CA PHE C 284 23.83 -36.16 -21.12
C PHE C 284 23.48 -35.31 -22.33
N TYR C 285 24.47 -34.99 -23.15
CA TYR C 285 24.23 -34.16 -24.32
C TYR C 285 25.02 -34.69 -25.51
N SER C 286 24.59 -34.26 -26.69
CA SER C 286 25.09 -34.83 -27.94
C SER C 286 25.05 -33.78 -29.04
N GLY C 287 25.72 -34.10 -30.14
CA GLY C 287 25.71 -33.27 -31.33
C GLY C 287 26.41 -31.94 -31.16
N GLY C 294 29.47 -40.74 -34.30
CA GLY C 294 28.65 -40.76 -33.11
C GLY C 294 29.36 -40.25 -31.87
N GLY C 295 29.21 -38.96 -31.60
CA GLY C 295 29.86 -38.32 -30.46
C GLY C 295 28.81 -37.90 -29.43
N ASP C 296 29.03 -38.36 -28.19
CA ASP C 296 28.12 -38.08 -27.10
C ASP C 296 28.93 -37.66 -25.88
N TYR C 297 28.29 -36.92 -24.98
CA TYR C 297 28.96 -36.37 -23.81
C TYR C 297 28.03 -36.42 -22.60
N CYS C 298 28.64 -36.37 -21.41
CA CYS C 298 27.88 -36.35 -20.16
C CYS C 298 28.62 -35.52 -19.11
N ILE C 299 27.88 -34.65 -18.44
CA ILE C 299 28.41 -33.83 -17.36
C ILE C 299 27.60 -34.11 -16.10
N GLN C 300 28.30 -34.43 -15.01
CA GLN C 300 27.67 -34.66 -13.71
C GLN C 300 27.91 -33.46 -12.80
N SER C 301 26.95 -33.22 -11.90
CA SER C 301 27.04 -32.09 -10.98
C SER C 301 26.31 -32.44 -9.69
N ASN C 302 26.95 -32.12 -8.56
CA ASN C 302 26.33 -32.35 -7.26
C ASN C 302 25.22 -31.33 -7.01
N ILE C 303 24.19 -31.78 -6.31
CA ILE C 303 23.02 -30.95 -6.01
C ILE C 303 22.88 -30.81 -4.50
N VAL C 304 22.51 -29.61 -4.07
CA VAL C 304 22.29 -29.31 -2.65
C VAL C 304 20.92 -28.68 -2.50
N PHE C 305 20.22 -29.04 -1.41
CA PHE C 305 18.88 -28.54 -1.13
C PHE C 305 18.99 -27.37 -0.15
N SER C 306 18.72 -26.17 -0.66
CA SER C 306 18.72 -25.00 0.20
C SER C 306 17.56 -25.06 1.17
N ASP C 307 17.80 -24.59 2.39
CA ASP C 307 16.78 -24.62 3.44
C ASP C 307 16.02 -23.31 3.57
N GLU C 308 16.43 -22.26 2.87
CA GLU C 308 15.76 -20.97 2.95
C GLU C 308 14.68 -20.87 1.88
N ILE C 309 13.57 -20.25 2.25
CA ILE C 309 12.45 -20.08 1.30
C ILE C 309 12.89 -19.12 0.20
N PRO C 310 12.58 -19.41 -1.07
CA PRO C 310 13.08 -18.55 -2.16
C PRO C 310 12.53 -17.13 -2.12
N ALA C 311 11.30 -16.96 -1.62
CA ALA C 311 10.69 -15.65 -1.51
C ALA C 311 9.72 -15.67 -0.32
N SER C 312 9.15 -14.51 -0.02
CA SER C 312 8.25 -14.41 1.12
C SER C 312 7.11 -15.39 1.01
N GLN C 313 6.84 -16.11 2.09
CA GLN C 313 5.72 -17.05 2.13
C GLN C 313 4.37 -16.34 2.13
N ASP C 314 4.35 -15.02 2.35
CA ASP C 314 3.10 -14.28 2.37
C ASP C 314 2.39 -14.40 1.03
N MET C 315 1.08 -14.54 1.10
CA MET C 315 0.28 -14.59 -0.11
C MET C 315 0.30 -13.22 -0.79
N PRO C 316 0.18 -13.17 -2.12
CA PRO C 316 0.18 -11.87 -2.80
C PRO C 316 -1.00 -11.02 -2.34
N THR C 317 -0.72 -9.76 -2.00
CA THR C 317 -1.73 -8.86 -1.48
C THR C 317 -1.63 -7.52 -2.19
N ASN C 318 -2.77 -7.02 -2.68
CA ASN C 318 -2.82 -5.72 -3.30
C ASN C 318 -3.05 -4.63 -2.25
N THR C 319 -2.45 -3.48 -2.48
CA THR C 319 -2.46 -2.38 -1.54
C THR C 319 -3.35 -1.25 -2.08
N THR C 320 -4.27 -0.78 -1.25
CA THR C 320 -5.21 0.27 -1.61
C THR C 320 -5.13 1.38 -0.58
N ASP C 321 -5.31 2.62 -1.03
CA ASP C 321 -5.20 3.80 -0.18
C ASP C 321 -6.59 4.42 0.01
N ILE C 322 -7.07 4.40 1.24
CA ILE C 322 -8.35 5.02 1.61
C ILE C 322 -8.04 6.20 2.54
N THR C 323 -8.51 7.38 2.18
CA THR C 323 -8.26 8.59 2.94
C THR C 323 -9.48 8.99 3.75
N TYR C 324 -9.23 9.39 5.00
CA TYR C 324 -10.33 9.85 5.90
C TYR C 324 -9.94 11.21 6.49
N VAL C 325 -10.81 12.21 6.31
CA VAL C 325 -10.56 13.55 6.90
C VAL C 325 -11.16 13.57 8.32
N GLY C 326 -11.89 12.51 8.68
CA GLY C 326 -12.57 12.42 9.99
C GLY C 326 -12.23 11.09 10.62
N ASP C 327 -12.37 10.93 11.94
CA ASP C 327 -11.88 9.70 12.60
C ASP C 327 -12.58 8.47 12.02
N ASN C 328 -13.88 8.57 11.73
CA ASN C 328 -14.56 7.44 11.05
C ASN C 328 -13.98 7.25 9.64
N ALA C 329 -13.84 6.00 9.19
CA ALA C 329 -13.35 5.72 7.82
C ALA C 329 -14.07 4.48 7.28
N THR C 330 -14.12 4.28 5.95
CA THR C 330 -14.89 3.15 5.46
C THR C 330 -14.25 2.63 4.17
N TYR C 331 -14.20 1.30 4.06
CA TYR C 331 -13.71 0.62 2.86
C TYR C 331 -14.76 -0.39 2.41
N SER C 332 -14.83 -0.62 1.12
CA SER C 332 -15.76 -1.57 0.52
C SER C 332 -14.98 -2.77 -0.01
N VAL C 333 -15.35 -3.97 0.45
CA VAL C 333 -14.74 -5.20 0.00
C VAL C 333 -15.61 -5.76 -1.12
N PRO C 334 -15.14 -5.76 -2.37
CA PRO C 334 -15.99 -6.23 -3.47
C PRO C 334 -16.15 -7.74 -3.46
N MET C 335 -16.91 -8.27 -4.40
CA MET C 335 -17.03 -9.72 -4.50
C MET C 335 -15.69 -10.32 -4.87
N VAL C 336 -15.43 -11.51 -4.34
CA VAL C 336 -14.10 -12.09 -4.45
C VAL C 336 -13.91 -12.68 -5.83
N THR C 337 -12.83 -12.28 -6.51
CA THR C 337 -12.29 -12.87 -7.74
C THR C 337 -13.37 -13.17 -8.78
N SER C 338 -14.50 -12.46 -8.75
CA SER C 338 -15.63 -12.57 -9.68
C SER C 338 -16.32 -13.92 -9.65
N GLU C 339 -15.89 -14.86 -8.82
CA GLU C 339 -16.47 -16.21 -8.81
C GLU C 339 -17.51 -16.37 -7.71
N ASP C 340 -18.43 -17.30 -7.95
CA ASP C 340 -19.53 -17.63 -7.06
C ASP C 340 -20.22 -16.37 -6.52
N ALA C 341 -20.75 -15.60 -7.47
CA ALA C 341 -21.71 -14.57 -7.10
C ALA C 341 -22.94 -15.25 -6.50
N ASN C 342 -23.53 -14.59 -5.48
CA ASN C 342 -24.61 -15.14 -4.64
C ASN C 342 -24.24 -16.50 -4.03
N SER C 343 -23.05 -16.54 -3.42
CA SER C 343 -22.48 -17.75 -2.86
C SER C 343 -23.24 -18.24 -1.63
N PRO C 344 -23.19 -19.55 -1.34
CA PRO C 344 -23.75 -20.03 -0.07
C PRO C 344 -22.95 -19.61 1.16
N ASN C 345 -21.62 -19.64 1.08
CA ASN C 345 -20.75 -19.23 2.18
C ASN C 345 -19.89 -18.07 1.73
N VAL C 346 -19.85 -17.01 2.54
CA VAL C 346 -18.95 -15.88 2.32
C VAL C 346 -18.31 -15.50 3.65
N THR C 347 -16.98 -15.45 3.68
CA THR C 347 -16.24 -15.13 4.90
C THR C 347 -15.31 -13.96 4.65
N VAL C 348 -15.35 -12.97 5.54
CA VAL C 348 -14.51 -11.78 5.46
C VAL C 348 -13.76 -11.66 6.78
N THR C 349 -12.44 -11.47 6.71
CA THR C 349 -11.59 -11.32 7.89
C THR C 349 -10.82 -10.02 7.80
N ALA C 350 -10.47 -9.48 8.97
CA ALA C 350 -9.72 -8.23 9.03
C ALA C 350 -8.89 -8.21 10.30
N PHE C 351 -7.67 -7.69 10.21
CA PHE C 351 -6.83 -7.51 11.38
C PHE C 351 -5.80 -6.42 11.09
N TRP C 352 -5.20 -5.91 12.16
CA TRP C 352 -4.27 -4.81 12.04
C TRP C 352 -2.87 -5.30 11.71
N ALA C 353 -2.12 -4.47 10.98
CA ALA C 353 -0.80 -4.85 10.52
C ALA C 353 0.13 -5.12 11.70
N TRP C 354 0.96 -6.14 11.55
CA TRP C 354 1.92 -6.56 12.57
C TRP C 354 1.29 -6.80 13.94
N PRO C 355 0.32 -7.71 14.05
CA PRO C 355 -0.26 -7.99 15.36
C PRO C 355 0.74 -8.68 16.26
N ASN C 356 0.55 -8.52 17.56
CA ASN C 356 1.46 -9.12 18.55
C ASN C 356 0.84 -10.21 19.41
N ASN C 357 -0.49 -10.24 19.54
CA ASN C 357 -1.17 -11.19 20.41
C ASN C 357 -2.17 -11.99 19.58
N THR C 358 -2.01 -13.32 19.60
CA THR C 358 -2.94 -14.18 18.88
C THR C 358 -4.28 -14.32 19.58
N GLU C 359 -4.35 -14.02 20.88
CA GLU C 359 -5.57 -14.25 21.65
C GLU C 359 -6.58 -13.12 21.52
N THR C 360 -6.20 -11.98 20.92
CA THR C 360 -7.14 -10.86 20.78
C THR C 360 -7.16 -10.21 19.41
N ASP C 361 -6.11 -10.33 18.59
CA ASP C 361 -6.02 -9.55 17.36
C ASP C 361 -6.75 -10.16 16.18
N PHE C 362 -7.30 -11.38 16.33
CA PHE C 362 -7.90 -12.07 15.20
C PHE C 362 -9.35 -12.45 15.47
N LYS C 363 -10.13 -11.51 15.98
CA LYS C 363 -11.54 -11.73 16.28
C LYS C 363 -12.48 -11.15 15.22
N CYS C 364 -11.97 -10.28 14.35
CA CYS C 364 -12.82 -9.58 13.37
C CYS C 364 -13.06 -10.50 12.17
N LYS C 365 -14.05 -11.37 12.32
CA LYS C 365 -14.47 -12.30 11.28
C LYS C 365 -15.98 -12.19 11.08
N TRP C 366 -16.40 -12.17 9.81
CA TRP C 366 -17.81 -12.04 9.47
C TRP C 366 -18.21 -13.11 8.46
N THR C 367 -19.46 -13.55 8.56
CA THR C 367 -20.07 -14.47 7.60
C THR C 367 -21.48 -13.97 7.32
N LEU C 368 -22.13 -14.59 6.33
CA LEU C 368 -23.52 -14.23 6.03
C LEU C 368 -24.42 -14.50 7.23
N THR C 369 -24.25 -15.65 7.89
CA THR C 369 -25.07 -15.98 9.03
C THR C 369 -24.54 -15.33 10.30
N SER C 370 -23.22 -15.22 10.43
CA SER C 370 -22.64 -14.64 11.63
C SER C 370 -23.01 -13.17 11.76
N GLY C 371 -23.27 -12.74 12.99
CA GLY C 371 -23.57 -11.35 13.26
C GLY C 371 -22.33 -10.55 13.60
N THR C 372 -22.45 -9.62 14.54
CA THR C 372 -21.31 -8.82 14.96
C THR C 372 -20.38 -9.67 15.82
N PRO C 373 -19.10 -9.79 15.45
CA PRO C 373 -18.17 -10.59 16.27
C PRO C 373 -17.93 -9.96 17.64
N SER C 374 -17.64 -10.81 18.62
CA SER C 374 -17.56 -10.37 20.01
C SER C 374 -16.31 -9.54 20.25
N GLY C 375 -15.14 -10.10 19.97
CA GLY C 375 -13.88 -9.46 20.32
C GLY C 375 -13.40 -8.39 19.36
N CYS C 376 -14.14 -8.12 18.29
CA CYS C 376 -13.74 -7.10 17.32
C CYS C 376 -14.03 -5.72 17.88
N GLU C 377 -12.98 -4.91 18.04
CA GLU C 377 -13.08 -3.61 18.69
C GLU C 377 -12.88 -2.49 17.67
N ASN C 378 -13.84 -1.58 17.61
CA ASN C 378 -13.78 -0.38 16.76
C ASN C 378 -13.68 -0.74 15.28
N ILE C 379 -14.23 -1.89 14.89
CA ILE C 379 -14.41 -2.24 13.49
C ILE C 379 -15.79 -2.85 13.34
N SER C 380 -16.55 -2.41 12.33
CA SER C 380 -17.88 -2.92 12.07
C SER C 380 -18.03 -3.22 10.58
N GLY C 381 -18.84 -4.22 10.27
CA GLY C 381 -19.03 -4.63 8.89
C GLY C 381 -20.39 -5.27 8.71
N ALA C 382 -20.92 -5.13 7.50
CA ALA C 382 -22.23 -5.71 7.15
C ALA C 382 -22.28 -5.94 5.65
N PHE C 383 -23.04 -6.98 5.29
CA PHE C 383 -23.12 -7.38 3.86
C PHE C 383 -24.26 -6.61 3.19
N ALA C 384 -23.91 -5.61 2.41
CA ALA C 384 -24.92 -4.85 1.64
C ALA C 384 -25.40 -5.73 0.49
N SER C 385 -26.54 -5.38 -0.10
CA SER C 385 -27.03 -6.13 -1.29
C SER C 385 -25.88 -6.27 -2.29
N ASN C 386 -25.80 -7.37 -3.04
CA ASN C 386 -24.70 -7.63 -4.00
C ASN C 386 -23.46 -8.00 -3.18
N ARG C 387 -23.61 -8.19 -1.86
CA ARG C 387 -22.51 -8.73 -1.01
C ARG C 387 -21.34 -7.74 -0.97
N THR C 388 -21.59 -6.46 -1.28
CA THR C 388 -20.48 -5.49 -1.15
C THR C 388 -20.30 -5.32 0.36
N PHE C 389 -19.32 -6.00 0.93
CA PHE C 389 -19.09 -5.92 2.37
C PHE C 389 -18.44 -4.58 2.69
N ASP C 390 -19.13 -3.75 3.46
CA ASP C 390 -18.64 -2.45 3.85
C ASP C 390 -18.12 -2.52 5.29
N ILE C 391 -16.88 -2.10 5.48
CA ILE C 391 -16.22 -2.14 6.79
C ILE C 391 -16.08 -0.71 7.28
N THR C 392 -16.56 -0.45 8.50
CA THR C 392 -16.38 0.82 9.17
C THR C 392 -15.24 0.66 10.18
N VAL C 393 -14.09 1.23 9.87
CA VAL C 393 -12.88 1.05 10.67
C VAL C 393 -12.74 2.20 11.65
N SER C 394 -13.83 2.94 11.84
CA SER C 394 -13.81 4.15 12.66
C SER C 394 -13.30 3.86 14.07
N GLY C 395 -12.46 4.75 14.58
CA GLY C 395 -11.85 4.60 15.87
C GLY C 395 -10.39 5.02 15.85
N LEU C 396 -9.79 4.99 14.68
CA LEU C 396 -8.39 5.37 14.52
C LEU C 396 -8.26 6.85 14.20
N GLY C 397 -7.08 7.38 14.47
CA GLY C 397 -6.80 8.78 14.20
C GLY C 397 -5.32 9.05 14.19
N THR C 398 -4.93 10.07 13.42
CA THR C 398 -3.60 10.70 13.41
C THR C 398 -2.46 9.72 13.11
N ALA C 399 -2.77 8.47 12.74
CA ALA C 399 -1.73 7.48 12.50
C ALA C 399 -2.06 6.72 11.22
N PRO C 400 -1.11 6.66 10.27
CA PRO C 400 -1.34 5.83 9.07
C PRO C 400 -1.22 4.35 9.39
N LYS C 401 -2.35 3.65 9.41
CA LYS C 401 -2.39 2.25 9.80
C LYS C 401 -2.95 1.40 8.67
N THR C 402 -2.49 0.16 8.60
CA THR C 402 -2.85 -0.77 7.53
C THR C 402 -3.76 -1.86 8.07
N LEU C 403 -4.89 -2.07 7.39
CA LEU C 403 -5.82 -3.14 7.73
C LEU C 403 -5.77 -4.22 6.67
N ILE C 404 -5.55 -5.45 7.10
CA ILE C 404 -5.43 -6.59 6.20
C ILE C 404 -6.79 -7.26 6.13
N ILE C 405 -7.45 -7.14 4.99
CA ILE C 405 -8.80 -7.66 4.78
C ILE C 405 -8.71 -8.84 3.83
N THR C 406 -9.28 -9.98 4.25
CA THR C 406 -9.30 -11.19 3.44
C THR C 406 -10.75 -11.64 3.27
N ARG C 407 -11.14 -11.94 2.03
CA ARG C 407 -12.49 -12.35 1.71
C ARG C 407 -12.45 -13.62 0.88
N THR C 408 -13.45 -14.48 1.09
CA THR C 408 -13.51 -15.75 0.39
C THR C 408 -14.97 -16.18 0.22
N ALA C 409 -15.17 -17.15 -0.67
CA ALA C 409 -16.48 -17.72 -0.91
C ALA C 409 -16.28 -19.12 -1.48
N THR C 410 -17.35 -19.92 -1.42
CA THR C 410 -17.30 -21.30 -1.93
C THR C 410 -16.84 -21.31 -3.38
N ASN C 411 -15.82 -22.12 -3.70
CA ASN C 411 -15.36 -22.24 -5.11
C ASN C 411 -15.00 -20.84 -5.63
N ALA C 412 -14.40 -20.02 -4.78
CA ALA C 412 -13.99 -18.66 -5.18
C ALA C 412 -12.63 -18.35 -4.55
N THR C 413 -11.60 -18.20 -5.37
CA THR C 413 -10.26 -18.00 -4.83
C THR C 413 -10.26 -16.87 -3.80
N THR C 414 -9.37 -16.98 -2.83
CA THR C 414 -9.30 -16.04 -1.72
C THR C 414 -8.40 -14.86 -2.06
N THR C 415 -8.88 -13.66 -1.79
CA THR C 415 -8.08 -12.45 -1.98
C THR C 415 -7.86 -11.77 -0.64
N THR C 416 -6.70 -11.12 -0.51
CA THR C 416 -6.39 -10.31 0.65
C THR C 416 -5.99 -8.90 0.21
N HIS C 417 -6.56 -7.91 0.88
CA HIS C 417 -6.35 -6.51 0.56
C HIS C 417 -5.54 -5.84 1.67
N LYS C 418 -4.55 -5.06 1.25
CA LYS C 418 -3.81 -4.18 2.15
C LYS C 418 -4.44 -2.79 2.02
N VAL C 419 -5.22 -2.39 3.01
CA VAL C 419 -5.91 -1.11 3.01
C VAL C 419 -5.21 -0.19 4.00
N ILE C 420 -4.63 0.89 3.48
CA ILE C 420 -3.96 1.89 4.29
C ILE C 420 -4.91 3.05 4.55
N PHE C 421 -5.11 3.38 5.81
CA PHE C 421 -5.95 4.50 6.22
C PHE C 421 -5.04 5.67 6.57
N SER C 422 -5.19 6.78 5.85
CA SER C 422 -4.37 7.96 6.02
C SER C 422 -5.25 9.17 6.24
N LYS C 423 -4.91 9.99 7.23
CA LYS C 423 -5.72 11.16 7.53
C LYS C 423 -5.58 12.21 6.44
N ALA C 424 -6.69 12.89 6.13
CA ALA C 424 -6.75 13.94 5.13
C ALA C 424 -7.11 15.27 5.79
N PRO C 425 -6.45 16.36 5.42
CA PRO C 425 -6.67 17.62 6.15
C PRO C 425 -8.08 18.17 6.04
N HIS C 426 -8.70 18.04 4.88
CA HIS C 426 -9.99 18.68 4.63
C HIS C 426 -10.75 17.86 3.60
N HIS C 427 -12.04 18.18 3.45
CA HIS C 427 -12.88 17.57 2.44
C HIS C 427 -12.73 18.29 1.11
N HIS C 428 -13.13 17.60 0.04
CA HIS C 428 -13.17 18.11 -1.33
C HIS C 428 -11.79 18.38 -1.90
N HIS C 429 -10.71 18.17 -1.14
CA HIS C 429 -9.33 18.50 -1.52
C HIS C 429 -9.20 19.77 -2.37
N VAL D 7 12.38 31.00 -16.75
CA VAL D 7 12.38 29.55 -16.63
C VAL D 7 11.13 29.10 -15.88
N CYS D 8 10.24 28.40 -16.59
CA CYS D 8 8.99 27.92 -15.99
C CYS D 8 8.41 26.85 -16.90
N GLN D 9 8.32 25.62 -16.39
CA GLN D 9 8.03 24.46 -17.23
C GLN D 9 6.57 24.04 -17.23
N TYR D 10 5.84 24.24 -16.13
CA TYR D 10 4.43 23.93 -16.08
C TYR D 10 3.72 24.99 -15.25
N THR D 11 2.61 25.53 -15.78
CA THR D 11 1.85 26.58 -15.11
C THR D 11 0.37 26.21 -15.09
N ILE D 12 -0.28 26.51 -13.97
CA ILE D 12 -1.71 26.26 -13.77
C ILE D 12 -2.40 27.59 -13.49
N GLN D 13 -3.55 27.81 -14.12
CA GLN D 13 -4.28 29.06 -13.99
C GLN D 13 -5.45 28.93 -13.02
N SER D 14 -5.85 30.06 -12.44
CA SER D 14 -6.96 30.10 -11.50
C SER D 14 -7.58 31.49 -11.53
N LEU D 15 -8.87 31.57 -11.17
CA LEU D 15 -9.62 32.82 -11.19
C LEU D 15 -10.08 33.14 -9.77
N ILE D 16 -9.82 34.36 -9.34
CA ILE D 16 -9.95 34.75 -7.94
C ILE D 16 -10.87 35.95 -7.84
N HIS D 17 -11.89 35.85 -6.99
CA HIS D 17 -12.81 36.96 -6.75
C HIS D 17 -13.18 36.99 -5.27
N LEU D 18 -13.49 38.20 -4.79
CA LEU D 18 -13.76 38.42 -3.37
C LEU D 18 -15.26 38.47 -3.12
N THR D 19 -15.72 37.69 -2.15
CA THR D 19 -17.12 37.66 -1.75
C THR D 19 -17.33 38.49 -0.50
N GLY D 20 -18.30 39.41 -0.54
CA GLY D 20 -18.55 40.28 0.58
C GLY D 20 -17.48 41.35 0.71
N GLU D 21 -17.45 41.97 1.88
CA GLU D 21 -16.47 43.01 2.16
C GLU D 21 -15.10 42.39 2.39
N ASP D 22 -14.07 43.22 2.25
CA ASP D 22 -12.71 42.77 2.52
C ASP D 22 -12.52 42.59 4.02
N PRO D 23 -12.18 41.38 4.50
CA PRO D 23 -12.01 41.19 5.94
C PRO D 23 -10.71 41.74 6.49
N GLY D 24 -9.75 42.07 5.64
CA GLY D 24 -8.48 42.58 6.12
C GLY D 24 -7.29 41.86 5.52
N PHE D 25 -7.55 40.81 4.74
CA PHE D 25 -6.46 40.01 4.17
C PHE D 25 -6.91 39.39 2.85
N PHE D 26 -5.93 39.12 1.99
CA PHE D 26 -6.15 38.40 0.74
C PHE D 26 -5.64 36.98 0.90
N ASN D 27 -6.45 36.01 0.48
CA ASN D 27 -6.08 34.61 0.54
C ASN D 27 -6.19 33.97 -0.84
N VAL D 28 -5.14 33.27 -1.26
CA VAL D 28 -5.12 32.53 -2.51
C VAL D 28 -4.56 31.14 -2.24
N GLU D 29 -5.27 30.11 -2.71
CA GLU D 29 -4.91 28.73 -2.47
C GLU D 29 -4.33 28.11 -3.72
N ILE D 30 -3.30 27.27 -3.54
CA ILE D 30 -2.62 26.60 -4.65
C ILE D 30 -2.44 25.14 -4.31
N PRO D 31 -3.25 24.24 -4.86
CA PRO D 31 -3.19 22.83 -4.45
C PRO D 31 -2.24 21.97 -5.29
N GLU D 32 -1.89 22.43 -6.49
CA GLU D 32 -1.33 21.55 -7.51
C GLU D 32 0.19 21.40 -7.45
N PHE D 33 0.86 22.08 -6.52
CA PHE D 33 2.30 21.89 -6.38
C PHE D 33 2.59 20.51 -5.80
N PRO D 34 3.64 19.83 -6.27
CA PRO D 34 3.91 18.46 -5.80
C PRO D 34 4.72 18.46 -4.51
N PHE D 35 4.19 17.76 -3.50
CA PHE D 35 4.90 17.47 -2.25
C PHE D 35 5.09 15.96 -2.19
N TYR D 36 6.29 15.51 -2.55
CA TYR D 36 6.54 14.09 -2.76
C TYR D 36 6.45 13.32 -1.45
N PRO D 37 5.87 12.13 -1.46
CA PRO D 37 5.73 11.34 -0.23
C PRO D 37 6.98 10.52 0.05
N THR D 38 7.05 9.99 1.27
CA THR D 38 8.11 9.10 1.73
C THR D 38 9.50 9.67 1.44
N CYS D 39 9.69 10.94 1.81
CA CYS D 39 11.02 11.55 1.78
C CYS D 39 11.06 12.69 2.78
N ASN D 40 11.78 12.49 3.89
CA ASN D 40 11.96 13.51 4.89
C ASN D 40 13.01 14.55 4.49
N VAL D 41 13.69 14.35 3.37
CA VAL D 41 14.71 15.28 2.89
C VAL D 41 14.25 16.11 1.72
N CYS D 42 13.05 15.87 1.19
CA CYS D 42 12.54 16.66 0.08
C CYS D 42 12.26 18.09 0.53
N THR D 43 12.67 19.06 -0.28
CA THR D 43 12.43 20.47 -0.03
C THR D 43 11.95 21.14 -1.31
N ALA D 44 11.68 22.44 -1.22
CA ALA D 44 11.29 23.22 -2.38
C ALA D 44 11.61 24.69 -2.12
N ASP D 45 12.04 25.38 -3.17
CA ASP D 45 12.29 26.82 -3.14
C ASP D 45 11.11 27.54 -3.77
N VAL D 46 10.63 28.59 -3.12
CA VAL D 46 9.38 29.25 -3.50
C VAL D 46 9.61 30.75 -3.61
N ASN D 47 9.15 31.34 -4.72
CA ASN D 47 9.13 32.78 -4.93
C ASN D 47 7.73 33.19 -5.36
N VAL D 48 7.27 34.33 -4.85
CA VAL D 48 5.97 34.88 -5.20
C VAL D 48 6.17 36.28 -5.78
N THR D 49 5.61 36.51 -6.97
CA THR D 49 5.62 37.82 -7.60
C THR D 49 4.19 38.32 -7.67
N ILE D 50 3.95 39.51 -7.13
CA ILE D 50 2.62 40.10 -7.05
C ILE D 50 2.58 41.30 -7.98
N ASN D 51 1.65 41.29 -8.93
CA ASN D 51 1.56 42.31 -9.97
C ASN D 51 0.48 43.31 -9.60
N PHE D 52 0.89 44.54 -9.33
CA PHE D 52 -0.04 45.62 -8.99
C PHE D 52 -0.28 46.51 -10.20
N ASP D 53 -1.23 47.44 -10.03
CA ASP D 53 -1.53 48.45 -11.05
C ASP D 53 -1.79 49.75 -10.31
N VAL D 54 -0.80 50.64 -10.29
CA VAL D 54 -0.88 51.90 -9.57
C VAL D 54 -1.13 53.01 -10.59
N GLY D 55 -2.31 53.60 -10.53
CA GLY D 55 -2.64 54.71 -11.41
C GLY D 55 -2.52 54.41 -12.88
N GLY D 56 -2.90 53.20 -13.30
CA GLY D 56 -2.76 52.79 -14.68
C GLY D 56 -1.36 52.33 -15.06
N LYS D 57 -0.42 52.33 -14.14
CA LYS D 57 0.96 51.92 -14.40
C LYS D 57 1.24 50.61 -13.67
N LYS D 58 1.71 49.62 -14.41
CA LYS D 58 2.00 48.32 -13.82
C LYS D 58 3.24 48.39 -12.92
N HIS D 59 3.21 47.62 -11.84
CA HIS D 59 4.33 47.51 -10.92
C HIS D 59 4.24 46.17 -10.21
N GLN D 60 5.39 45.52 -10.04
CA GLN D 60 5.43 44.18 -9.46
C GLN D 60 6.28 44.18 -8.20
N LEU D 61 5.85 43.37 -7.23
CA LEU D 61 6.57 43.16 -5.97
C LEU D 61 7.08 41.72 -5.93
N ASP D 62 8.38 41.55 -5.74
CA ASP D 62 9.00 40.23 -5.72
C ASP D 62 9.29 39.82 -4.29
N LEU D 63 8.91 38.60 -3.93
CA LEU D 63 9.12 38.06 -2.60
C LEU D 63 9.98 36.80 -2.68
N ASP D 64 10.79 36.59 -1.65
CA ASP D 64 11.66 35.43 -1.55
C ASP D 64 11.27 34.67 -0.29
N PHE D 65 10.59 33.55 -0.45
CA PHE D 65 10.13 32.74 0.68
C PHE D 65 11.14 31.68 1.09
N GLY D 66 12.27 31.57 0.40
CA GLY D 66 13.31 30.66 0.81
C GLY D 66 12.99 29.21 0.46
N GLN D 67 13.49 28.30 1.30
CA GLN D 67 13.34 26.87 1.12
C GLN D 67 12.30 26.33 2.09
N LEU D 68 11.44 25.44 1.61
CA LEU D 68 10.39 24.84 2.42
C LEU D 68 10.83 23.51 2.99
N THR D 69 10.37 23.23 4.20
CA THR D 69 10.60 21.96 4.89
C THR D 69 9.25 21.45 5.35
N PRO D 70 8.52 20.76 4.48
CA PRO D 70 7.11 20.44 4.78
C PRO D 70 6.91 19.62 6.05
N HIS D 71 7.87 18.79 6.42
CA HIS D 71 7.69 17.90 7.56
C HIS D 71 8.02 18.55 8.90
N THR D 72 8.61 19.74 8.91
CA THR D 72 8.91 20.43 10.17
C THR D 72 8.32 21.82 10.28
N LYS D 73 8.30 22.59 9.19
CA LYS D 73 7.81 23.97 9.22
C LYS D 73 6.55 24.07 8.38
N ALA D 74 5.51 24.70 8.93
CA ALA D 74 4.22 24.83 8.27
C ALA D 74 3.89 26.25 7.83
N VAL D 75 4.47 27.26 8.48
CA VAL D 75 4.18 28.66 8.20
C VAL D 75 5.48 29.36 7.83
N TYR D 76 5.44 30.17 6.78
CA TYR D 76 6.62 30.84 6.27
C TYR D 76 6.33 32.31 6.01
N GLN D 77 7.36 33.14 6.18
CA GLN D 77 7.35 34.56 5.87
C GLN D 77 8.46 34.86 4.88
N PRO D 78 8.27 35.83 3.98
CA PRO D 78 9.32 36.11 2.99
C PRO D 78 10.57 36.66 3.65
N ARG D 79 11.72 36.12 3.27
CA ARG D 79 13.00 36.54 3.80
C ARG D 79 13.66 37.63 2.96
N GLY D 80 12.95 38.16 1.97
CA GLY D 80 13.45 39.25 1.15
C GLY D 80 12.40 39.77 0.20
N ALA D 81 12.42 41.07 -0.09
CA ALA D 81 11.45 41.69 -0.97
C ALA D 81 12.14 42.68 -1.89
N PHE D 82 11.67 42.74 -3.13
CA PHE D 82 12.15 43.71 -4.12
C PHE D 82 10.99 44.61 -4.49
N GLY D 83 11.25 45.92 -4.50
CA GLY D 83 10.19 46.87 -4.84
C GLY D 83 9.06 46.89 -3.83
N GLY D 84 9.39 46.76 -2.54
CA GLY D 84 8.40 46.74 -1.49
C GLY D 84 8.60 47.90 -0.51
N SER D 85 7.58 48.11 0.30
CA SER D 85 7.55 49.24 1.23
C SER D 85 8.37 48.91 2.48
N GLU D 86 8.25 49.76 3.50
CA GLU D 86 8.88 49.50 4.79
C GLU D 86 8.25 48.28 5.43
N ASN D 87 9.08 47.28 5.76
CA ASN D 87 8.63 46.04 6.38
C ASN D 87 7.52 45.39 5.56
N ALA D 88 7.71 45.37 4.24
CA ALA D 88 6.74 44.73 3.36
C ALA D 88 6.63 43.24 3.63
N THR D 89 7.74 42.59 4.03
CA THR D 89 7.72 41.16 4.28
C THR D 89 6.76 40.79 5.41
N ASN D 90 6.51 41.73 6.32
CA ASN D 90 5.62 41.47 7.45
C ASN D 90 4.17 41.30 7.06
N LEU D 91 3.80 41.61 5.81
CA LEU D 91 2.42 41.56 5.37
C LEU D 91 2.10 40.34 4.52
N PHE D 92 2.91 39.28 4.61
CA PHE D 92 2.74 38.10 3.78
C PHE D 92 2.91 36.83 4.61
N LEU D 93 2.25 35.77 4.14
CA LEU D 93 2.29 34.48 4.83
C LEU D 93 2.08 33.37 3.82
N LEU D 94 2.96 32.37 3.85
CA LEU D 94 2.80 31.13 3.10
C LEU D 94 2.52 30.01 4.10
N GLU D 95 1.41 29.30 3.92
CA GLU D 95 0.99 28.28 4.86
C GLU D 95 0.71 26.98 4.12
N LEU D 96 1.12 25.88 4.73
CA LEU D 96 0.88 24.56 4.17
C LEU D 96 -0.41 24.00 4.76
N LEU D 97 -1.41 23.79 3.90
CA LEU D 97 -2.74 23.37 4.33
C LEU D 97 -2.89 21.87 4.44
N GLY D 98 -1.92 21.10 3.99
CA GLY D 98 -2.02 19.65 4.04
C GLY D 98 -2.30 19.05 2.67
N ALA D 99 -1.89 17.79 2.51
CA ALA D 99 -2.13 17.04 1.27
C ALA D 99 -1.63 17.78 0.04
N GLY D 100 -0.43 18.36 0.14
CA GLY D 100 0.20 19.03 -0.98
C GLY D 100 -0.35 20.38 -1.32
N GLU D 101 -1.15 20.99 -0.46
CA GLU D 101 -1.77 22.28 -0.74
C GLU D 101 -1.18 23.36 0.15
N LEU D 102 -1.03 24.56 -0.40
CA LEU D 102 -0.54 25.71 0.34
C LEU D 102 -1.40 26.92 0.07
N ALA D 103 -1.32 27.90 0.96
CA ALA D 103 -2.04 29.15 0.81
C ALA D 103 -1.08 30.32 0.96
N LEU D 104 -1.25 31.34 0.12
CA LEU D 104 -0.51 32.59 0.24
C LEU D 104 -1.47 33.67 0.73
N THR D 105 -1.09 34.33 1.82
CA THR D 105 -1.92 35.34 2.45
C THR D 105 -1.21 36.69 2.47
N MET D 106 -1.94 37.74 2.13
CA MET D 106 -1.42 39.10 2.14
C MET D 106 -2.39 40.00 2.89
N ARG D 107 -1.85 40.86 3.76
CA ARG D 107 -2.69 41.85 4.42
C ARG D 107 -3.18 42.88 3.41
N SER D 108 -4.46 43.23 3.50
CA SER D 108 -5.11 44.01 2.46
C SER D 108 -5.20 45.50 2.77
N LYS D 109 -5.21 45.89 4.04
CA LYS D 109 -5.43 47.29 4.41
C LYS D 109 -4.18 48.12 4.64
N LYS D 110 -3.04 47.69 4.11
CA LYS D 110 -1.83 48.50 4.08
C LYS D 110 -1.09 48.14 2.81
N LEU D 111 -0.31 49.09 2.29
CA LEU D 111 0.34 48.92 0.99
C LEU D 111 1.70 48.26 1.09
N PRO D 112 1.91 47.10 0.47
CA PRO D 112 3.25 46.50 0.46
C PRO D 112 4.23 47.21 -0.45
N ILE D 113 3.80 48.22 -1.20
CA ILE D 113 4.66 49.01 -2.06
C ILE D 113 4.57 50.46 -1.61
N ASN D 114 5.73 51.09 -1.42
CA ASN D 114 5.79 52.51 -1.07
C ASN D 114 5.97 53.39 -2.30
N VAL D 115 5.78 52.83 -3.50
CA VAL D 115 6.04 53.58 -4.73
C VAL D 115 5.03 54.71 -4.90
N THR D 116 3.78 54.48 -4.52
CA THR D 116 2.69 55.39 -4.86
C THR D 116 2.59 56.50 -3.81
N THR D 117 3.54 57.45 -3.91
CA THR D 117 3.49 58.62 -3.04
C THR D 117 2.37 59.56 -3.46
N GLY D 118 2.17 59.73 -4.77
CA GLY D 118 1.18 60.68 -5.24
C GLY D 118 -0.24 60.30 -4.87
N GLU D 119 -0.65 59.06 -5.19
CA GLU D 119 -1.99 58.58 -4.87
C GLU D 119 -1.88 57.22 -4.18
N GLU D 120 -1.70 57.27 -2.86
CA GLU D 120 -1.57 56.04 -2.09
C GLU D 120 -2.90 55.33 -1.95
N GLN D 121 -4.01 56.07 -1.88
CA GLN D 121 -5.32 55.47 -1.70
C GLN D 121 -5.76 54.63 -2.89
N GLN D 122 -4.98 54.61 -3.97
CA GLN D 122 -5.26 53.76 -5.14
C GLN D 122 -4.09 52.82 -5.37
N VAL D 123 -4.30 51.54 -5.13
CA VAL D 123 -3.44 50.47 -5.62
C VAL D 123 -4.34 49.31 -6.01
N SER D 124 -4.06 48.68 -7.15
CA SER D 124 -4.90 47.60 -7.67
C SER D 124 -4.09 46.32 -7.77
N LEU D 125 -4.60 45.25 -7.18
CA LEU D 125 -4.00 43.92 -7.30
C LEU D 125 -4.60 43.22 -8.51
N GLU D 126 -3.76 42.87 -9.47
CA GLU D 126 -4.20 42.29 -10.74
C GLU D 126 -3.95 40.80 -10.86
N SER D 127 -2.81 40.31 -10.38
CA SER D 127 -2.53 38.89 -10.45
C SER D 127 -1.44 38.53 -9.45
N VAL D 128 -1.30 37.24 -9.20
CA VAL D 128 -0.26 36.68 -8.35
C VAL D 128 0.43 35.56 -9.11
N ASP D 129 1.76 35.58 -9.13
CA ASP D 129 2.55 34.51 -9.73
C ASP D 129 3.40 33.87 -8.64
N VAL D 130 3.30 32.55 -8.53
CA VAL D 130 4.01 31.77 -7.50
C VAL D 130 4.87 30.73 -8.18
N TYR D 131 6.13 30.65 -7.78
CA TYR D 131 7.11 29.75 -8.37
C TYR D 131 7.51 28.69 -7.36
N PHE D 132 7.67 27.45 -7.84
CA PHE D 132 7.85 26.28 -6.99
C PHE D 132 8.83 25.34 -7.68
N GLN D 133 10.04 25.25 -7.14
CA GLN D 133 11.08 24.38 -7.67
C GLN D 133 11.34 23.25 -6.68
N ASP D 134 11.21 22.01 -7.15
CA ASP D 134 11.30 20.84 -6.31
C ASP D 134 12.73 20.27 -6.34
N VAL D 135 12.89 19.06 -5.79
CA VAL D 135 14.20 18.44 -5.74
C VAL D 135 14.74 18.17 -7.14
N PHE D 136 13.88 17.70 -8.04
CA PHE D 136 14.31 17.34 -9.39
C PHE D 136 14.74 18.54 -10.22
N GLY D 137 14.46 19.75 -9.77
CA GLY D 137 14.77 20.94 -10.55
C GLY D 137 13.66 21.40 -11.47
N THR D 138 12.49 20.76 -11.42
CA THR D 138 11.35 21.19 -12.22
C THR D 138 10.78 22.48 -11.66
N MET D 139 10.57 23.46 -12.52
CA MET D 139 10.04 24.77 -12.12
C MET D 139 8.53 24.77 -12.38
N TRP D 140 7.75 24.72 -11.31
CA TRP D 140 6.31 24.81 -11.38
C TRP D 140 5.86 26.24 -11.11
N CYS D 141 4.85 26.68 -11.83
CA CYS D 141 4.30 28.02 -11.64
C CYS D 141 2.80 27.93 -11.43
N HIS D 142 2.24 28.98 -10.83
CA HIS D 142 0.80 29.13 -10.67
C HIS D 142 0.46 30.60 -10.83
N HIS D 143 -0.57 30.88 -11.63
CA HIS D 143 -1.01 32.24 -11.92
C HIS D 143 -2.44 32.41 -11.44
N ALA D 144 -2.63 33.28 -10.45
CA ALA D 144 -3.95 33.57 -9.89
C ALA D 144 -4.39 34.95 -10.37
N GLU D 145 -5.33 34.96 -11.31
CA GLU D 145 -5.86 36.20 -11.87
C GLU D 145 -6.97 36.75 -10.99
N MET D 146 -7.14 38.07 -11.02
CA MET D 146 -8.24 38.74 -10.35
C MET D 146 -9.29 39.08 -11.41
N GLN D 147 -10.44 38.39 -11.35
CA GLN D 147 -11.50 38.63 -12.32
C GLN D 147 -11.96 40.08 -12.29
N ASN D 148 -11.94 40.70 -11.13
CA ASN D 148 -12.21 42.13 -10.98
C ASN D 148 -11.10 42.68 -10.10
N PRO D 149 -10.15 43.43 -10.65
CA PRO D 149 -9.03 43.92 -9.84
C PRO D 149 -9.52 44.71 -8.64
N VAL D 150 -8.92 44.43 -7.49
CA VAL D 150 -9.36 44.98 -6.22
C VAL D 150 -8.54 46.21 -5.88
N TYR D 151 -9.24 47.30 -5.59
CA TYR D 151 -8.53 48.54 -5.17
C TYR D 151 -8.19 48.42 -3.68
N LEU D 152 -6.94 48.71 -3.33
CA LEU D 152 -6.46 48.59 -1.96
C LEU D 152 -6.73 49.91 -1.23
N ILE D 153 -7.45 49.84 -0.12
CA ILE D 153 -7.77 51.01 0.68
C ILE D 153 -6.88 50.98 1.93
N PRO D 154 -5.87 51.83 2.02
CA PRO D 154 -5.09 51.89 3.26
C PRO D 154 -5.86 52.58 4.37
N GLU D 155 -6.24 51.84 5.39
CA GLU D 155 -7.08 52.38 6.46
C GLU D 155 -6.77 51.65 7.76
N THR D 156 -7.23 52.23 8.86
CA THR D 156 -7.12 51.61 10.18
C THR D 156 -8.53 51.47 10.75
N VAL D 157 -9.04 50.24 10.77
CA VAL D 157 -10.38 49.98 11.29
C VAL D 157 -10.31 49.90 12.82
N PRO D 158 -11.19 50.60 13.53
CA PRO D 158 -11.19 50.50 15.00
C PRO D 158 -11.41 49.06 15.45
N TYR D 159 -10.83 48.74 16.60
CA TYR D 159 -10.99 47.41 17.19
C TYR D 159 -12.19 47.45 18.14
N ILE D 160 -13.21 46.66 17.84
CA ILE D 160 -14.45 46.65 18.60
C ILE D 160 -14.46 45.42 19.50
N LYS D 161 -14.68 45.66 20.79
CA LYS D 161 -14.84 44.52 21.71
C LYS D 161 -16.32 44.40 22.04
N TRP D 162 -17.03 43.48 21.40
CA TRP D 162 -18.48 43.48 21.67
C TRP D 162 -18.65 43.28 23.17
N ASP D 163 -19.48 44.09 23.82
CA ASP D 163 -19.79 43.83 25.25
C ASP D 163 -21.06 42.98 25.26
N ASN D 164 -21.58 42.62 26.43
CA ASN D 164 -22.88 41.90 26.53
C ASN D 164 -22.83 40.59 25.73
N CYS D 165 -21.71 39.87 25.74
CA CYS D 165 -21.74 38.57 25.00
C CYS D 165 -21.31 37.43 25.92
N ASN D 166 -22.07 36.34 25.93
CA ASN D 166 -21.77 35.21 26.79
C ASN D 166 -20.35 34.70 26.55
N SER D 167 -19.68 34.31 27.63
CA SER D 167 -18.34 33.72 27.56
C SER D 167 -18.48 32.21 27.79
N THR D 168 -18.37 31.43 26.71
CA THR D 168 -18.55 29.96 26.80
C THR D 168 -17.37 29.37 27.58
N ASN D 169 -16.21 30.01 27.48
CA ASN D 169 -14.99 29.52 28.18
C ASN D 169 -14.40 28.38 27.35
N ILE D 170 -14.95 28.15 26.15
CA ILE D 170 -14.43 27.10 25.25
C ILE D 170 -13.46 27.77 24.27
N THR D 171 -12.44 27.03 23.83
CA THR D 171 -11.44 27.60 22.94
C THR D 171 -11.67 27.12 21.51
N ALA D 172 -11.64 28.06 20.56
CA ALA D 172 -11.72 27.73 19.14
C ALA D 172 -10.32 27.60 18.57
N VAL D 173 -10.07 26.50 17.85
CA VAL D 173 -8.74 26.17 17.34
C VAL D 173 -8.79 26.22 15.81
N VAL D 174 -7.81 26.90 15.23
CA VAL D 174 -7.70 27.03 13.77
C VAL D 174 -6.49 26.23 13.32
N ARG D 175 -6.70 25.29 12.41
CA ARG D 175 -5.63 24.50 11.83
C ARG D 175 -5.72 24.58 10.31
N ALA D 176 -4.63 24.96 9.67
CA ALA D 176 -4.56 25.13 8.21
C ALA D 176 -5.72 25.98 7.71
N GLN D 177 -5.92 27.12 8.38
CA GLN D 177 -6.93 28.12 8.03
C GLN D 177 -8.35 27.68 8.36
N GLY D 178 -8.54 26.43 8.77
CA GLY D 178 -9.88 25.95 9.08
C GLY D 178 -10.22 25.96 10.55
N LEU D 179 -11.10 26.86 10.95
CA LEU D 179 -11.55 26.92 12.34
C LEU D 179 -12.55 25.80 12.63
N ASP D 180 -12.42 25.21 13.82
CA ASP D 180 -13.33 24.14 14.24
C ASP D 180 -13.65 24.33 15.71
N VAL D 181 -14.93 24.51 16.03
CA VAL D 181 -15.36 24.79 17.39
C VAL D 181 -16.77 24.24 17.60
N THR D 182 -17.05 23.84 18.83
CA THR D 182 -18.35 23.29 19.22
C THR D 182 -18.81 23.98 20.50
N LEU D 183 -19.94 24.67 20.43
CA LEU D 183 -20.48 25.40 21.57
C LEU D 183 -21.86 24.88 21.94
N PRO D 184 -22.14 24.70 23.24
CA PRO D 184 -23.51 24.43 23.67
C PRO D 184 -24.27 25.72 23.91
N LEU D 185 -25.47 25.84 23.34
CA LEU D 185 -26.29 27.03 23.48
C LEU D 185 -27.70 26.64 23.89
N SER D 186 -28.31 27.49 24.70
CA SER D 186 -29.65 27.26 25.23
C SER D 186 -30.62 28.27 24.62
N LEU D 187 -31.78 27.78 24.20
CA LEU D 187 -32.84 28.61 23.64
C LEU D 187 -34.06 28.60 24.56
N PRO D 188 -34.90 29.63 24.48
CA PRO D 188 -36.20 29.57 25.14
C PRO D 188 -37.25 28.84 24.32
N THR D 189 -36.90 28.44 23.10
CA THR D 189 -37.82 27.85 22.14
C THR D 189 -37.46 26.39 21.91
N SER D 190 -38.47 25.55 21.76
CA SER D 190 -38.26 24.12 21.59
C SER D 190 -37.68 23.83 20.20
N ALA D 191 -37.29 22.57 20.00
CA ALA D 191 -36.82 22.14 18.69
C ALA D 191 -37.91 22.29 17.64
N GLN D 192 -39.17 22.11 18.02
CA GLN D 192 -40.26 22.31 17.08
C GLN D 192 -40.40 23.79 16.69
N ASP D 193 -40.23 24.70 17.65
CA ASP D 193 -40.36 26.12 17.37
C ASP D 193 -39.31 26.58 16.35
N SER D 194 -38.07 26.16 16.54
CA SER D 194 -37.00 26.26 15.54
C SER D 194 -36.82 27.74 15.16
N ASN D 195 -36.87 28.09 13.87
CA ASN D 195 -36.59 29.45 13.40
C ASN D 195 -35.20 29.91 13.85
N PHE D 196 -34.23 29.00 13.80
CA PHE D 196 -32.88 29.28 14.26
C PHE D 196 -32.03 29.83 13.12
N SER D 197 -31.13 30.76 13.47
CA SER D 197 -30.17 31.30 12.53
C SER D 197 -28.99 31.85 13.32
N VAL D 198 -27.81 31.83 12.71
CA VAL D 198 -26.58 32.22 13.38
C VAL D 198 -25.74 33.09 12.45
N LYS D 199 -25.09 34.11 13.02
CA LYS D 199 -24.08 34.92 12.34
C LYS D 199 -22.86 35.00 13.23
N THR D 200 -21.68 34.88 12.63
CA THR D 200 -20.43 34.85 13.39
C THR D 200 -19.52 35.99 12.95
N GLU D 201 -18.76 36.51 13.91
CA GLU D 201 -17.74 37.52 13.66
C GLU D 201 -16.42 37.05 14.26
N MET D 202 -15.32 37.39 13.60
CA MET D 202 -13.98 37.05 14.09
C MET D 202 -13.15 38.33 14.09
N LEU D 203 -12.86 38.83 15.28
CA LEU D 203 -12.24 40.14 15.46
C LEU D 203 -10.84 39.98 16.01
N GLY D 204 -9.86 40.60 15.35
CA GLY D 204 -8.52 40.62 15.89
C GLY D 204 -7.47 41.17 14.95
N ASN D 205 -6.57 41.99 15.50
CA ASN D 205 -5.38 42.48 14.81
C ASN D 205 -5.69 42.99 13.41
N GLU D 206 -6.49 44.07 13.36
CA GLU D 206 -6.74 44.87 12.18
C GLU D 206 -7.48 44.13 11.07
N ILE D 207 -8.04 42.95 11.34
CA ILE D 207 -8.85 42.26 10.35
C ILE D 207 -10.14 41.78 11.02
N ASP D 208 -11.17 41.59 10.20
CA ASP D 208 -12.53 41.41 10.70
C ASP D 208 -13.28 40.49 9.74
N ILE D 209 -13.51 39.25 10.15
CA ILE D 209 -14.16 38.24 9.33
C ILE D 209 -15.60 38.08 9.78
N GLU D 210 -16.54 38.19 8.82
CA GLU D 210 -17.96 38.02 9.09
C GLU D 210 -18.46 36.81 8.30
N CYS D 211 -19.21 35.93 8.97
CA CYS D 211 -19.81 34.77 8.35
C CYS D 211 -21.32 34.76 8.60
N ILE D 212 -22.07 34.38 7.57
CA ILE D 212 -23.53 34.32 7.66
C ILE D 212 -23.99 33.14 6.82
N MET D 213 -25.05 32.47 7.27
CA MET D 213 -25.62 31.37 6.52
C MET D 213 -26.12 31.85 5.16
N GLU D 214 -25.79 31.10 4.11
CA GLU D 214 -26.20 31.45 2.76
C GLU D 214 -27.57 30.91 2.38
N ASP D 215 -28.17 30.06 3.21
CA ASP D 215 -29.49 29.52 2.95
C ASP D 215 -30.56 30.12 3.85
N GLY D 216 -30.21 31.05 4.72
CA GLY D 216 -31.16 31.61 5.65
C GLY D 216 -31.38 30.70 6.85
N GLU D 217 -32.39 31.07 7.64
CA GLU D 217 -32.75 30.27 8.80
C GLU D 217 -33.20 28.88 8.36
N ILE D 218 -32.87 27.87 9.18
CA ILE D 218 -33.31 26.51 8.86
C ILE D 218 -34.82 26.40 8.96
N SER D 219 -35.44 27.14 9.89
CA SER D 219 -36.88 27.27 10.04
C SER D 219 -37.52 26.00 10.61
N GLN D 220 -36.73 24.94 10.74
CA GLN D 220 -37.23 23.67 11.30
C GLN D 220 -36.04 22.91 11.85
N VAL D 221 -35.95 22.81 13.17
CA VAL D 221 -34.82 22.18 13.85
C VAL D 221 -35.23 20.76 14.17
N LEU D 222 -34.73 19.82 13.39
CA LEU D 222 -35.01 18.41 13.60
C LEU D 222 -34.18 17.86 14.75
N PRO D 223 -34.72 16.91 15.51
CA PRO D 223 -33.88 16.15 16.45
C PRO D 223 -32.72 15.53 15.70
N GLY D 224 -31.52 15.68 16.27
CA GLY D 224 -30.30 15.27 15.61
C GLY D 224 -29.58 16.44 14.96
N ASP D 225 -28.63 16.10 14.10
CA ASP D 225 -27.83 17.11 13.42
C ASP D 225 -28.64 17.85 12.38
N ASN D 226 -28.37 19.15 12.23
CA ASN D 226 -29.03 20.01 11.26
C ASN D 226 -27.95 20.74 10.47
N LYS D 227 -27.49 20.13 9.39
CA LYS D 227 -26.44 20.73 8.58
C LYS D 227 -26.94 21.97 7.85
N PHE D 228 -26.06 22.96 7.72
CA PHE D 228 -26.38 24.17 6.95
C PHE D 228 -25.10 24.78 6.43
N ASN D 229 -25.17 25.35 5.24
CA ASN D 229 -24.02 26.02 4.62
C ASN D 229 -23.89 27.44 5.14
N ILE D 230 -22.65 27.91 5.23
CA ILE D 230 -22.35 29.28 5.61
C ILE D 230 -21.40 29.87 4.58
N THR D 231 -21.35 31.21 4.57
CA THR D 231 -20.47 31.96 3.69
C THR D 231 -19.74 33.00 4.51
N CYS D 232 -18.43 33.12 4.31
CA CYS D 232 -17.59 34.01 5.10
C CYS D 232 -16.98 35.08 4.21
N SER D 233 -17.02 36.32 4.70
CA SER D 233 -16.42 37.43 3.97
C SER D 233 -14.94 37.16 3.71
N GLY D 234 -14.48 37.55 2.53
CA GLY D 234 -13.11 37.24 2.15
C GLY D 234 -13.07 36.42 0.88
N TYR D 235 -11.91 35.83 0.58
CA TYR D 235 -11.75 35.05 -0.62
C TYR D 235 -12.08 33.60 -0.30
N GLU D 236 -13.11 33.08 -0.97
CA GLU D 236 -13.65 31.77 -0.60
C GLU D 236 -12.61 30.68 -0.81
N SER D 237 -12.66 29.68 0.06
CA SER D 237 -11.80 28.51 -0.03
C SER D 237 -12.54 27.39 -0.73
N HIS D 238 -11.78 26.55 -1.44
CA HIS D 238 -12.36 25.40 -2.11
C HIS D 238 -12.90 24.37 -1.14
N VAL D 239 -12.46 24.41 0.12
CA VAL D 239 -13.01 23.53 1.15
C VAL D 239 -14.33 24.10 1.61
N PRO D 240 -15.43 23.35 1.56
CA PRO D 240 -16.73 23.89 1.98
C PRO D 240 -16.71 24.31 3.44
N SER D 241 -17.40 25.41 3.72
CA SER D 241 -17.55 25.92 5.07
C SER D 241 -19.02 25.89 5.47
N GLY D 242 -19.29 25.43 6.69
CA GLY D 242 -20.66 25.31 7.13
C GLY D 242 -20.75 25.12 8.62
N GLY D 243 -21.96 24.80 9.08
CA GLY D 243 -22.21 24.57 10.48
C GLY D 243 -23.20 23.45 10.69
N ILE D 244 -23.26 22.97 11.94
CA ILE D 244 -24.18 21.91 12.33
C ILE D 244 -24.84 22.30 13.64
N LEU D 245 -26.17 22.20 13.71
CA LEU D 245 -26.91 22.39 14.94
C LEU D 245 -27.51 21.06 15.37
N THR D 246 -27.23 20.66 16.60
CA THR D 246 -27.66 19.37 17.13
C THR D 246 -28.67 19.58 18.24
N SER D 247 -29.77 18.83 18.17
CA SER D 247 -30.85 18.92 19.14
C SER D 247 -30.93 17.64 19.96
N THR D 248 -30.98 17.78 21.27
CA THR D 248 -31.06 16.64 22.17
C THR D 248 -32.51 16.20 22.34
N SER D 249 -32.68 14.96 22.81
CA SER D 249 -34.02 14.42 23.02
C SER D 249 -34.71 15.17 24.17
N PRO D 250 -36.04 15.35 24.08
CA PRO D 250 -36.80 16.05 25.12
C PRO D 250 -36.75 15.34 26.46
N THR D 253 -31.07 14.80 34.18
CA THR D 253 -31.63 13.96 33.13
C THR D 253 -33.15 14.12 32.88
N PRO D 254 -33.97 14.24 33.92
CA PRO D 254 -35.43 14.28 33.67
C PRO D 254 -35.91 15.57 33.03
N ILE D 255 -35.48 16.72 33.52
CA ILE D 255 -35.99 18.01 33.05
C ILE D 255 -34.81 18.97 32.87
N PRO D 256 -34.68 19.62 31.72
CA PRO D 256 -33.68 20.68 31.58
C PRO D 256 -33.99 21.84 32.53
N GLY D 257 -32.94 22.37 33.15
CA GLY D 257 -33.15 23.41 34.15
C GLY D 257 -33.76 24.67 33.58
N THR D 258 -33.25 25.13 32.45
CA THR D 258 -33.73 26.34 31.80
C THR D 258 -33.92 26.08 30.32
N GLY D 259 -35.15 26.27 29.83
CA GLY D 259 -35.41 26.23 28.40
C GLY D 259 -35.02 24.90 27.78
N TYR D 260 -34.28 24.99 26.67
CA TYR D 260 -33.86 23.83 25.89
C TYR D 260 -32.39 23.98 25.55
N ALA D 261 -31.70 22.85 25.36
CA ALA D 261 -30.26 22.82 25.18
C ALA D 261 -29.90 22.31 23.78
N TYR D 262 -29.04 23.09 23.12
CA TYR D 262 -28.57 22.74 21.77
C TYR D 262 -27.06 22.74 21.64
N SER D 263 -26.52 22.01 20.68
CA SER D 263 -25.09 21.93 20.42
C SER D 263 -24.85 22.43 19.01
N LEU D 264 -23.98 23.43 18.87
CA LEU D 264 -23.68 24.05 17.59
C LEU D 264 -22.20 23.92 17.28
N ARG D 265 -21.89 23.51 16.05
CA ARG D 265 -20.52 23.40 15.57
C ARG D 265 -20.37 24.22 14.31
N LEU D 266 -19.27 24.98 14.21
CA LEU D 266 -19.03 25.85 13.08
C LEU D 266 -17.64 25.61 12.52
N THR D 267 -17.51 25.76 11.20
CA THR D 267 -16.24 25.52 10.50
C THR D 267 -16.05 26.54 9.37
N PRO D 268 -15.64 27.76 9.71
CA PRO D 268 -15.32 28.75 8.67
C PRO D 268 -13.89 28.56 8.17
N ARG D 269 -13.76 28.34 6.86
CA ARG D 269 -12.49 28.04 6.19
C ARG D 269 -11.60 29.26 5.93
N PRO D 270 -12.12 30.45 5.61
CA PRO D 270 -11.22 31.58 5.32
C PRO D 270 -10.45 32.12 6.54
N VAL D 271 -10.57 31.52 7.72
CA VAL D 271 -9.93 32.09 8.92
C VAL D 271 -8.41 32.06 8.76
N SER D 272 -7.76 33.17 9.06
CA SER D 272 -6.34 33.36 8.77
C SER D 272 -5.55 33.73 10.02
N ARG D 273 -4.29 33.29 10.06
CA ARG D 273 -3.45 33.52 11.23
C ARG D 273 -3.20 34.99 11.51
N PHE D 274 -3.47 35.87 10.54
CA PHE D 274 -3.27 37.29 10.76
C PHE D 274 -4.18 37.83 11.86
N LEU D 275 -5.21 37.08 12.23
CA LEU D 275 -6.08 37.48 13.34
C LEU D 275 -5.29 37.60 14.64
N GLY D 276 -4.38 36.68 14.89
CA GLY D 276 -3.60 36.68 16.11
C GLY D 276 -4.04 35.57 17.06
N ASN D 277 -3.10 35.10 17.88
CA ASN D 277 -3.35 33.92 18.70
C ASN D 277 -4.45 34.13 19.72
N ASN D 278 -4.75 35.38 20.08
CA ASN D 278 -5.80 35.68 21.04
C ASN D 278 -6.74 36.68 20.38
N SER D 279 -7.67 36.15 19.59
CA SER D 279 -8.74 36.92 19.00
C SER D 279 -10.06 36.34 19.47
N ILE D 280 -11.14 37.04 19.19
CA ILE D 280 -12.46 36.69 19.71
C ILE D 280 -13.35 36.25 18.55
N LEU D 281 -14.05 35.15 18.74
CA LEU D 281 -15.11 34.70 17.85
C LEU D 281 -16.44 34.97 18.52
N TYR D 282 -17.26 35.81 17.91
CA TYR D 282 -18.59 36.09 18.41
C TYR D 282 -19.61 35.29 17.61
N VAL D 283 -20.59 34.72 18.30
CA VAL D 283 -21.60 33.85 17.70
C VAL D 283 -22.96 34.41 18.10
N PHE D 284 -23.62 35.10 17.18
CA PHE D 284 -24.95 35.65 17.40
C PHE D 284 -25.98 34.71 16.79
N TYR D 285 -26.97 34.31 17.59
CA TYR D 285 -28.02 33.42 17.13
C TYR D 285 -29.34 33.84 17.75
N SER D 286 -30.43 33.31 17.20
CA SER D 286 -31.76 33.69 17.65
C SER D 286 -32.70 32.50 17.55
N GLY D 287 -33.75 32.55 18.36
CA GLY D 287 -34.80 31.56 18.33
C GLY D 287 -35.95 31.96 17.43
N ASN D 288 -36.44 33.18 17.58
CA ASN D 288 -37.43 33.71 16.65
C ASN D 288 -36.74 34.04 15.33
N GLY D 289 -37.44 33.74 14.22
CA GLY D 289 -36.87 33.89 12.91
C GLY D 289 -36.56 35.33 12.54
N PRO D 290 -35.27 35.63 12.35
CA PRO D 290 -34.81 36.96 11.94
C PRO D 290 -34.53 37.06 10.45
N SER D 293 -30.42 36.18 11.70
CA SER D 293 -29.10 35.70 12.09
C SER D 293 -28.86 35.92 13.59
N GLY D 294 -29.30 37.08 14.09
CA GLY D 294 -29.15 37.41 15.48
C GLY D 294 -30.33 38.22 15.99
N GLY D 295 -30.25 38.62 17.25
CA GLY D 295 -31.30 39.42 17.85
C GLY D 295 -31.74 38.90 19.20
N ASP D 296 -31.28 37.70 19.56
CA ASP D 296 -31.66 37.05 20.80
C ASP D 296 -30.49 36.81 21.73
N TYR D 297 -29.40 36.21 21.24
CA TYR D 297 -28.28 35.84 22.09
C TYR D 297 -26.97 36.06 21.35
N CYS D 298 -25.88 36.06 22.12
CA CYS D 298 -24.53 36.17 21.57
C CYS D 298 -23.58 35.36 22.44
N ILE D 299 -22.69 34.61 21.77
CA ILE D 299 -21.72 33.75 22.42
C ILE D 299 -20.33 34.14 21.90
N GLN D 300 -19.42 34.40 22.83
CA GLN D 300 -18.06 34.78 22.48
C GLN D 300 -17.08 33.74 23.00
N SER D 301 -16.01 33.53 22.24
CA SER D 301 -15.03 32.50 22.56
C SER D 301 -13.68 32.88 21.96
N ASN D 302 -12.63 32.75 22.76
CA ASN D 302 -11.29 33.04 22.28
C ASN D 302 -10.88 32.03 21.21
N ILE D 303 -10.16 32.51 20.20
CA ILE D 303 -9.69 31.68 19.10
C ILE D 303 -8.18 31.62 19.14
N VAL D 304 -7.62 30.45 18.81
CA VAL D 304 -6.18 30.22 18.82
C VAL D 304 -5.79 29.51 17.54
N PHE D 305 -4.55 29.75 17.09
CA PHE D 305 -4.03 29.16 15.87
C PHE D 305 -2.98 28.12 16.20
N SER D 306 -3.22 26.88 15.76
CA SER D 306 -2.24 25.83 15.89
C SER D 306 -1.14 26.00 14.83
N ASP D 307 0.02 25.41 15.11
CA ASP D 307 1.13 25.38 14.17
C ASP D 307 1.34 24.01 13.55
N GLU D 308 0.60 23.01 13.98
CA GLU D 308 0.71 21.66 13.44
C GLU D 308 -0.25 21.49 12.27
N ILE D 309 0.25 20.97 11.17
CA ILE D 309 -0.61 20.72 10.01
C ILE D 309 -1.62 19.64 10.38
N PRO D 310 -2.90 19.79 10.03
CA PRO D 310 -3.91 18.79 10.45
C PRO D 310 -3.67 17.40 9.89
N ALA D 311 -2.91 17.26 8.81
CA ALA D 311 -2.60 15.95 8.24
C ALA D 311 -1.22 16.02 7.62
N SER D 312 -0.86 14.99 6.87
CA SER D 312 0.43 14.97 6.20
C SER D 312 0.45 15.97 5.05
N GLN D 313 1.60 16.63 4.87
CA GLN D 313 1.79 17.53 3.75
C GLN D 313 2.03 16.80 2.44
N ASP D 314 2.35 15.50 2.50
CA ASP D 314 2.59 14.74 1.29
C ASP D 314 1.33 14.66 0.44
N MET D 315 1.51 14.76 -0.88
CA MET D 315 0.38 14.72 -1.79
C MET D 315 -0.26 13.34 -1.78
N PRO D 316 -1.55 13.24 -2.10
CA PRO D 316 -2.20 11.92 -2.16
C PRO D 316 -1.59 11.06 -3.26
N THR D 317 -1.29 9.81 -2.92
CA THR D 317 -0.68 8.88 -3.86
C THR D 317 -1.33 7.52 -3.71
N ASN D 318 -1.72 6.91 -4.83
CA ASN D 318 -2.18 5.53 -4.81
C ASN D 318 -0.99 4.58 -4.93
N THR D 319 -1.18 3.38 -4.39
CA THR D 319 -0.12 2.38 -4.33
C THR D 319 -0.46 1.23 -5.27
N THR D 320 0.51 0.83 -6.08
CA THR D 320 0.35 -0.25 -7.05
C THR D 320 1.40 -1.33 -6.79
N ASP D 321 0.97 -2.58 -6.82
CA ASP D 321 1.84 -3.72 -6.57
C ASP D 321 2.24 -4.37 -7.89
N ILE D 322 3.55 -4.49 -8.12
CA ILE D 322 4.09 -5.18 -9.29
C ILE D 322 5.02 -6.29 -8.79
N THR D 323 4.76 -7.51 -9.27
CA THR D 323 5.55 -8.67 -8.89
C THR D 323 6.51 -9.05 -10.01
N TYR D 324 7.74 -9.39 -9.63
CA TYR D 324 8.78 -9.77 -10.57
C TYR D 324 9.38 -11.09 -10.12
N VAL D 325 9.93 -11.84 -11.09
CA VAL D 325 10.48 -13.16 -10.79
C VAL D 325 11.95 -13.03 -10.43
N GLY D 326 12.77 -12.54 -11.36
CA GLY D 326 14.16 -12.34 -11.03
C GLY D 326 14.81 -11.11 -11.61
N ASP D 327 15.31 -10.23 -10.73
CA ASP D 327 16.26 -9.17 -11.06
C ASP D 327 15.81 -7.99 -11.91
N ASN D 328 14.59 -8.02 -12.44
CA ASN D 328 14.10 -6.98 -13.32
C ASN D 328 12.60 -6.89 -13.22
N ALA D 329 12.07 -5.67 -13.27
CA ALA D 329 10.64 -5.44 -13.16
C ALA D 329 10.34 -4.29 -14.12
N THR D 330 9.05 -4.11 -14.41
CA THR D 330 8.60 -3.07 -15.32
C THR D 330 7.25 -2.52 -14.84
N TYR D 331 7.11 -1.20 -14.92
CA TYR D 331 5.85 -0.52 -14.63
C TYR D 331 5.52 0.42 -15.78
N SER D 332 4.24 0.51 -16.11
CA SER D 332 3.76 1.39 -17.17
C SER D 332 2.99 2.55 -16.53
N VAL D 333 3.44 3.77 -16.80
CA VAL D 333 2.85 4.96 -16.21
C VAL D 333 1.77 5.47 -17.17
N PRO D 334 0.50 5.43 -16.82
CA PRO D 334 -0.54 5.94 -17.71
C PRO D 334 -0.50 7.46 -17.78
N MET D 335 -1.17 7.98 -18.81
CA MET D 335 -1.30 9.42 -18.95
C MET D 335 -2.10 9.99 -17.79
N VAL D 336 -1.83 11.25 -17.47
CA VAL D 336 -2.48 11.89 -16.33
C VAL D 336 -3.77 12.55 -16.82
N THR D 337 -4.71 12.74 -15.89
CA THR D 337 -5.96 13.43 -16.19
C THR D 337 -5.67 14.79 -16.82
N SER D 338 -6.43 15.10 -17.87
CA SER D 338 -6.30 16.31 -18.67
C SER D 338 -5.06 16.31 -19.56
N GLU D 339 -4.50 15.13 -19.84
CA GLU D 339 -3.37 14.99 -20.74
C GLU D 339 -3.83 14.28 -22.01
N ASP D 340 -3.52 14.86 -23.17
CA ASP D 340 -3.93 14.31 -24.44
C ASP D 340 -2.73 13.70 -25.16
N ALA D 341 -2.98 13.20 -26.38
CA ALA D 341 -1.94 12.54 -27.16
C ALA D 341 -0.93 13.51 -27.75
N ASN D 342 -1.22 14.81 -27.75
CA ASN D 342 -0.30 15.80 -28.28
C ASN D 342 -0.02 16.88 -27.23
N SER D 343 0.23 16.46 -26.00
CA SER D 343 0.60 17.41 -24.96
C SER D 343 2.02 17.89 -25.20
N PRO D 344 2.26 19.21 -25.23
CA PRO D 344 3.62 19.71 -25.53
C PRO D 344 4.69 19.16 -24.61
N ASN D 345 4.43 19.23 -23.30
CA ASN D 345 5.46 18.81 -22.33
C ASN D 345 4.95 17.70 -21.42
N VAL D 346 5.68 16.60 -21.34
CA VAL D 346 5.36 15.49 -20.44
C VAL D 346 6.63 15.19 -19.64
N THR D 347 6.55 15.28 -18.33
CA THR D 347 7.68 15.03 -17.44
C THR D 347 7.35 13.90 -16.48
N VAL D 348 8.22 12.90 -16.41
CA VAL D 348 8.08 11.77 -15.50
C VAL D 348 9.30 11.72 -14.60
N THR D 349 9.08 11.70 -13.29
CA THR D 349 10.14 11.57 -12.31
C THR D 349 9.96 10.29 -11.51
N ALA D 350 11.06 9.80 -10.96
CA ALA D 350 11.05 8.59 -10.16
C ALA D 350 12.20 8.63 -9.16
N PHE D 351 11.92 8.17 -7.94
CA PHE D 351 12.95 8.02 -6.92
C PHE D 351 12.53 6.90 -5.98
N TRP D 352 13.52 6.20 -5.44
CA TRP D 352 13.22 5.15 -4.48
C TRP D 352 12.80 5.76 -3.15
N ALA D 353 11.98 5.02 -2.40
CA ALA D 353 11.37 5.55 -1.19
C ALA D 353 12.42 5.89 -0.14
N TRP D 354 12.14 6.94 0.62
CA TRP D 354 13.02 7.42 1.69
C TRP D 354 14.45 7.65 1.23
N PRO D 355 14.66 8.47 0.20
CA PRO D 355 16.04 8.71 -0.29
C PRO D 355 16.89 9.36 0.79
N ASN D 356 18.14 8.91 0.88
CA ASN D 356 19.04 9.41 1.92
C ASN D 356 19.77 10.68 1.50
N ASN D 357 20.09 10.84 0.22
CA ASN D 357 20.86 11.97 -0.27
C ASN D 357 20.12 12.68 -1.41
N THR D 358 20.11 14.01 -1.37
CA THR D 358 19.45 14.78 -2.42
C THR D 358 20.29 14.85 -3.68
N GLU D 359 21.61 14.92 -3.55
CA GLU D 359 22.50 15.16 -4.69
C GLU D 359 22.57 13.98 -5.65
N THR D 360 22.04 12.81 -5.28
CA THR D 360 22.18 11.62 -6.12
C THR D 360 20.85 10.94 -6.43
N ASP D 361 19.87 11.07 -5.53
CA ASP D 361 18.69 10.23 -5.58
C ASP D 361 17.54 10.82 -6.39
N PHE D 362 17.71 12.01 -6.99
CA PHE D 362 16.64 12.64 -7.76
C PHE D 362 17.13 13.01 -9.15
N LYS D 363 17.81 12.07 -9.80
CA LYS D 363 18.31 12.26 -11.15
C LYS D 363 17.44 11.59 -12.21
N CYS D 364 16.48 10.75 -11.82
CA CYS D 364 15.67 10.01 -12.78
C CYS D 364 14.47 10.86 -13.19
N LYS D 365 14.72 11.74 -14.16
CA LYS D 365 13.70 12.59 -14.76
C LYS D 365 13.74 12.42 -16.27
N TRP D 366 12.56 12.32 -16.87
CA TRP D 366 12.44 12.14 -18.32
C TRP D 366 11.45 13.14 -18.89
N THR D 367 11.72 13.58 -20.11
CA THR D 367 10.77 14.32 -20.93
C THR D 367 10.72 13.67 -22.31
N LEU D 368 9.82 14.17 -23.16
CA LEU D 368 9.67 13.61 -24.49
C LEU D 368 10.92 13.80 -25.35
N THR D 369 11.82 14.71 -24.94
CA THR D 369 13.04 14.98 -25.68
C THR D 369 14.31 14.84 -24.86
N SER D 370 14.23 14.75 -23.53
CA SER D 370 15.42 14.76 -22.69
C SER D 370 16.32 13.55 -22.94
N GLY D 371 15.74 12.44 -23.39
CA GLY D 371 16.55 11.26 -23.58
C GLY D 371 16.93 10.62 -22.25
N THR D 372 18.02 9.86 -22.29
CA THR D 372 18.47 9.12 -21.12
C THR D 372 19.13 10.05 -20.11
N PRO D 373 18.65 10.11 -18.88
CA PRO D 373 19.28 10.96 -17.87
C PRO D 373 20.62 10.39 -17.41
N SER D 374 21.54 11.31 -17.09
CA SER D 374 22.92 10.91 -16.82
C SER D 374 23.05 10.20 -15.48
N GLY D 375 22.44 10.74 -14.43
CA GLY D 375 22.64 10.21 -13.10
C GLY D 375 21.75 9.04 -12.71
N CYS D 376 20.76 8.71 -13.54
CA CYS D 376 19.82 7.65 -13.21
C CYS D 376 20.50 6.28 -13.34
N GLU D 377 20.49 5.51 -12.26
CA GLU D 377 21.20 4.23 -12.19
C GLU D 377 20.21 3.10 -11.98
N ASN D 378 20.31 2.07 -12.82
CA ASN D 378 19.50 0.86 -12.75
C ASN D 378 18.03 1.11 -13.01
N ILE D 379 17.67 2.25 -13.61
CA ILE D 379 16.30 2.55 -13.99
C ILE D 379 16.31 3.08 -15.42
N SER D 380 15.42 2.55 -16.26
CA SER D 380 15.29 2.96 -17.64
C SER D 380 13.85 3.32 -17.93
N GLY D 381 13.67 4.29 -18.81
CA GLY D 381 12.33 4.75 -19.16
C GLY D 381 12.27 5.20 -20.60
N ALA D 382 11.11 4.99 -21.22
CA ALA D 382 10.92 5.37 -22.61
C ALA D 382 9.43 5.54 -22.89
N PHE D 383 9.09 6.58 -23.64
CA PHE D 383 7.72 6.81 -24.05
C PHE D 383 7.36 5.92 -25.23
N ALA D 384 6.10 5.50 -25.27
CA ALA D 384 5.54 4.76 -26.39
C ALA D 384 4.60 5.65 -27.18
N SER D 385 4.22 5.16 -28.37
CA SER D 385 3.24 5.89 -29.17
C SER D 385 1.91 6.02 -28.46
N ASN D 386 1.63 5.14 -27.49
CA ASN D 386 0.46 5.30 -26.63
C ASN D 386 0.56 6.51 -25.72
N ARG D 387 1.72 7.18 -25.70
CA ARG D 387 2.13 8.18 -24.72
C ARG D 387 2.35 7.54 -23.35
N THR D 388 2.18 6.22 -23.23
CA THR D 388 2.48 5.53 -21.99
C THR D 388 3.99 5.50 -21.77
N PHE D 389 4.40 5.70 -20.51
CA PHE D 389 5.80 5.68 -20.15
C PHE D 389 6.12 4.35 -19.49
N ASP D 390 7.07 3.60 -20.07
CA ASP D 390 7.46 2.31 -19.57
C ASP D 390 8.75 2.45 -18.76
N ILE D 391 8.68 2.12 -17.47
CA ILE D 391 9.81 2.20 -16.56
C ILE D 391 10.28 0.78 -16.27
N THR D 392 11.57 0.53 -16.45
CA THR D 392 12.19 -0.75 -16.13
C THR D 392 13.26 -0.54 -15.08
N VAL D 393 13.17 -1.29 -13.99
CA VAL D 393 14.17 -1.27 -12.92
C VAL D 393 14.96 -2.57 -13.00
N SER D 394 16.25 -2.48 -12.69
CA SER D 394 17.15 -3.62 -12.75
C SER D 394 17.98 -3.67 -11.48
N GLY D 395 18.71 -4.77 -11.31
CA GLY D 395 19.51 -4.96 -10.11
C GLY D 395 18.67 -5.05 -8.85
N LEU D 396 17.52 -5.71 -8.93
CA LEU D 396 16.62 -5.82 -7.80
C LEU D 396 17.11 -6.89 -6.83
N GLY D 397 16.93 -6.63 -5.54
CA GLY D 397 17.32 -7.54 -4.49
C GLY D 397 16.19 -8.46 -4.07
N THR D 398 16.25 -8.91 -2.81
CA THR D 398 15.25 -9.81 -2.28
C THR D 398 14.13 -9.06 -1.58
N ALA D 399 14.47 -8.08 -0.74
CA ALA D 399 13.46 -7.33 -0.01
C ALA D 399 12.67 -6.44 -0.97
N PRO D 400 11.38 -6.22 -0.69
CA PRO D 400 10.58 -5.34 -1.54
C PRO D 400 11.07 -3.90 -1.49
N LYS D 401 10.93 -3.21 -2.62
CA LYS D 401 11.30 -1.82 -2.74
C LYS D 401 10.17 -1.05 -3.40
N THR D 402 9.99 0.20 -2.97
CA THR D 402 8.89 1.04 -3.43
C THR D 402 9.43 2.22 -4.23
N LEU D 403 8.91 2.40 -5.44
CA LEU D 403 9.31 3.48 -6.32
C LEU D 403 8.23 4.56 -6.33
N ILE D 404 8.65 5.82 -6.21
CA ILE D 404 7.74 6.95 -6.18
C ILE D 404 7.82 7.61 -7.55
N ILE D 405 6.79 7.39 -8.38
CA ILE D 405 6.76 7.88 -9.75
C ILE D 405 5.76 9.02 -9.82
N THR D 406 6.19 10.14 -10.40
CA THR D 406 5.35 11.33 -10.55
C THR D 406 5.34 11.73 -12.02
N ARG D 407 4.16 11.99 -12.56
CA ARG D 407 4.01 12.36 -13.97
C ARG D 407 3.13 13.60 -14.09
N THR D 408 3.59 14.55 -14.90
CA THR D 408 2.86 15.79 -15.14
C THR D 408 2.89 16.11 -16.63
N ALA D 409 1.92 16.93 -17.05
CA ALA D 409 1.85 17.38 -18.43
C ALA D 409 1.26 18.79 -18.45
N THR D 410 1.54 19.51 -19.54
CA THR D 410 1.07 20.91 -19.68
C THR D 410 -0.34 21.06 -19.10
N ASN D 411 -0.55 22.05 -18.26
CA ASN D 411 -1.89 22.14 -17.61
C ASN D 411 -2.14 20.73 -17.04
N ALA D 412 -3.13 20.01 -17.54
CA ALA D 412 -3.30 18.60 -17.11
C ALA D 412 -3.44 18.51 -15.59
N THR D 413 -2.68 17.61 -14.97
CA THR D 413 -2.73 17.40 -13.50
C THR D 413 -1.42 16.72 -13.10
N THR D 414 -1.10 16.64 -11.80
CA THR D 414 0.13 15.94 -11.45
C THR D 414 -0.23 14.84 -10.47
N THR D 415 0.04 13.60 -10.85
CA THR D 415 -0.29 12.43 -10.05
C THR D 415 0.96 11.64 -9.73
N THR D 416 0.94 10.99 -8.57
CA THR D 416 2.10 10.25 -8.08
C THR D 416 1.68 8.84 -7.71
N HIS D 417 2.50 7.87 -8.10
CA HIS D 417 2.25 6.46 -7.81
C HIS D 417 3.28 5.94 -6.83
N LYS D 418 2.84 5.06 -5.93
CA LYS D 418 3.71 4.29 -5.05
C LYS D 418 3.74 2.87 -5.60
N VAL D 419 4.74 2.56 -6.43
CA VAL D 419 4.83 1.25 -7.06
C VAL D 419 5.72 0.36 -6.21
N ILE D 420 5.17 -0.77 -5.75
CA ILE D 420 5.89 -1.71 -4.90
C ILE D 420 6.33 -2.90 -5.76
N PHE D 421 7.62 -3.20 -5.72
CA PHE D 421 8.18 -4.34 -6.44
C PHE D 421 8.50 -5.43 -5.43
N SER D 422 7.94 -6.63 -5.66
CA SER D 422 8.17 -7.78 -4.81
C SER D 422 8.42 -9.01 -5.68
N LYS D 423 9.25 -9.90 -5.16
CA LYS D 423 9.74 -11.06 -5.92
C LYS D 423 8.87 -12.27 -5.62
N ALA D 424 8.19 -12.77 -6.66
CA ALA D 424 7.42 -14.02 -6.59
C ALA D 424 8.37 -15.22 -6.69
N PRO D 425 8.06 -16.33 -6.02
CA PRO D 425 8.97 -17.49 -6.00
C PRO D 425 8.89 -18.31 -7.26
N HIS D 426 7.85 -18.11 -8.07
CA HIS D 426 7.42 -19.00 -9.12
C HIS D 426 7.13 -18.06 -10.27
N HIS D 427 7.24 -18.64 -11.47
CA HIS D 427 6.94 -17.90 -12.71
C HIS D 427 5.65 -18.47 -13.31
N HIS D 428 4.69 -17.61 -13.65
CA HIS D 428 3.43 -17.98 -14.26
C HIS D 428 2.39 -18.38 -13.22
N HIS D 429 2.78 -18.63 -11.97
CA HIS D 429 1.88 -19.00 -10.86
C HIS D 429 2.70 -19.24 -9.58
N GLN E 1 -35.49 60.90 4.47
CA GLN E 1 -36.80 60.59 5.01
C GLN E 1 -36.69 59.91 6.38
N LEU E 2 -35.54 59.28 6.64
CA LEU E 2 -35.29 58.72 7.96
C LEU E 2 -35.30 59.83 9.01
N GLN E 3 -36.11 59.64 10.05
CA GLN E 3 -36.24 60.59 11.13
C GLN E 3 -36.05 59.89 12.46
N LEU E 4 -35.39 60.56 13.40
CA LEU E 4 -35.21 60.06 14.76
C LEU E 4 -35.80 61.06 15.74
N GLN E 5 -36.47 60.54 16.77
CA GLN E 5 -37.05 61.35 17.83
C GLN E 5 -36.70 60.73 19.17
N GLU E 6 -36.07 61.51 20.04
CA GLU E 6 -35.77 61.07 21.39
C GLU E 6 -36.96 61.36 22.30
N SER E 7 -37.14 60.51 23.31
CA SER E 7 -38.27 60.63 24.22
C SER E 7 -37.83 60.16 25.60
N GLY E 8 -38.54 60.66 26.62
CA GLY E 8 -38.25 60.31 27.98
C GLY E 8 -38.37 61.49 28.92
N PRO E 9 -38.43 61.23 30.23
CA PRO E 9 -38.54 62.33 31.19
C PRO E 9 -37.36 63.29 31.10
N GLY E 10 -37.66 64.58 31.23
CA GLY E 10 -36.63 65.61 31.25
C GLY E 10 -36.02 65.88 32.60
N LEU E 11 -36.58 65.31 33.66
CA LEU E 11 -36.06 65.47 35.01
C LEU E 11 -35.90 64.10 35.65
N VAL E 12 -34.72 63.85 36.22
CA VAL E 12 -34.42 62.61 36.93
C VAL E 12 -33.65 62.96 38.19
N LYS E 13 -34.05 62.40 39.32
CA LYS E 13 -33.33 62.64 40.56
C LYS E 13 -31.96 61.96 40.53
N PRO E 14 -30.98 62.52 41.23
CA PRO E 14 -29.68 61.83 41.36
C PRO E 14 -29.85 60.46 42.01
N SER E 15 -28.98 59.54 41.60
CA SER E 15 -28.96 58.13 41.99
C SER E 15 -30.10 57.34 41.38
N GLU E 16 -31.01 57.97 40.63
CA GLU E 16 -32.03 57.26 39.89
C GLU E 16 -31.48 56.81 38.54
N THR E 17 -32.33 56.18 37.74
CA THR E 17 -31.95 55.67 36.43
C THR E 17 -32.62 56.53 35.35
N LEU E 18 -31.81 57.20 34.55
CA LEU E 18 -32.31 57.93 33.40
C LEU E 18 -32.52 56.97 32.24
N SER E 19 -33.70 57.03 31.63
CA SER E 19 -34.04 56.17 30.51
C SER E 19 -34.64 57.01 29.38
N LEU E 20 -34.21 56.74 28.15
CA LEU E 20 -34.71 57.43 26.98
C LEU E 20 -35.00 56.43 25.88
N THR E 21 -35.92 56.80 24.99
CA THR E 21 -36.29 55.97 23.85
C THR E 21 -36.15 56.79 22.57
N CYS E 22 -35.50 56.21 21.57
CA CYS E 22 -35.37 56.84 20.26
C CYS E 22 -36.34 56.16 19.29
N ALA E 23 -37.33 56.90 18.81
CA ALA E 23 -38.28 56.39 17.83
C ALA E 23 -37.76 56.64 16.43
N VAL E 24 -37.73 55.59 15.61
CA VAL E 24 -37.19 55.66 14.26
C VAL E 24 -38.34 55.52 13.27
N SER E 25 -38.45 56.49 12.36
CA SER E 25 -39.43 56.45 11.29
C SER E 25 -38.75 56.81 9.98
N GLY E 26 -39.30 56.32 8.87
CA GLY E 26 -38.68 56.52 7.58
C GLY E 26 -37.58 55.52 7.27
N GLY E 27 -37.55 54.40 7.96
CA GLY E 27 -36.54 53.39 7.70
C GLY E 27 -36.51 52.37 8.82
N SER E 28 -35.59 51.43 8.68
CA SER E 28 -35.59 50.20 9.46
C SER E 28 -34.43 50.17 10.45
N ILE E 29 -34.70 49.63 11.64
CA ILE E 29 -33.61 49.31 12.58
C ILE E 29 -32.68 48.29 11.96
N SER E 30 -33.24 47.25 11.34
CA SER E 30 -32.44 46.18 10.77
C SER E 30 -31.55 46.71 9.65
N GLY E 31 -30.31 46.22 9.62
CA GLY E 31 -29.35 46.58 8.61
C GLY E 31 -28.46 47.76 8.95
N TYR E 32 -28.71 48.44 10.06
CA TYR E 32 -27.92 49.60 10.45
C TYR E 32 -27.62 49.54 11.94
N TYR E 33 -26.60 50.29 12.34
CA TYR E 33 -26.21 50.41 13.74
C TYR E 33 -26.70 51.73 14.30
N TRP E 34 -26.97 51.74 15.60
CA TRP E 34 -27.68 52.85 16.23
C TRP E 34 -26.98 53.23 17.53
N SER E 35 -26.59 54.51 17.63
CA SER E 35 -25.74 54.98 18.71
C SER E 35 -26.42 56.11 19.48
N TRP E 36 -25.95 56.33 20.71
CA TRP E 36 -26.40 57.41 21.56
C TRP E 36 -25.21 58.33 21.86
N ILE E 37 -25.42 59.63 21.75
CA ILE E 37 -24.40 60.62 22.06
C ILE E 37 -25.06 61.72 22.90
N ARG E 38 -24.39 62.14 23.97
CA ARG E 38 -24.88 63.20 24.83
C ARG E 38 -23.98 64.41 24.74
N GLN E 39 -24.55 65.58 25.03
CA GLN E 39 -23.83 66.85 24.97
C GLN E 39 -24.26 67.73 26.14
N PRO E 40 -23.48 67.78 27.21
CA PRO E 40 -23.80 68.69 28.31
C PRO E 40 -23.68 70.13 27.84
N PRO E 41 -24.54 71.02 28.36
CA PRO E 41 -24.55 72.40 27.87
C PRO E 41 -23.19 73.07 28.06
N GLY E 42 -22.78 73.80 27.03
CA GLY E 42 -21.50 74.49 27.03
C GLY E 42 -20.30 73.64 26.70
N LYS E 43 -20.47 72.33 26.50
CA LYS E 43 -19.39 71.41 26.20
C LYS E 43 -19.69 70.66 24.91
N GLY E 44 -18.74 69.82 24.49
CA GLY E 44 -18.88 69.06 23.27
C GLY E 44 -19.57 67.73 23.46
N PRO E 45 -19.84 67.03 22.36
CA PRO E 45 -20.51 65.73 22.44
C PRO E 45 -19.65 64.67 23.12
N GLU E 46 -20.31 63.71 23.75
CA GLU E 46 -19.67 62.55 24.35
C GLU E 46 -20.38 61.29 23.85
N TRP E 47 -19.60 60.35 23.31
CA TRP E 47 -20.14 59.10 22.80
C TRP E 47 -20.44 58.13 23.94
N ILE E 48 -21.59 57.46 23.84
CA ILE E 48 -22.02 56.56 24.91
C ILE E 48 -21.86 55.12 24.46
N GLY E 49 -22.49 54.77 23.34
CA GLY E 49 -22.40 53.42 22.81
C GLY E 49 -23.37 53.22 21.68
N PHE E 50 -23.28 52.03 21.07
CA PHE E 50 -24.14 51.68 19.94
C PHE E 50 -24.61 50.24 20.06
N ILE E 51 -25.67 49.93 19.31
CA ILE E 51 -26.28 48.61 19.30
C ILE E 51 -26.35 48.12 17.85
N ASP E 52 -26.37 46.79 17.69
CA ASP E 52 -26.22 46.20 16.35
C ASP E 52 -27.40 46.54 15.45
N GLY E 53 -28.62 46.31 15.93
CA GLY E 53 -29.80 46.42 15.10
C GLY E 53 -30.13 45.16 14.32
N ASN E 54 -29.17 44.24 14.18
CA ASN E 54 -29.41 42.92 13.64
C ASN E 54 -29.11 41.81 14.62
N THR E 55 -28.28 42.06 15.63
CA THR E 55 -28.00 41.10 16.68
C THR E 55 -28.21 41.75 18.04
N VAL E 56 -27.84 41.06 19.12
CA VAL E 56 -27.89 41.65 20.45
C VAL E 56 -26.64 42.44 20.79
N GLY E 57 -25.59 42.32 19.98
CA GLY E 57 -24.32 42.93 20.28
C GLY E 57 -24.38 44.42 20.53
N THR E 58 -23.81 44.84 21.65
CA THR E 58 -23.72 46.25 22.02
C THR E 58 -22.27 46.56 22.37
N ASN E 59 -21.88 47.81 22.14
CA ASN E 59 -20.58 48.30 22.56
C ASN E 59 -20.78 49.62 23.30
N TYR E 60 -19.92 49.85 24.30
CA TYR E 60 -20.08 50.99 25.19
C TYR E 60 -18.77 51.75 25.31
N ASN E 61 -18.88 53.03 25.63
CA ASN E 61 -17.71 53.81 26.02
C ASN E 61 -17.26 53.32 27.40
N PRO E 62 -16.02 52.87 27.56
CA PRO E 62 -15.58 52.36 28.87
C PRO E 62 -15.71 53.39 29.99
N SER E 63 -15.72 54.68 29.67
CA SER E 63 -15.96 55.70 30.69
C SER E 63 -17.37 55.61 31.26
N LEU E 64 -18.29 54.95 30.57
CA LEU E 64 -19.67 54.84 31.03
C LEU E 64 -20.18 53.39 31.05
N LYS E 65 -19.31 52.41 30.80
CA LYS E 65 -19.77 51.03 30.68
C LYS E 65 -20.45 50.52 31.94
N SER E 66 -20.03 51.01 33.11
CA SER E 66 -20.56 50.49 34.36
C SER E 66 -22.02 50.86 34.57
N ARG E 67 -22.48 51.97 33.97
CA ARG E 67 -23.80 52.49 34.24
C ARG E 67 -24.77 52.47 33.06
N VAL E 68 -24.30 52.36 31.83
CA VAL E 68 -25.17 52.50 30.66
C VAL E 68 -25.60 51.13 30.16
N THR E 69 -26.79 51.09 29.56
CA THR E 69 -27.33 49.88 28.96
C THR E 69 -28.13 50.28 27.73
N LEU E 70 -27.86 49.62 26.61
CA LEU E 70 -28.55 49.88 25.35
C LEU E 70 -29.40 48.69 24.96
N SER E 71 -30.63 48.97 24.54
CA SER E 71 -31.57 47.92 24.13
C SER E 71 -32.40 48.42 22.97
N LYS E 72 -32.90 47.47 22.17
CA LYS E 72 -33.71 47.77 21.00
C LYS E 72 -34.95 46.89 21.00
N ASP E 73 -36.05 47.46 20.51
CA ASP E 73 -37.27 46.71 20.25
C ASP E 73 -37.59 46.85 18.78
N THR E 74 -37.14 45.85 18.00
CA THR E 74 -37.28 45.90 16.54
C THR E 74 -38.74 45.94 16.11
N SER E 75 -39.65 45.40 16.93
CA SER E 75 -41.06 45.39 16.57
C SER E 75 -41.65 46.79 16.52
N LYS E 76 -41.21 47.69 17.38
CA LYS E 76 -41.66 49.08 17.38
C LYS E 76 -40.75 50.01 16.59
N ASN E 77 -39.70 49.49 15.96
CA ASN E 77 -38.73 50.30 15.23
C ASN E 77 -38.15 51.40 16.11
N GLN E 78 -37.65 51.00 17.27
CA GLN E 78 -37.10 51.94 18.23
C GLN E 78 -36.02 51.26 19.05
N PHE E 79 -35.14 52.08 19.63
CA PHE E 79 -34.11 51.60 20.54
C PHE E 79 -33.97 52.60 21.69
N SER E 80 -33.52 52.11 22.84
CA SER E 80 -33.55 52.88 24.08
C SER E 80 -32.16 53.02 24.67
N LEU E 81 -32.07 53.84 25.72
CA LEU E 81 -30.86 54.00 26.51
C LEU E 81 -31.23 54.00 27.98
N LYS E 82 -30.34 53.47 28.81
CA LYS E 82 -30.53 53.47 30.26
C LYS E 82 -29.22 53.85 30.93
N VAL E 83 -29.26 54.86 31.79
CA VAL E 83 -28.11 55.30 32.56
C VAL E 83 -28.45 55.19 34.03
N SER E 84 -27.62 54.48 34.79
CA SER E 84 -27.87 54.23 36.19
C SER E 84 -27.04 55.14 37.08
N SER E 85 -27.57 55.45 38.26
CA SER E 85 -26.89 56.23 39.29
C SER E 85 -26.41 57.57 38.73
N VAL E 86 -27.35 58.31 38.17
CA VAL E 86 -27.03 59.58 37.52
C VAL E 86 -26.64 60.62 38.57
N THR E 87 -25.80 61.56 38.15
CA THR E 87 -25.39 62.71 38.96
C THR E 87 -25.64 63.98 38.15
N ALA E 88 -25.29 65.12 38.76
CA ALA E 88 -25.43 66.40 38.05
C ALA E 88 -24.56 66.44 36.80
N ALA E 89 -23.48 65.66 36.78
CA ALA E 89 -22.63 65.59 35.60
C ALA E 89 -23.33 64.93 34.41
N ASP E 90 -24.38 64.17 34.66
CA ASP E 90 -25.12 63.49 33.60
C ASP E 90 -26.19 64.36 32.96
N THR E 91 -26.35 65.60 33.42
CA THR E 91 -27.29 66.53 32.79
C THR E 91 -26.75 66.96 31.45
N ALA E 92 -27.52 66.73 30.39
CA ALA E 92 -27.05 66.97 29.03
C ALA E 92 -28.23 66.92 28.06
N VAL E 93 -27.95 67.31 26.82
CA VAL E 93 -28.84 67.04 25.70
C VAL E 93 -28.46 65.69 25.12
N TYR E 94 -29.41 64.77 25.07
CA TYR E 94 -29.15 63.40 24.61
C TYR E 94 -29.61 63.25 23.17
N TYR E 95 -28.68 62.85 22.31
CA TYR E 95 -28.95 62.62 20.90
C TYR E 95 -28.91 61.12 20.61
N CYS E 96 -29.89 60.66 19.85
CA CYS E 96 -29.84 59.33 19.26
C CYS E 96 -29.50 59.48 17.78
N ALA E 97 -28.47 58.77 17.33
CA ALA E 97 -27.98 58.92 15.97
C ALA E 97 -27.72 57.55 15.37
N ARG E 98 -27.75 57.48 14.04
CA ARG E 98 -27.52 56.24 13.32
C ARG E 98 -26.04 56.04 13.02
N LYS E 99 -25.58 54.79 13.12
CA LYS E 99 -24.20 54.44 12.74
C LYS E 99 -24.36 53.61 11.47
N PRO E 100 -24.15 54.16 10.26
CA PRO E 100 -24.48 53.45 9.01
C PRO E 100 -23.69 52.17 8.80
N LEU E 101 -22.40 52.17 9.12
CA LEU E 101 -21.53 51.04 8.82
C LEU E 101 -20.86 50.53 10.09
N ARG E 102 -20.63 49.21 10.13
CA ARG E 102 -20.01 48.60 11.31
C ARG E 102 -18.56 49.01 11.49
N ARG E 103 -17.77 48.97 10.42
CA ARG E 103 -16.30 49.20 10.55
C ARG E 103 -15.93 50.64 10.95
N TYR E 104 -16.73 51.63 10.56
CA TYR E 104 -16.38 53.02 10.78
C TYR E 104 -17.38 53.67 11.73
N PHE E 105 -16.91 54.66 12.47
CA PHE E 105 -17.70 55.29 13.53
C PHE E 105 -17.97 56.75 13.13
N TRP E 106 -19.06 56.95 12.39
CA TRP E 106 -19.59 58.28 12.14
C TRP E 106 -21.10 58.18 12.17
N PHE E 107 -21.74 59.34 12.32
CA PHE E 107 -23.18 59.42 12.54
C PHE E 107 -23.76 60.46 11.59
N ASP E 108 -24.46 59.99 10.57
CA ASP E 108 -25.02 60.86 9.54
C ASP E 108 -26.35 61.48 9.93
N VAL E 109 -27.27 60.70 10.50
CA VAL E 109 -28.62 61.16 10.83
C VAL E 109 -28.77 61.19 12.34
N TRP E 110 -29.16 62.35 12.87
CA TRP E 110 -29.35 62.55 14.29
C TRP E 110 -30.80 62.92 14.58
N GLY E 111 -31.18 62.78 15.85
CA GLY E 111 -32.44 63.30 16.32
C GLY E 111 -32.27 64.75 16.74
N PRO E 112 -33.37 65.42 17.08
CA PRO E 112 -33.27 66.79 17.59
C PRO E 112 -32.64 66.87 18.98
N GLY E 113 -32.62 65.77 19.73
CA GLY E 113 -32.12 65.79 21.08
C GLY E 113 -33.21 66.10 22.09
N VAL E 114 -33.00 65.61 23.31
CA VAL E 114 -33.89 65.89 24.43
C VAL E 114 -33.05 66.24 25.64
N LEU E 115 -33.41 67.31 26.34
CA LEU E 115 -32.68 67.73 27.52
C LEU E 115 -33.12 66.94 28.74
N VAL E 116 -32.16 66.39 29.48
CA VAL E 116 -32.42 65.73 30.74
C VAL E 116 -31.64 66.46 31.82
N THR E 117 -32.34 66.91 32.85
CA THR E 117 -31.74 67.58 33.99
C THR E 117 -31.74 66.62 35.17
N VAL E 118 -30.57 66.42 35.78
CA VAL E 118 -30.44 65.61 36.99
C VAL E 118 -30.35 66.56 38.17
N SER E 119 -31.39 66.58 39.00
CA SER E 119 -31.43 67.51 40.12
C SER E 119 -32.39 66.98 41.18
N SER E 120 -32.11 67.37 42.42
CA SER E 120 -32.97 67.08 43.56
C SER E 120 -34.23 67.94 43.56
N ALA E 121 -34.12 69.11 42.95
CA ALA E 121 -35.09 70.16 43.17
C ALA E 121 -36.46 69.70 42.70
N SER E 122 -37.49 70.11 43.43
CA SER E 122 -38.85 69.82 43.04
C SER E 122 -39.21 70.60 41.78
N THR E 123 -40.02 69.98 40.92
CA THR E 123 -40.54 70.71 39.78
C THR E 123 -41.50 71.80 40.26
N LYS E 124 -41.57 72.88 39.50
CA LYS E 124 -42.37 74.04 39.87
C LYS E 124 -43.05 74.58 38.64
N GLY E 125 -44.38 74.58 38.65
CA GLY E 125 -45.14 75.15 37.57
C GLY E 125 -44.98 76.65 37.52
N PRO E 126 -44.92 77.21 36.32
CA PRO E 126 -44.75 78.65 36.18
C PRO E 126 -46.06 79.39 36.45
N SER E 127 -45.93 80.70 36.62
CA SER E 127 -47.06 81.62 36.63
C SER E 127 -46.82 82.65 35.54
N VAL E 128 -47.79 82.83 34.66
CA VAL E 128 -47.63 83.69 33.49
C VAL E 128 -48.38 85.00 33.73
N PHE E 129 -47.71 86.11 33.46
CA PHE E 129 -48.21 87.45 33.65
C PHE E 129 -48.16 88.21 32.33
N PRO E 130 -49.12 89.10 32.10
CA PRO E 130 -49.15 89.82 30.82
C PRO E 130 -48.20 91.01 30.84
N LEU E 131 -47.35 91.10 29.82
CA LEU E 131 -46.50 92.27 29.62
C LEU E 131 -47.23 93.21 28.69
N ALA E 132 -47.81 94.25 29.27
CA ALA E 132 -48.52 95.26 28.47
C ALA E 132 -47.86 96.61 28.72
N PRO E 133 -48.00 97.63 27.82
CA PRO E 133 -47.47 98.97 28.10
C PRO E 133 -48.12 99.55 29.36
N SER E 134 -49.26 99.00 29.78
CA SER E 134 -49.93 99.46 31.03
C SER E 134 -50.27 100.95 30.96
N SER E 135 -50.68 101.44 29.80
CA SER E 135 -51.11 102.87 29.65
C SER E 135 -49.88 103.77 29.65
N ARG E 136 -48.68 103.18 29.56
CA ARG E 136 -47.45 104.01 29.41
C ARG E 136 -47.55 104.65 28.03
N SER E 137 -46.88 105.79 27.80
CA SER E 137 -47.08 106.41 26.47
C SER E 137 -46.16 105.68 25.50
N THR E 138 -46.41 104.39 25.32
CA THR E 138 -45.67 103.59 24.32
C THR E 138 -46.77 102.83 23.58
N SER E 139 -47.59 103.55 22.82
CA SER E 139 -48.71 102.92 22.07
C SER E 139 -48.65 103.50 20.67
N GLU E 140 -47.60 104.28 20.41
CA GLU E 140 -47.42 104.91 19.07
C GLU E 140 -46.93 103.87 18.08
N SER E 141 -47.30 104.02 16.80
CA SER E 141 -46.87 103.11 15.71
C SER E 141 -47.03 101.66 16.16
N THR E 142 -45.99 100.85 16.00
CA THR E 142 -46.04 99.44 16.48
C THR E 142 -46.05 99.42 18.01
N ALA E 143 -46.77 98.48 18.61
CA ALA E 143 -46.80 98.34 20.09
C ALA E 143 -46.20 97.00 20.49
N ALA E 144 -45.78 96.85 21.74
CA ALA E 144 -45.14 95.63 22.21
C ALA E 144 -45.97 95.02 23.33
N LEU E 145 -46.50 93.82 23.09
CA LEU E 145 -47.18 93.02 24.09
C LEU E 145 -46.34 91.78 24.37
N GLY E 146 -46.49 91.24 25.59
CA GLY E 146 -45.68 90.09 25.93
C GLY E 146 -46.30 89.26 27.03
N CYS E 147 -45.69 88.10 27.25
CA CYS E 147 -46.02 87.22 28.37
C CYS E 147 -44.74 86.95 29.15
N LEU E 148 -44.85 86.98 30.48
CA LEU E 148 -43.74 86.69 31.37
C LEU E 148 -44.00 85.35 32.05
N VAL E 149 -43.11 84.39 31.82
CA VAL E 149 -43.21 83.06 32.42
C VAL E 149 -42.17 82.99 33.54
N LYS E 150 -42.62 82.96 34.79
CA LYS E 150 -41.76 83.17 35.94
C LYS E 150 -41.73 81.97 36.88
N ASP E 151 -40.54 81.65 37.38
CA ASP E 151 -40.34 80.69 38.47
C ASP E 151 -40.82 79.29 38.10
N TYR E 152 -40.12 78.70 37.14
CA TYR E 152 -40.28 77.29 36.80
C TYR E 152 -38.92 76.62 36.82
N PHE E 153 -38.80 75.52 37.56
CA PHE E 153 -37.52 74.83 37.70
C PHE E 153 -37.17 73.89 36.54
N PRO E 154 -38.09 73.07 36.03
CA PRO E 154 -37.72 72.22 34.88
C PRO E 154 -37.67 73.05 33.61
N GLU E 155 -36.53 73.00 32.91
CA GLU E 155 -36.23 73.99 31.89
C GLU E 155 -37.20 74.02 30.71
N PRO E 156 -37.54 72.91 30.04
CA PRO E 156 -38.28 73.04 28.77
C PRO E 156 -39.62 73.76 28.91
N VAL E 157 -39.71 74.95 28.31
CA VAL E 157 -40.93 75.74 28.25
C VAL E 157 -41.10 76.25 26.82
N THR E 158 -42.28 76.03 26.25
CA THR E 158 -42.59 76.48 24.91
C THR E 158 -43.74 77.48 24.96
N VAL E 159 -43.61 78.57 24.19
CA VAL E 159 -44.64 79.59 24.10
C VAL E 159 -44.88 79.93 22.64
N SER E 160 -46.15 79.97 22.24
CA SER E 160 -46.57 80.43 20.93
C SER E 160 -47.62 81.52 21.11
N TRP E 161 -48.05 82.11 19.99
CA TRP E 161 -49.01 83.21 20.03
C TRP E 161 -50.19 82.89 19.14
N ASN E 162 -51.40 83.06 19.68
CA ASN E 162 -52.64 82.87 18.95
C ASN E 162 -52.69 81.49 18.28
N SER E 163 -52.25 80.47 19.03
CA SER E 163 -52.24 79.09 18.56
C SER E 163 -51.48 78.94 17.25
N GLY E 164 -50.41 79.71 17.09
CA GLY E 164 -49.61 79.68 15.89
C GLY E 164 -50.11 80.53 14.75
N ALA E 165 -51.26 81.19 14.90
CA ALA E 165 -51.74 82.08 13.85
C ALA E 165 -50.82 83.30 13.70
N LEU E 166 -50.35 83.85 14.80
CA LEU E 166 -49.49 85.02 14.79
C LEU E 166 -48.05 84.59 14.98
N THR E 167 -47.23 84.81 13.96
CA THR E 167 -45.83 84.40 13.97
C THR E 167 -44.87 85.55 13.67
N SER E 168 -45.24 86.44 12.74
CA SER E 168 -44.38 87.58 12.43
C SER E 168 -44.41 88.58 13.58
N GLY E 169 -43.22 88.94 14.07
CA GLY E 169 -43.09 89.91 15.13
C GLY E 169 -42.87 89.32 16.51
N VAL E 170 -42.93 88.01 16.67
CA VAL E 170 -42.73 87.38 17.97
C VAL E 170 -41.23 87.13 18.15
N HIS E 171 -40.77 87.28 19.38
CA HIS E 171 -39.40 86.94 19.75
C HIS E 171 -39.47 86.41 21.17
N THR E 172 -39.25 85.10 21.33
CA THR E 172 -39.21 84.48 22.64
C THR E 172 -37.76 84.44 23.11
N PHE E 173 -37.54 84.91 24.33
CA PHE E 173 -36.16 85.02 24.79
C PHE E 173 -35.75 83.78 25.58
N PRO E 174 -34.47 83.42 25.55
CA PRO E 174 -33.99 82.36 26.43
C PRO E 174 -34.16 82.74 27.90
N ALA E 175 -34.44 81.74 28.73
CA ALA E 175 -34.76 81.97 30.13
C ALA E 175 -33.51 82.30 30.94
N VAL E 176 -33.73 82.93 32.10
CA VAL E 176 -32.70 83.16 33.10
C VAL E 176 -32.68 81.99 34.07
N LEU E 177 -31.51 81.72 34.63
CA LEU E 177 -31.37 80.83 35.77
C LEU E 177 -31.14 81.71 37.00
N GLN E 178 -32.20 81.93 37.77
CA GLN E 178 -32.10 82.77 38.95
C GLN E 178 -31.30 82.08 40.05
N SER E 179 -30.81 82.88 41.00
CA SER E 179 -30.09 82.33 42.13
C SER E 179 -30.95 81.38 42.95
N SER E 180 -32.27 81.60 42.95
CA SER E 180 -33.18 80.70 43.65
C SER E 180 -33.15 79.29 43.08
N GLY E 181 -32.73 79.14 41.83
CA GLY E 181 -32.76 77.85 41.16
C GLY E 181 -33.91 77.66 40.19
N LEU E 182 -34.72 78.68 39.97
CA LEU E 182 -35.84 78.61 39.04
C LEU E 182 -35.49 79.31 37.73
N TYR E 183 -36.30 79.06 36.71
CA TYR E 183 -36.15 79.74 35.43
C TYR E 183 -37.29 80.75 35.25
N SER E 184 -36.98 81.82 34.54
CA SER E 184 -37.98 82.81 34.14
C SER E 184 -37.71 83.17 32.68
N LEU E 185 -38.78 83.28 31.90
CA LEU E 185 -38.68 83.47 30.46
C LEU E 185 -39.75 84.45 30.00
N SER E 186 -39.41 85.28 29.01
CA SER E 186 -40.32 86.28 28.48
C SER E 186 -40.45 86.11 26.97
N SER E 187 -41.65 86.37 26.46
CA SER E 187 -41.93 86.28 25.03
C SER E 187 -42.81 87.46 24.63
N VAL E 188 -42.35 88.25 23.67
CA VAL E 188 -43.07 89.44 23.23
C VAL E 188 -43.41 89.31 21.75
N VAL E 189 -44.44 90.04 21.35
CA VAL E 189 -44.82 90.20 19.95
C VAL E 189 -45.06 91.68 19.69
N THR E 190 -44.43 92.21 18.64
CA THR E 190 -44.62 93.60 18.25
C THR E 190 -45.79 93.69 17.29
N VAL E 191 -46.80 94.48 17.66
CA VAL E 191 -48.07 94.52 16.92
C VAL E 191 -48.40 95.97 16.57
N PRO E 192 -49.19 96.22 15.51
CA PRO E 192 -49.64 97.58 15.23
C PRO E 192 -50.64 98.06 16.27
N SER E 193 -50.60 99.37 16.54
CA SER E 193 -51.49 99.96 17.52
C SER E 193 -52.88 100.24 16.97
N SER E 194 -53.04 100.27 15.65
CA SER E 194 -54.35 100.51 15.04
C SER E 194 -55.31 99.39 15.38
N SER E 195 -54.86 98.14 15.27
CA SER E 195 -55.67 96.97 15.57
C SER E 195 -55.46 96.46 16.99
N LEU E 196 -54.65 97.16 17.79
CA LEU E 196 -54.34 96.67 19.13
C LEU E 196 -55.59 96.57 20.00
N GLY E 197 -56.47 97.57 19.92
CA GLY E 197 -57.66 97.56 20.75
C GLY E 197 -58.78 96.68 20.27
N THR E 198 -58.60 96.00 19.13
CA THR E 198 -59.67 95.18 18.55
C THR E 198 -59.19 93.80 18.12
N GLN E 199 -57.95 93.42 18.40
CA GLN E 199 -57.43 92.11 18.04
C GLN E 199 -57.02 91.34 19.30
N THR E 200 -57.09 90.01 19.20
CA THR E 200 -56.97 89.13 20.36
C THR E 200 -55.63 89.21 21.09
N TYR E 201 -54.54 88.75 20.45
CA TYR E 201 -53.19 88.80 21.01
C TYR E 201 -53.12 88.07 22.36
N ILE E 202 -53.30 86.76 22.30
CA ILE E 202 -53.14 85.89 23.47
C ILE E 202 -51.94 84.97 23.24
N CYS E 203 -51.30 84.57 24.34
CA CYS E 203 -50.13 83.71 24.29
C CYS E 203 -50.44 82.36 24.90
N ASN E 204 -49.80 81.32 24.37
CA ASN E 204 -50.01 79.95 24.82
C ASN E 204 -48.71 79.45 25.42
N VAL E 205 -48.67 79.29 26.74
CA VAL E 205 -47.50 78.83 27.47
C VAL E 205 -47.71 77.38 27.86
N ASN E 206 -46.70 76.55 27.62
CA ASN E 206 -46.80 75.13 27.93
C ASN E 206 -45.53 74.66 28.62
N HIS E 207 -45.70 73.96 29.74
CA HIS E 207 -44.59 73.45 30.55
C HIS E 207 -44.93 72.00 30.91
N LYS E 208 -44.47 71.07 30.07
CA LYS E 208 -44.81 69.65 30.27
C LYS E 208 -44.44 69.12 31.64
N PRO E 209 -43.23 69.32 32.18
CA PRO E 209 -42.86 68.64 33.43
C PRO E 209 -43.75 68.97 34.61
N SER E 210 -44.41 70.13 34.60
CA SER E 210 -45.31 70.52 35.68
C SER E 210 -46.77 70.45 35.27
N ASN E 211 -47.09 69.82 34.15
CA ASN E 211 -48.46 69.63 33.68
C ASN E 211 -49.21 70.94 33.52
N THR E 212 -48.49 72.04 33.32
CA THR E 212 -49.06 73.37 33.29
C THR E 212 -49.11 73.88 31.85
N LYS E 213 -50.32 74.15 31.37
CA LYS E 213 -50.53 74.75 30.05
C LYS E 213 -51.56 75.85 30.22
N VAL E 214 -51.14 77.10 30.00
CA VAL E 214 -51.99 78.26 30.25
C VAL E 214 -52.02 79.11 28.99
N ASP E 215 -53.22 79.50 28.58
CA ASP E 215 -53.44 80.40 27.44
C ASP E 215 -53.88 81.73 28.03
N LYS E 216 -52.92 82.64 28.21
CA LYS E 216 -53.18 83.93 28.83
C LYS E 216 -53.47 84.99 27.77
N ARG E 217 -54.50 85.80 28.02
CA ARG E 217 -54.83 86.91 27.14
C ARG E 217 -54.15 88.17 27.66
N VAL E 218 -53.45 88.86 26.76
CA VAL E 218 -52.73 90.09 27.10
C VAL E 218 -53.58 91.28 26.68
N GLU E 219 -53.85 92.17 27.62
CA GLU E 219 -54.77 93.28 27.43
C GLU E 219 -54.07 94.60 27.72
N ILE E 220 -54.86 95.68 27.76
CA ILE E 220 -54.37 97.00 28.14
C ILE E 220 -55.26 97.52 29.27
N LYS E 221 -54.77 98.55 29.95
CA LYS E 221 -55.54 99.15 31.04
C LYS E 221 -54.99 100.54 31.40
N GLN F 1 -1.37 62.32 25.94
CA GLN F 1 -1.51 62.19 24.50
C GLN F 1 -2.67 61.27 24.13
N SER F 2 -3.85 61.56 24.67
CA SER F 2 -5.07 60.81 24.33
C SER F 2 -6.24 61.77 24.20
N VAL F 3 -6.01 62.95 23.61
CA VAL F 3 -7.03 63.98 23.47
C VAL F 3 -7.03 64.51 22.04
N LEU F 4 -8.15 65.13 21.66
CA LEU F 4 -8.26 65.91 20.44
C LEU F 4 -8.29 67.38 20.81
N THR F 5 -7.34 68.16 20.29
CA THR F 5 -7.20 69.56 20.64
C THR F 5 -7.63 70.43 19.46
N GLN F 6 -8.54 71.36 19.73
CA GLN F 6 -8.98 72.36 18.79
C GLN F 6 -8.83 73.74 19.41
N PRO F 7 -8.60 74.77 18.59
CA PRO F 7 -8.67 76.13 19.10
C PRO F 7 -10.10 76.45 19.52
N PRO F 8 -10.29 77.22 20.60
CA PRO F 8 -11.65 77.57 21.03
C PRO F 8 -12.42 78.32 19.97
N SER F 9 -11.77 79.18 19.19
CA SER F 9 -12.45 79.95 18.16
C SER F 9 -11.44 80.39 17.11
N VAL F 10 -11.93 80.57 15.88
CA VAL F 10 -11.13 81.11 14.78
C VAL F 10 -11.97 82.18 14.09
N SER F 11 -11.30 83.24 13.65
CA SER F 11 -11.96 84.35 12.97
C SER F 11 -11.45 84.43 11.53
N GLY F 12 -12.30 84.96 10.65
CA GLY F 12 -11.94 85.12 9.26
C GLY F 12 -12.76 86.20 8.60
N ASP F 13 -12.18 86.83 7.58
CA ASP F 13 -12.87 87.87 6.84
C ASP F 13 -13.84 87.26 5.83
N PRO F 14 -14.97 87.92 5.56
CA PRO F 14 -15.95 87.36 4.63
C PRO F 14 -15.37 87.19 3.23
N GLY F 15 -15.73 86.08 2.60
CA GLY F 15 -15.23 85.76 1.28
C GLY F 15 -13.84 85.18 1.25
N GLN F 16 -13.19 85.01 2.40
CA GLN F 16 -11.85 84.46 2.49
C GLN F 16 -11.94 82.99 2.89
N ARG F 17 -10.77 82.39 3.17
CA ARG F 17 -10.69 81.01 3.62
C ARG F 17 -10.09 80.96 5.01
N VAL F 18 -10.49 79.93 5.77
CA VAL F 18 -10.04 79.75 7.15
C VAL F 18 -9.87 78.27 7.41
N THR F 19 -8.81 77.92 8.15
CA THR F 19 -8.50 76.54 8.49
C THR F 19 -8.71 76.32 9.99
N ILE F 20 -9.41 75.26 10.34
CA ILE F 20 -9.58 74.83 11.73
C ILE F 20 -8.71 73.60 11.94
N SER F 21 -7.86 73.63 12.96
CA SER F 21 -6.90 72.58 13.22
C SER F 21 -7.37 71.69 14.36
N CYS F 22 -7.35 70.37 14.13
CA CYS F 22 -7.64 69.38 15.16
C CYS F 22 -6.40 68.54 15.35
N THR F 23 -5.84 68.55 16.56
CA THR F 23 -4.59 67.88 16.86
C THR F 23 -4.82 66.74 17.84
N GLY F 24 -4.38 65.55 17.45
CA GLY F 24 -4.46 64.39 18.31
C GLY F 24 -3.10 63.80 18.60
N SER F 25 -3.03 62.47 18.72
CA SER F 25 -1.80 61.79 19.09
C SER F 25 -1.66 60.52 18.26
N SER F 26 -0.69 59.69 18.63
CA SER F 26 -0.48 58.41 17.97
C SER F 26 -1.53 57.38 18.33
N SER F 27 -2.38 57.66 19.32
CA SER F 27 -3.40 56.71 19.73
C SER F 27 -4.69 56.84 18.94
N ASN F 28 -5.00 58.03 18.42
CA ASN F 28 -6.21 58.22 17.63
C ASN F 28 -5.92 58.60 16.18
N ILE F 29 -5.21 59.69 15.94
CA ILE F 29 -5.02 60.20 14.59
C ILE F 29 -3.69 59.73 14.00
N GLY F 30 -2.64 59.65 14.81
CA GLY F 30 -1.36 59.18 14.33
C GLY F 30 -1.36 57.71 13.97
N ALA F 31 -2.29 56.93 14.53
CA ALA F 31 -2.44 55.53 14.18
C ALA F 31 -3.09 55.35 12.81
N GLY F 32 -3.64 56.41 12.22
CA GLY F 32 -4.29 56.34 10.94
C GLY F 32 -5.81 56.25 10.99
N TYR F 33 -6.41 56.33 12.17
CA TYR F 33 -7.86 56.28 12.24
C TYR F 33 -8.47 57.49 11.55
N TYR F 34 -9.63 57.25 10.96
CA TYR F 34 -10.37 58.26 10.20
C TYR F 34 -10.86 59.38 11.11
N VAL F 35 -10.92 60.59 10.55
CA VAL F 35 -11.36 61.78 11.28
C VAL F 35 -12.66 62.29 10.65
N TYR F 36 -13.56 62.77 11.49
CA TYR F 36 -14.85 63.24 11.02
C TYR F 36 -15.11 64.63 11.59
N TRP F 37 -15.70 65.49 10.76
CA TRP F 37 -16.02 66.86 11.15
C TRP F 37 -17.53 67.06 11.15
N TYR F 38 -18.04 67.67 12.20
CA TYR F 38 -19.47 67.95 12.34
C TYR F 38 -19.68 69.45 12.50
N GLN F 39 -20.77 69.94 11.92
CA GLN F 39 -21.19 71.32 12.06
C GLN F 39 -22.38 71.39 13.00
N GLN F 40 -22.37 72.37 13.90
CA GLN F 40 -23.44 72.52 14.88
C GLN F 40 -23.76 73.99 15.06
N PHE F 41 -24.98 74.38 14.74
CA PHE F 41 -25.52 75.67 15.14
C PHE F 41 -26.10 75.55 16.55
N PRO F 42 -26.10 76.63 17.33
CA PRO F 42 -26.58 76.54 18.71
C PRO F 42 -28.03 76.06 18.77
N GLY F 43 -28.29 75.16 19.72
CA GLY F 43 -29.63 74.62 19.88
C GLY F 43 -30.07 73.64 18.81
N THR F 44 -29.14 73.03 18.10
CA THR F 44 -29.48 72.12 17.01
C THR F 44 -28.51 70.93 17.04
N ALA F 45 -28.98 69.79 16.55
CA ALA F 45 -28.15 68.60 16.50
C ALA F 45 -26.95 68.82 15.58
N PRO F 46 -25.81 68.19 15.88
CA PRO F 46 -24.67 68.27 14.98
C PRO F 46 -24.98 67.64 13.63
N LYS F 47 -24.43 68.23 12.57
CA LYS F 47 -24.61 67.74 11.21
C LYS F 47 -23.26 67.29 10.67
N LEU F 48 -23.23 66.08 10.10
CA LEU F 48 -22.00 65.54 9.55
C LEU F 48 -21.50 66.41 8.40
N LEU F 49 -20.29 66.94 8.54
CA LEU F 49 -19.72 67.83 7.54
C LEU F 49 -18.86 67.09 6.53
N ILE F 50 -17.83 66.40 7.01
CA ILE F 50 -17.02 65.53 6.17
C ILE F 50 -16.69 64.27 6.97
N TYR F 51 -16.68 63.16 6.26
CA TYR F 51 -16.28 61.87 6.80
C TYR F 51 -15.10 61.39 5.96
N GLN F 52 -14.23 60.60 6.59
CA GLN F 52 -13.10 59.96 5.94
C GLN F 52 -11.96 60.94 5.69
N ASP F 53 -12.08 62.15 6.24
CA ASP F 53 -11.12 63.26 6.13
C ASP F 53 -11.14 63.95 4.77
N ASN F 54 -11.80 63.37 3.78
CA ASN F 54 -11.83 64.00 2.47
C ASN F 54 -13.17 63.92 1.78
N LYS F 55 -14.11 63.12 2.26
CA LYS F 55 -15.40 62.92 1.61
C LYS F 55 -16.45 63.82 2.24
N ARG F 56 -17.19 64.52 1.39
CA ARG F 56 -18.34 65.24 1.90
C ARG F 56 -19.62 64.50 1.51
N PRO F 57 -20.61 64.47 2.39
CA PRO F 57 -21.87 63.79 2.05
C PRO F 57 -22.66 64.57 1.02
N SER F 58 -23.61 63.87 0.41
CA SER F 58 -24.48 64.52 -0.57
C SER F 58 -25.32 65.59 0.10
N GLY F 59 -25.20 66.82 -0.38
CA GLY F 59 -25.88 67.97 0.18
C GLY F 59 -24.98 68.96 0.89
N VAL F 60 -23.76 68.56 1.22
CA VAL F 60 -22.78 69.47 1.83
C VAL F 60 -22.04 70.21 0.72
N SER F 61 -21.75 71.48 0.96
CA SER F 61 -21.24 72.37 -0.08
C SER F 61 -19.81 72.10 -0.53
N ASP F 62 -19.48 72.59 -1.72
CA ASP F 62 -18.10 72.40 -2.25
C ASP F 62 -17.07 73.13 -1.37
N ARG F 63 -17.51 74.20 -0.70
CA ARG F 63 -16.59 74.97 0.13
C ARG F 63 -15.94 74.27 1.31
N PHE F 64 -16.53 73.18 1.80
CA PHE F 64 -15.99 72.43 2.92
C PHE F 64 -15.02 71.36 2.42
N SER F 65 -13.86 71.26 3.07
CA SER F 65 -12.85 70.28 2.69
C SER F 65 -12.00 69.98 3.90
N GLY F 66 -11.30 68.84 3.86
CA GLY F 66 -10.50 68.41 4.98
C GLY F 66 -9.25 67.67 4.56
N SER F 67 -8.30 67.60 5.49
CA SER F 67 -7.05 66.88 5.30
C SER F 67 -6.62 66.27 6.63
N LYS F 68 -6.07 65.07 6.58
CA LYS F 68 -5.71 64.31 7.78
C LYS F 68 -4.24 64.37 8.11
N SER F 69 -3.40 64.75 7.15
CA SER F 69 -1.98 64.41 7.19
C SER F 69 -1.33 64.72 8.53
N GLY F 70 -0.46 63.82 8.96
CA GLY F 70 0.23 63.97 10.23
C GLY F 70 -0.63 63.53 11.40
N THR F 71 -0.21 63.97 12.59
CA THR F 71 -0.99 63.77 13.81
C THR F 71 -1.98 64.90 14.03
N SER F 72 -2.23 65.72 13.01
CA SER F 72 -3.17 66.83 13.12
C SER F 72 -4.03 66.89 11.87
N ALA F 73 -5.34 66.90 12.05
CA ALA F 73 -6.27 67.05 10.94
C ALA F 73 -6.60 68.53 10.74
N SER F 74 -7.37 68.81 9.68
CA SER F 74 -7.72 70.18 9.36
C SER F 74 -9.02 70.20 8.57
N LEU F 75 -9.85 71.21 8.84
CA LEU F 75 -11.06 71.47 8.09
C LEU F 75 -10.94 72.84 7.45
N THR F 76 -11.16 72.90 6.13
CA THR F 76 -10.98 74.13 5.37
C THR F 76 -12.33 74.62 4.85
N ILE F 77 -12.62 75.89 5.11
CA ILE F 77 -13.78 76.57 4.55
C ILE F 77 -13.25 77.67 3.63
N THR F 78 -13.80 77.72 2.41
CA THR F 78 -13.42 78.75 1.45
C THR F 78 -14.66 79.49 1.00
N GLY F 79 -14.49 80.76 0.63
CA GLY F 79 -15.63 81.61 0.33
C GLY F 79 -16.52 81.75 1.54
N LEU F 80 -15.90 82.04 2.68
CA LEU F 80 -16.60 82.07 3.96
C LEU F 80 -17.74 83.07 3.94
N GLN F 81 -18.84 82.71 4.58
CA GLN F 81 -20.07 83.49 4.63
C GLN F 81 -20.53 83.62 6.07
N PRO F 82 -21.34 84.64 6.38
CA PRO F 82 -21.88 84.75 7.74
C PRO F 82 -22.69 83.54 8.18
N GLY F 83 -23.35 82.85 7.25
CA GLY F 83 -24.10 81.66 7.59
C GLY F 83 -23.24 80.50 8.07
N ASP F 84 -21.91 80.58 7.89
CA ASP F 84 -21.01 79.56 8.37
C ASP F 84 -20.68 79.69 9.85
N GLU F 85 -21.10 80.78 10.49
CA GLU F 85 -20.88 80.94 11.93
C GLU F 85 -21.54 79.81 12.69
N ALA F 86 -20.74 78.93 13.27
CA ALA F 86 -21.25 77.71 13.88
C ALA F 86 -20.23 77.21 14.89
N ASP F 87 -20.53 76.05 15.47
CA ASP F 87 -19.59 75.28 16.26
C ASP F 87 -19.14 74.08 15.44
N TYR F 88 -17.83 73.88 15.34
CA TYR F 88 -17.28 72.80 14.53
C TYR F 88 -16.49 71.85 15.43
N TYR F 89 -16.83 70.57 15.36
CA TYR F 89 -16.22 69.53 16.17
C TYR F 89 -15.53 68.52 15.26
N CYS F 90 -14.30 68.15 15.60
CA CYS F 90 -13.61 67.04 14.97
C CYS F 90 -13.82 65.78 15.80
N SER F 91 -13.91 64.64 15.12
CA SER F 91 -14.14 63.36 15.77
C SER F 91 -13.18 62.32 15.24
N ALA F 92 -12.71 61.44 16.13
CA ALA F 92 -11.80 60.38 15.75
C ALA F 92 -11.86 59.28 16.82
N TRP F 93 -11.46 58.08 16.42
CA TRP F 93 -11.44 56.94 17.32
C TRP F 93 -10.05 56.79 17.95
N ASP F 94 -10.04 56.55 19.26
CA ASP F 94 -8.79 56.42 20.02
C ASP F 94 -8.61 54.97 20.46
N SER F 95 -7.45 54.39 20.13
CA SER F 95 -7.20 52.99 20.47
C SER F 95 -7.00 52.81 21.96
N SER F 96 -6.36 53.78 22.62
CA SER F 96 -6.16 53.66 24.06
C SER F 96 -7.47 53.77 24.83
N LEU F 97 -8.36 54.67 24.39
CA LEU F 97 -9.66 54.82 25.04
C LEU F 97 -10.68 53.81 24.55
N SER F 98 -10.46 53.22 23.37
CA SER F 98 -11.40 52.26 22.79
C SER F 98 -12.80 52.85 22.64
N ALA F 99 -12.86 54.12 22.23
CA ALA F 99 -14.13 54.80 22.08
C ALA F 99 -13.99 55.94 21.09
N VAL F 100 -15.12 56.44 20.61
CA VAL F 100 -15.14 57.58 19.71
C VAL F 100 -14.92 58.85 20.53
N MET F 101 -13.96 59.65 20.10
CA MET F 101 -13.61 60.88 20.79
C MET F 101 -14.09 62.08 19.99
N PHE F 102 -14.59 63.09 20.69
CA PHE F 102 -15.03 64.34 20.10
C PHE F 102 -14.12 65.46 20.58
N GLY F 103 -13.86 66.42 19.70
CA GLY F 103 -13.05 67.56 20.08
C GLY F 103 -13.81 68.52 20.97
N ARG F 104 -13.09 69.54 21.44
CA ARG F 104 -13.72 70.55 22.29
C ARG F 104 -14.64 71.46 21.50
N GLY F 105 -14.38 71.62 20.21
CA GLY F 105 -15.17 72.50 19.36
C GLY F 105 -14.48 73.82 19.11
N THR F 106 -14.86 74.44 17.99
CA THR F 106 -14.33 75.74 17.59
C THR F 106 -15.54 76.51 17.12
N ARG F 107 -15.68 77.75 17.60
CA ARG F 107 -16.76 78.63 17.17
C ARG F 107 -16.18 79.52 16.08
N LEU F 108 -16.79 79.48 14.89
CA LEU F 108 -16.33 80.26 13.75
C LEU F 108 -17.05 81.60 13.74
N THR F 109 -16.29 82.69 13.71
CA THR F 109 -16.83 84.04 13.66
C THR F 109 -16.35 84.71 12.38
N VAL F 110 -17.29 85.31 11.65
CA VAL F 110 -16.96 86.06 10.44
C VAL F 110 -16.76 87.52 10.82
N LEU F 111 -15.63 88.09 10.41
CA LEU F 111 -15.28 89.43 10.81
C LEU F 111 -15.96 90.46 9.91
N GLY F 112 -15.96 91.71 10.38
CA GLY F 112 -16.46 92.82 9.59
C GLY F 112 -17.95 92.78 9.29
N GLN F 113 -18.75 92.21 10.20
CA GLN F 113 -20.18 92.27 9.96
C GLN F 113 -20.77 93.57 10.53
N PRO F 114 -21.87 94.05 9.96
CA PRO F 114 -22.39 95.36 10.38
C PRO F 114 -22.82 95.37 11.84
N LYS F 115 -22.35 96.37 12.58
CA LYS F 115 -22.76 96.54 13.95
C LYS F 115 -24.21 96.99 14.02
N ALA F 116 -24.82 96.81 15.19
CA ALA F 116 -26.21 97.21 15.39
C ALA F 116 -26.41 97.63 16.82
N ALA F 117 -26.95 98.83 17.02
CA ALA F 117 -27.30 99.27 18.36
C ALA F 117 -28.48 98.44 18.89
N PRO F 118 -28.52 98.20 20.19
CA PRO F 118 -29.59 97.37 20.75
C PRO F 118 -30.91 98.13 20.86
N SER F 119 -32.00 97.39 20.66
CA SER F 119 -33.35 97.89 20.91
C SER F 119 -33.79 97.41 22.29
N VAL F 120 -34.32 98.32 23.09
CA VAL F 120 -34.59 98.08 24.50
C VAL F 120 -36.07 98.31 24.77
N THR F 121 -36.71 97.34 25.42
CA THR F 121 -38.10 97.42 25.83
C THR F 121 -38.20 97.05 27.30
N LEU F 122 -38.80 97.93 28.10
CA LEU F 122 -38.93 97.74 29.53
C LEU F 122 -40.41 97.65 29.88
N PHE F 123 -40.78 96.62 30.66
CA PHE F 123 -42.16 96.40 31.04
C PHE F 123 -42.35 96.60 32.54
N PRO F 124 -43.41 97.29 32.95
CA PRO F 124 -43.72 97.39 34.37
C PRO F 124 -44.34 96.09 34.88
N PRO F 125 -44.34 95.86 36.19
CA PRO F 125 -45.04 94.68 36.72
C PRO F 125 -46.53 94.77 36.41
N SER F 126 -47.12 93.61 36.16
CA SER F 126 -48.55 93.55 35.90
C SER F 126 -49.33 93.73 37.20
N SER F 127 -50.61 94.10 37.05
CA SER F 127 -51.48 94.17 38.21
C SER F 127 -51.70 92.79 38.83
N GLU F 128 -51.73 91.75 37.99
CA GLU F 128 -51.90 90.38 38.50
C GLU F 128 -50.76 90.00 39.41
N GLU F 129 -49.52 90.22 38.97
CA GLU F 129 -48.38 89.96 39.84
C GLU F 129 -48.38 90.91 41.05
N LEU F 130 -48.80 92.16 40.84
CA LEU F 130 -48.88 93.11 41.95
C LEU F 130 -49.85 92.62 43.02
N GLN F 131 -51.02 92.11 42.60
CA GLN F 131 -52.00 91.59 43.54
C GLN F 131 -51.51 90.35 44.29
N ALA F 132 -50.44 89.71 43.80
CA ALA F 132 -49.77 88.65 44.53
C ALA F 132 -48.60 89.15 45.36
N ASN F 133 -48.58 90.45 45.68
CA ASN F 133 -47.57 91.07 46.53
C ASN F 133 -46.16 90.95 45.94
N LYS F 134 -46.06 90.89 44.61
CA LYS F 134 -44.78 90.79 43.92
C LYS F 134 -44.74 91.79 42.78
N ALA F 135 -43.52 92.10 42.32
CA ALA F 135 -43.34 93.05 41.23
C ALA F 135 -42.05 92.70 40.50
N THR F 136 -42.18 92.24 39.26
CA THR F 136 -41.04 91.92 38.40
C THR F 136 -41.02 92.86 37.22
N LEU F 137 -39.89 93.53 37.01
CA LEU F 137 -39.66 94.36 35.83
C LEU F 137 -38.87 93.56 34.81
N VAL F 138 -39.27 93.66 33.54
CA VAL F 138 -38.67 92.89 32.46
C VAL F 138 -38.03 93.86 31.47
N CYS F 139 -36.72 93.72 31.26
CA CYS F 139 -35.98 94.49 30.30
C CYS F 139 -35.52 93.56 29.19
N LEU F 140 -35.87 93.88 27.95
CA LEU F 140 -35.58 93.02 26.81
C LEU F 140 -34.73 93.76 25.80
N ILE F 141 -33.60 93.14 25.45
CA ILE F 141 -32.61 93.74 24.57
C ILE F 141 -32.45 92.85 23.34
N SER F 142 -32.55 93.44 22.16
CA SER F 142 -32.55 92.66 20.92
C SER F 142 -31.86 93.44 19.81
N ASP F 143 -31.35 92.68 18.83
CA ASP F 143 -30.77 93.20 17.60
C ASP F 143 -29.55 94.10 17.86
N PHE F 144 -28.56 93.51 18.54
CA PHE F 144 -27.24 94.14 18.67
C PHE F 144 -26.22 93.14 18.13
N TYR F 145 -25.58 93.47 17.01
CA TYR F 145 -24.65 92.51 16.43
C TYR F 145 -23.41 92.28 17.31
N PRO F 146 -22.70 93.33 17.80
CA PRO F 146 -21.61 93.04 18.72
C PRO F 146 -22.18 92.38 19.97
N GLY F 147 -21.87 91.09 20.12
CA GLY F 147 -22.60 90.26 21.06
C GLY F 147 -22.19 90.40 22.51
N ALA F 148 -22.33 91.61 23.05
CA ALA F 148 -21.96 91.88 24.44
C ALA F 148 -22.67 93.13 24.90
N VAL F 149 -23.44 93.02 25.99
CA VAL F 149 -24.11 94.17 26.58
C VAL F 149 -23.91 94.13 28.09
N GLU F 150 -24.04 95.30 28.70
CA GLU F 150 -24.06 95.45 30.15
C GLU F 150 -25.37 96.12 30.53
N VAL F 151 -26.06 95.54 31.52
CA VAL F 151 -27.39 95.99 31.91
C VAL F 151 -27.32 96.51 33.34
N ALA F 152 -27.84 97.71 33.56
CA ALA F 152 -27.86 98.35 34.87
C ALA F 152 -29.26 98.81 35.19
N TRP F 153 -29.67 98.67 36.44
CA TRP F 153 -30.99 99.05 36.89
C TRP F 153 -30.91 100.25 37.84
N LYS F 154 -31.79 101.22 37.63
CA LYS F 154 -31.83 102.42 38.45
C LYS F 154 -33.24 102.61 39.00
N ALA F 155 -33.32 102.99 40.28
CA ALA F 155 -34.56 103.35 40.93
C ALA F 155 -34.44 104.79 41.39
N ASP F 156 -35.13 105.70 40.70
CA ASP F 156 -35.00 107.14 40.94
C ASP F 156 -33.55 107.59 40.80
N GLY F 157 -32.87 107.07 39.77
CA GLY F 157 -31.49 107.42 39.53
C GLY F 157 -30.51 106.93 40.57
N SER F 158 -30.66 105.69 41.03
CA SER F 158 -29.71 105.07 41.95
C SER F 158 -29.52 103.61 41.55
N ALA F 159 -28.27 103.17 41.54
CA ALA F 159 -27.96 101.80 41.14
C ALA F 159 -28.66 100.80 42.03
N VAL F 160 -29.23 99.76 41.42
CA VAL F 160 -29.94 98.71 42.12
C VAL F 160 -29.22 97.43 41.72
N ASN F 161 -28.84 96.63 42.71
CA ASN F 161 -28.19 95.35 42.48
C ASN F 161 -29.01 94.10 42.88
N ALA F 162 -30.13 94.35 43.57
CA ALA F 162 -31.03 93.27 43.96
C ALA F 162 -31.62 92.80 42.64
N GLY F 163 -31.81 91.49 42.54
CA GLY F 163 -32.38 90.90 41.34
C GLY F 163 -31.50 91.03 40.11
N VAL F 164 -31.94 91.87 39.16
CA VAL F 164 -31.26 92.11 37.89
C VAL F 164 -31.33 90.84 37.03
N GLU F 165 -30.69 89.76 37.49
CA GLU F 165 -30.82 88.43 36.89
C GLU F 165 -30.74 88.50 35.37
N THR F 166 -29.58 88.92 34.87
CA THR F 166 -29.40 89.16 33.45
C THR F 166 -28.90 87.91 32.75
N THR F 167 -29.45 87.65 31.56
CA THR F 167 -29.00 86.55 30.71
C THR F 167 -27.62 86.83 30.12
N LYS F 168 -27.02 85.78 29.57
CA LYS F 168 -25.93 85.93 28.64
C LYS F 168 -26.49 86.10 27.22
N PRO F 169 -25.82 86.89 26.38
CA PRO F 169 -26.34 87.10 25.02
C PRO F 169 -26.43 85.80 24.23
N SER F 170 -27.44 85.72 23.37
CA SER F 170 -27.68 84.53 22.54
C SER F 170 -27.98 84.95 21.11
N LYS F 171 -27.42 84.22 20.15
CA LYS F 171 -27.66 84.50 18.73
C LYS F 171 -29.15 84.42 18.43
N GLN F 172 -29.65 85.38 17.66
CA GLN F 172 -30.95 85.24 17.03
C GLN F 172 -30.74 84.65 15.63
N SER F 173 -31.82 84.60 14.85
CA SER F 173 -31.72 84.11 13.49
C SER F 173 -31.04 85.12 12.55
N ASN F 174 -30.86 86.36 12.99
CA ASN F 174 -30.27 87.42 12.17
C ASN F 174 -28.77 87.53 12.34
N ASN F 175 -28.14 86.61 13.09
CA ASN F 175 -26.74 86.65 13.51
C ASN F 175 -26.48 87.77 14.51
N LYS F 176 -27.49 88.56 14.86
CA LYS F 176 -27.41 89.51 15.95
C LYS F 176 -27.75 88.80 17.26
N TYR F 177 -27.47 89.46 18.38
CA TYR F 177 -27.66 88.84 19.69
C TYR F 177 -28.83 89.47 20.43
N ALA F 178 -29.36 88.72 21.39
CA ALA F 178 -30.44 89.17 22.24
C ALA F 178 -30.16 88.79 23.69
N ALA F 179 -30.71 89.56 24.61
CA ALA F 179 -30.55 89.29 26.04
C ALA F 179 -31.71 89.92 26.80
N SER F 180 -31.90 89.46 28.03
CA SER F 180 -32.99 89.93 28.88
C SER F 180 -32.49 90.13 30.31
N SER F 181 -33.13 91.03 31.04
CA SER F 181 -32.82 91.29 32.43
C SER F 181 -34.11 91.44 33.24
N TYR F 182 -34.10 90.92 34.46
CA TYR F 182 -35.30 90.85 35.29
C TYR F 182 -35.03 91.44 36.67
N LEU F 183 -35.75 92.51 37.02
CA LEU F 183 -35.65 93.13 38.34
C LEU F 183 -36.79 92.61 39.19
N SER F 184 -36.47 91.71 40.12
CA SER F 184 -37.47 91.08 40.97
C SER F 184 -37.60 91.87 42.27
N LEU F 185 -38.77 92.45 42.51
CA LEU F 185 -39.02 93.23 43.71
C LEU F 185 -40.31 92.79 44.39
N THR F 186 -40.73 93.52 45.42
CA THR F 186 -42.05 93.38 46.01
C THR F 186 -42.94 94.52 45.56
N SER F 187 -44.23 94.40 45.88
CA SER F 187 -45.17 95.47 45.56
C SER F 187 -44.85 96.75 46.34
N ASP F 188 -44.39 96.60 47.58
CA ASP F 188 -44.03 97.77 48.38
C ASP F 188 -42.88 98.54 47.75
N GLN F 189 -41.86 97.82 47.25
CA GLN F 189 -40.72 98.49 46.63
C GLN F 189 -41.13 99.19 45.33
N TRP F 190 -42.04 98.58 44.57
CA TRP F 190 -42.46 99.18 43.30
C TRP F 190 -43.10 100.54 43.50
N LYS F 191 -43.96 100.67 44.51
CA LYS F 191 -44.59 101.97 44.78
C LYS F 191 -43.62 102.94 45.43
N SER F 192 -42.80 102.45 46.37
CA SER F 192 -41.97 103.34 47.19
C SER F 192 -41.14 104.30 46.34
N HIS F 193 -40.62 103.83 45.21
CA HIS F 193 -39.82 104.67 44.33
C HIS F 193 -40.70 105.33 43.27
N LYS F 194 -40.24 106.49 42.79
CA LYS F 194 -40.98 107.25 41.79
C LYS F 194 -40.86 106.66 40.39
N SER F 195 -39.72 106.04 40.07
CA SER F 195 -39.52 105.49 38.74
C SER F 195 -38.36 104.50 38.76
N TYR F 196 -38.43 103.52 37.87
CA TYR F 196 -37.36 102.55 37.65
C TYR F 196 -36.91 102.64 36.19
N SER F 197 -35.62 102.39 35.97
CA SER F 197 -35.06 102.49 34.63
C SER F 197 -34.12 101.32 34.36
N CYS F 198 -34.03 100.95 33.08
CA CYS F 198 -33.12 99.92 32.60
C CYS F 198 -32.08 100.57 31.70
N GLN F 199 -30.80 100.37 32.02
CA GLN F 199 -29.70 100.95 31.27
C GLN F 199 -28.95 99.84 30.54
N VAL F 200 -28.81 99.99 29.22
CA VAL F 200 -28.15 99.00 28.38
C VAL F 200 -26.97 99.67 27.69
N THR F 201 -25.77 99.20 27.97
CA THR F 201 -24.55 99.74 27.40
C THR F 201 -24.03 98.81 26.31
N HIS F 202 -23.79 99.36 25.12
CA HIS F 202 -23.37 98.55 23.98
C HIS F 202 -22.39 99.36 23.15
N GLU F 203 -21.12 98.93 23.13
CA GLU F 203 -20.06 99.57 22.35
C GLU F 203 -19.89 101.04 22.74
N GLY F 204 -19.63 101.24 24.04
CA GLY F 204 -19.36 102.58 24.55
C GLY F 204 -20.60 103.39 24.87
N SER F 205 -21.61 103.30 24.01
CA SER F 205 -22.84 104.06 24.18
C SER F 205 -23.85 103.26 24.99
N THR F 206 -24.68 103.98 25.75
CA THR F 206 -25.69 103.36 26.59
C THR F 206 -27.07 103.94 26.27
N VAL F 207 -28.08 103.09 26.31
CA VAL F 207 -29.47 103.47 26.06
C VAL F 207 -30.29 103.15 27.30
N GLU F 208 -31.15 104.08 27.69
CA GLU F 208 -31.94 103.96 28.91
C GLU F 208 -33.43 104.04 28.59
N LYS F 209 -34.21 103.22 29.29
CA LYS F 209 -35.67 103.30 29.27
C LYS F 209 -36.17 103.37 30.70
N THR F 210 -37.14 104.24 30.95
CA THR F 210 -37.64 104.52 32.29
C THR F 210 -39.13 104.23 32.37
N VAL F 211 -39.54 103.55 33.44
CA VAL F 211 -40.94 103.25 33.71
C VAL F 211 -41.30 103.80 35.08
N ALA F 212 -42.58 104.12 35.27
CA ALA F 212 -43.06 104.71 36.51
C ALA F 212 -44.34 104.01 36.97
N PRO F 213 -44.56 103.95 38.29
CA PRO F 213 -45.81 103.40 38.82
C PRO F 213 -46.96 104.40 38.75
N ALA F 214 -47.32 104.77 37.52
CA ALA F 214 -48.38 105.73 37.29
C ALA F 214 -49.26 105.25 36.14
N GLU F 215 -50.58 105.45 36.29
CA GLU F 215 -51.57 105.09 35.28
C GLU F 215 -51.38 103.67 34.72
#